data_4UQ6
#
_entry.id   4UQ6
#
_cell.length_a   1.000
_cell.length_b   1.000
_cell.length_c   1.000
_cell.angle_alpha   90.00
_cell.angle_beta   90.00
_cell.angle_gamma   90.00
#
_symmetry.space_group_name_H-M   'P 1'
#
loop_
_entity.id
_entity.type
_entity.pdbx_description
1 polymer 'GLUTAMATE RECEPTOR 2'
2 non-polymer 'GLUTAMIC ACID'
#
_entity_poly.entity_id   1
_entity_poly.type   'polypeptide(L)'
_entity_poly.pdbx_seq_one_letter_code
;VSSNSIQIGGLFPRGADQEYSAFRVGMVQFSTSEFRLTPHIDNLEVANSFAVTNAFCSQFSRGVYAIFGFYDKKSVNTIT
SFCGTLHVSFITPSFPTDGTHPFVIQMRPDLKGALLSLIEYYQWDKFAYLYDSDRGLSTLQAVLDSAAEKKWQVTAINVG
NINNDKKDETYRSLFQDLELKKERRVILDCERDKVNDIVDQVITIGKHVKGYHYIIANLGFTDGDLLKIQFGGAEVSGFQ
IVDYDDSLVSKFIERWSTLEEKEYPGAHTATIKYTSALTYDAVQVMTEAFRNLRKQRIEISRRGNAGDCLANPAVPWGQG
VEIERALKQVQVEGLSGNIKFDQNGKRINYTINIMELKTNGPRKIGYWSEVDKMVLTEDELPSGNDTSGLENKTVVVTTI
LESPYVMMKKNHEMLEGNERYEGYCVDLAAEIAKHCGFKYKLTIVGDGKYGARDADTKIWNGMVGELVYGKADIAIAPLT
ITLVREEVIDFSKPFMSLGISIMIKKPQKSKPGVFSFLDPLAYEIWMCIVFAYIGVSVVLFLVSRFSPYEWHTEEFEDGR
ETQSSESTNEFGIFNSLWFSLGAFMQQGCDISPRSLSGRIVGGVWWFFTLIIISSYTANLAAFLTVERMVSPIESAEDLS
KQTEIAYGTLDSGSTKEFFRRSKIAVFDKMWTYMRSAEPSVFVRTTAEGVARVRKSKGKYAYLLESTMNEYIEQRKPCDT
MKVGGNLDSKGYGIATPKGSSLGNPVNLAVLKLNEQGLLDKLKNKWWYDKGECGAKDSGSKEKTSALSLSNVAGVFYILV
GGLGLAMLVALIEFCYKSRAEAKRMK
;
_entity_poly.pdbx_strand_id   A,B,C,D
#
# COMPACT_ATOMS: atom_id res chain seq x y z
N ASN A 4 12.90 -65.29 -45.45
CA ASN A 4 12.46 -64.40 -44.38
C ASN A 4 11.71 -63.19 -44.94
N SER A 5 10.39 -63.23 -44.88
CA SER A 5 9.57 -62.14 -45.39
C SER A 5 8.87 -61.39 -44.26
N ILE A 6 9.31 -60.15 -44.01
CA ILE A 6 8.73 -59.32 -42.97
C ILE A 6 7.79 -58.27 -43.55
N GLN A 7 6.50 -58.48 -43.35
CA GLN A 7 5.48 -57.57 -43.88
C GLN A 7 5.31 -56.35 -42.98
N ILE A 8 5.37 -55.16 -43.58
CA ILE A 8 5.18 -53.91 -42.84
C ILE A 8 4.17 -53.01 -43.55
N GLY A 9 3.60 -52.08 -42.81
CA GLY A 9 2.62 -51.16 -43.35
C GLY A 9 3.23 -49.82 -43.72
N GLY A 10 2.65 -49.17 -44.74
CA GLY A 10 3.14 -47.88 -45.18
C GLY A 10 2.01 -46.90 -45.44
N LEU A 11 1.87 -45.93 -44.53
CA LEU A 11 0.82 -44.91 -44.66
C LEU A 11 1.38 -43.60 -45.19
N PHE A 12 1.29 -43.43 -46.51
CA PHE A 12 1.80 -42.22 -47.15
C PHE A 12 0.68 -41.29 -47.59
N PRO A 13 0.67 -40.06 -47.06
CA PRO A 13 -0.32 -39.05 -47.45
C PRO A 13 -0.20 -38.69 -48.93
N ARG A 14 -1.33 -38.59 -49.61
CA ARG A 14 -1.34 -38.24 -51.03
C ARG A 14 -0.55 -36.95 -51.27
N GLY A 15 0.52 -37.06 -52.04
CA GLY A 15 1.36 -35.92 -52.34
C GLY A 15 2.79 -36.11 -51.84
N ALA A 16 3.00 -37.14 -51.03
CA ALA A 16 4.31 -37.44 -50.50
C ALA A 16 5.15 -38.20 -51.53
N ASP A 17 5.41 -37.54 -52.67
CA ASP A 17 6.16 -38.15 -53.75
C ASP A 17 7.62 -38.39 -53.37
N GLN A 18 8.32 -37.32 -53.01
CA GLN A 18 9.74 -37.43 -52.65
C GLN A 18 9.93 -38.32 -51.42
N GLU A 19 8.97 -38.27 -50.50
CA GLU A 19 9.02 -39.09 -49.30
C GLU A 19 8.96 -40.57 -49.66
N TYR A 20 8.07 -40.93 -50.57
CA TYR A 20 7.93 -42.32 -51.01
C TYR A 20 9.12 -42.72 -51.86
N SER A 21 9.60 -41.81 -52.69
CA SER A 21 10.77 -42.06 -53.52
C SER A 21 11.97 -42.39 -52.64
N ALA A 22 12.12 -41.62 -51.56
CA ALA A 22 13.18 -41.88 -50.59
C ALA A 22 12.93 -43.19 -49.85
N PHE A 23 11.66 -43.52 -49.68
CA PHE A 23 11.26 -44.76 -49.02
C PHE A 23 11.67 -45.96 -49.89
N ARG A 24 11.55 -45.79 -51.20
CA ARG A 24 11.92 -46.85 -52.13
C ARG A 24 13.43 -47.04 -52.17
N VAL A 25 14.16 -45.93 -52.30
CA VAL A 25 15.61 -45.99 -52.34
C VAL A 25 16.18 -46.67 -51.10
N GLY A 26 15.53 -46.42 -49.96
CA GLY A 26 15.94 -47.06 -48.72
C GLY A 26 15.75 -48.56 -48.75
N MET A 27 14.65 -49.00 -49.36
CA MET A 27 14.36 -50.42 -49.49
C MET A 27 15.46 -51.11 -50.30
N VAL A 28 16.02 -50.38 -51.26
CA VAL A 28 17.06 -50.93 -52.13
C VAL A 28 18.43 -50.90 -51.46
N GLN A 29 18.76 -49.80 -50.81
CA GLN A 29 20.07 -49.63 -50.18
C GLN A 29 20.25 -50.51 -48.96
N PHE A 30 19.14 -50.86 -48.30
CA PHE A 30 19.20 -51.66 -47.09
C PHE A 30 18.55 -53.03 -47.26
N SER A 31 18.61 -53.55 -48.49
CA SER A 31 18.07 -54.88 -48.77
C SER A 31 19.15 -55.95 -48.61
N THR A 32 18.85 -56.96 -47.80
CA THR A 32 19.81 -58.03 -47.55
C THR A 32 19.21 -59.40 -47.85
N SER A 33 20.06 -60.41 -47.94
CA SER A 33 19.62 -61.77 -48.23
C SER A 33 19.04 -62.44 -46.99
N GLU A 34 19.46 -61.97 -45.82
CA GLU A 34 18.99 -62.52 -44.55
C GLU A 34 17.47 -62.39 -44.42
N PHE A 35 16.94 -61.28 -44.88
CA PHE A 35 15.50 -61.02 -44.84
C PHE A 35 15.11 -59.85 -45.72
N ARG A 36 13.88 -59.89 -46.24
CA ARG A 36 13.38 -58.83 -47.11
C ARG A 36 12.11 -58.21 -46.52
N LEU A 37 12.00 -56.89 -46.65
CA LEU A 37 10.84 -56.17 -46.14
C LEU A 37 9.77 -56.02 -47.22
N THR A 38 8.53 -56.35 -46.87
CA THR A 38 7.42 -56.28 -47.81
C THR A 38 6.45 -55.15 -47.44
N PRO A 39 6.65 -53.97 -48.05
CA PRO A 39 5.84 -52.78 -47.78
C PRO A 39 4.46 -52.86 -48.43
N HIS A 40 3.41 -52.67 -47.61
CA HIS A 40 2.05 -52.59 -48.13
C HIS A 40 1.59 -51.13 -48.08
N ILE A 41 1.70 -50.45 -49.21
CA ILE A 41 1.45 -49.01 -49.27
C ILE A 41 -0.04 -48.66 -49.33
N ASP A 42 -0.42 -47.67 -48.51
CA ASP A 42 -1.80 -47.18 -48.50
C ASP A 42 -1.83 -45.66 -48.56
N ASN A 43 -2.22 -45.11 -49.71
CA ASN A 43 -2.28 -43.68 -49.89
C ASN A 43 -3.64 -43.10 -49.47
N LEU A 44 -3.69 -42.51 -48.28
CA LEU A 44 -4.92 -41.93 -47.77
C LEU A 44 -4.70 -40.50 -47.29
N GLU A 45 -5.79 -39.75 -47.17
CA GLU A 45 -5.75 -38.39 -46.63
C GLU A 45 -5.38 -38.44 -45.16
N VAL A 46 -4.11 -38.17 -44.85
CA VAL A 46 -3.59 -38.28 -43.49
C VAL A 46 -4.42 -37.48 -42.49
N ALA A 47 -5.01 -36.38 -42.94
CA ALA A 47 -5.78 -35.51 -42.07
C ALA A 47 -7.04 -36.21 -41.55
N ASN A 48 -7.73 -36.92 -42.43
CA ASN A 48 -8.96 -37.61 -42.07
C ASN A 48 -8.70 -38.72 -41.04
N SER A 49 -9.23 -38.52 -39.83
CA SER A 49 -9.03 -39.46 -38.74
C SER A 49 -9.68 -40.81 -39.04
N PHE A 50 -10.86 -40.79 -39.64
CA PHE A 50 -11.58 -42.01 -39.98
C PHE A 50 -10.76 -42.88 -40.92
N ALA A 51 -10.32 -42.29 -42.02
CA ALA A 51 -9.53 -43.01 -43.03
C ALA A 51 -8.30 -43.63 -42.41
N VAL A 52 -7.62 -42.87 -41.56
CA VAL A 52 -6.41 -43.35 -40.89
C VAL A 52 -6.72 -44.57 -40.02
N THR A 53 -7.91 -44.59 -39.42
CA THR A 53 -8.32 -45.71 -38.60
C THR A 53 -8.47 -46.98 -39.43
N ASN A 54 -9.08 -46.85 -40.61
CA ASN A 54 -9.24 -47.97 -41.52
C ASN A 54 -7.90 -48.48 -42.04
N ALA A 55 -7.05 -47.56 -42.48
CA ALA A 55 -5.74 -47.92 -43.01
C ALA A 55 -4.90 -48.65 -41.97
N PHE A 56 -5.14 -48.33 -40.69
CA PHE A 56 -4.41 -48.97 -39.60
C PHE A 56 -4.94 -50.37 -39.34
N CYS A 57 -6.26 -50.49 -39.24
CA CYS A 57 -6.90 -51.78 -38.99
C CYS A 57 -6.74 -52.71 -40.20
N SER A 58 -6.64 -52.12 -41.38
CA SER A 58 -6.45 -52.89 -42.60
C SER A 58 -5.06 -53.52 -42.61
N GLN A 59 -4.05 -52.70 -42.31
CA GLN A 59 -2.67 -53.18 -42.24
C GLN A 59 -2.47 -54.10 -41.05
N PHE A 60 -3.35 -53.99 -40.07
CA PHE A 60 -3.28 -54.83 -38.88
C PHE A 60 -3.88 -56.21 -39.13
N SER A 61 -4.96 -56.25 -39.92
CA SER A 61 -5.60 -57.51 -40.28
C SER A 61 -4.71 -58.29 -41.24
N ARG A 62 -3.97 -57.56 -42.08
CA ARG A 62 -3.02 -58.16 -43.01
C ARG A 62 -1.84 -58.74 -42.24
N GLY A 63 -1.81 -58.51 -40.93
CA GLY A 63 -0.78 -59.05 -40.07
C GLY A 63 0.60 -58.49 -40.34
N VAL A 64 0.81 -57.22 -39.99
CA VAL A 64 2.11 -56.59 -40.15
C VAL A 64 2.87 -56.60 -38.83
N TYR A 65 4.19 -56.45 -38.90
CA TYR A 65 5.03 -56.46 -37.71
C TYR A 65 5.32 -55.03 -37.24
N ALA A 66 5.24 -54.09 -38.16
CA ALA A 66 5.47 -52.68 -37.85
C ALA A 66 4.84 -51.79 -38.92
N ILE A 67 4.57 -50.54 -38.55
CA ILE A 67 3.94 -49.60 -39.48
C ILE A 67 4.71 -48.30 -39.59
N PHE A 68 5.03 -47.91 -40.82
CA PHE A 68 5.66 -46.62 -41.08
C PHE A 68 4.71 -45.71 -41.83
N GLY A 69 4.48 -44.52 -41.30
CA GLY A 69 3.58 -43.56 -41.92
C GLY A 69 3.70 -42.16 -41.37
N PHE A 70 2.66 -41.36 -41.59
CA PHE A 70 2.63 -39.99 -41.12
C PHE A 70 1.29 -39.71 -40.45
N TYR A 71 1.25 -38.66 -39.63
CA TYR A 71 0.01 -38.22 -39.01
C TYR A 71 -0.09 -36.70 -38.94
N ASP A 72 -1.31 -36.20 -38.82
CA ASP A 72 -1.56 -34.77 -38.73
C ASP A 72 -1.91 -34.41 -37.29
N LYS A 73 -2.05 -33.11 -37.03
CA LYS A 73 -2.42 -32.63 -35.70
C LYS A 73 -3.77 -33.17 -35.28
N LYS A 74 -4.50 -33.74 -36.24
CA LYS A 74 -5.85 -34.25 -35.97
C LYS A 74 -5.87 -35.77 -35.82
N SER A 75 -5.09 -36.46 -36.64
CA SER A 75 -5.10 -37.93 -36.65
C SER A 75 -4.03 -38.52 -35.73
N VAL A 76 -3.14 -37.67 -35.22
CA VAL A 76 -2.04 -38.13 -34.39
C VAL A 76 -2.53 -38.93 -33.17
N ASN A 77 -3.62 -38.48 -32.57
CA ASN A 77 -4.16 -39.15 -31.40
C ASN A 77 -4.67 -40.56 -31.71
N THR A 78 -5.20 -40.74 -32.91
CA THR A 78 -5.68 -42.05 -33.35
C THR A 78 -4.53 -43.05 -33.39
N ILE A 79 -3.44 -42.66 -34.05
CA ILE A 79 -2.27 -43.52 -34.16
C ILE A 79 -1.67 -43.88 -32.81
N THR A 80 -1.32 -42.86 -32.04
CA THR A 80 -0.70 -43.06 -30.73
C THR A 80 -1.55 -43.97 -29.84
N SER A 81 -2.87 -43.88 -29.99
CA SER A 81 -3.79 -44.64 -29.15
C SER A 81 -3.85 -46.10 -29.57
N PHE A 82 -4.15 -46.35 -30.84
CA PHE A 82 -4.26 -47.71 -31.35
C PHE A 82 -2.94 -48.47 -31.22
N CYS A 83 -1.84 -47.83 -31.63
CA CYS A 83 -0.52 -48.44 -31.56
C CYS A 83 -0.14 -48.80 -30.12
N GLY A 84 -0.69 -48.05 -29.17
CA GLY A 84 -0.42 -48.30 -27.77
C GLY A 84 -1.27 -49.44 -27.21
N THR A 85 -2.49 -49.55 -27.73
CA THR A 85 -3.42 -50.59 -27.28
C THR A 85 -3.09 -51.93 -27.93
N LEU A 86 -2.82 -51.90 -29.22
CA LEU A 86 -2.54 -53.12 -29.97
C LEU A 86 -1.05 -53.47 -29.98
N HIS A 87 -0.27 -52.72 -29.21
CA HIS A 87 1.17 -52.96 -29.10
C HIS A 87 1.86 -52.98 -30.46
N VAL A 88 1.33 -52.22 -31.41
CA VAL A 88 1.92 -52.12 -32.73
C VAL A 88 2.89 -50.95 -32.79
N SER A 89 4.07 -51.20 -33.36
CA SER A 89 5.10 -50.16 -33.48
C SER A 89 4.82 -49.26 -34.68
N PHE A 90 4.96 -47.96 -34.47
CA PHE A 90 4.70 -46.98 -35.53
C PHE A 90 5.86 -46.02 -35.70
N ILE A 91 6.57 -46.15 -36.82
CA ILE A 91 7.67 -45.25 -37.14
C ILE A 91 7.21 -44.13 -38.03
N THR A 92 7.52 -42.89 -37.66
CA THR A 92 7.07 -41.73 -38.40
C THR A 92 8.07 -40.58 -38.38
N PRO A 93 8.25 -39.92 -39.53
CA PRO A 93 9.11 -38.72 -39.65
C PRO A 93 8.37 -37.47 -39.23
N SER A 94 7.06 -37.58 -39.02
CA SER A 94 6.24 -36.42 -38.64
C SER A 94 6.69 -35.80 -37.33
N PHE A 95 6.04 -34.71 -36.95
CA PHE A 95 6.38 -33.99 -35.72
C PHE A 95 6.27 -34.90 -34.50
N PRO A 96 7.19 -34.71 -33.54
CA PRO A 96 7.20 -35.49 -32.29
C PRO A 96 5.91 -35.33 -31.52
N THR A 97 5.48 -36.40 -30.84
CA THR A 97 4.26 -36.36 -30.04
C THR A 97 4.47 -35.55 -28.77
N ASP A 98 3.45 -34.78 -28.39
CA ASP A 98 3.52 -33.96 -27.19
C ASP A 98 3.27 -34.79 -25.95
N GLY A 99 4.26 -35.59 -25.56
CA GLY A 99 4.14 -36.45 -24.40
C GLY A 99 4.97 -37.71 -24.51
N THR A 100 4.57 -38.74 -23.79
CA THR A 100 5.29 -40.01 -23.79
C THR A 100 4.39 -41.15 -24.26
N HIS A 101 4.22 -41.27 -25.57
CA HIS A 101 3.38 -42.32 -26.14
C HIS A 101 4.20 -43.52 -26.60
N PRO A 102 4.01 -44.67 -25.92
CA PRO A 102 4.74 -45.90 -26.23
C PRO A 102 4.41 -46.44 -27.62
N PHE A 103 5.26 -47.33 -28.13
CA PHE A 103 5.06 -47.95 -29.44
C PHE A 103 5.02 -46.93 -30.57
N VAL A 104 5.80 -45.85 -30.43
CA VAL A 104 5.91 -44.84 -31.46
C VAL A 104 7.35 -44.40 -31.63
N ILE A 105 7.89 -44.56 -32.83
CA ILE A 105 9.26 -44.16 -33.13
C ILE A 105 9.26 -42.90 -33.99
N GLN A 106 9.85 -41.82 -33.46
CA GLN A 106 9.81 -40.53 -34.13
C GLN A 106 11.17 -40.16 -34.72
N MET A 107 11.20 -39.97 -36.04
CA MET A 107 12.43 -39.66 -36.75
C MET A 107 12.83 -38.20 -36.60
N ARG A 108 11.85 -37.33 -36.39
CA ARG A 108 12.11 -35.90 -36.28
C ARG A 108 12.52 -35.52 -34.87
N PRO A 109 13.73 -34.94 -34.73
CA PRO A 109 14.23 -34.44 -33.44
C PRO A 109 13.45 -33.21 -32.99
N ASP A 110 13.45 -32.96 -31.69
CA ASP A 110 12.73 -31.80 -31.14
C ASP A 110 13.48 -30.51 -31.41
N LEU A 111 12.85 -29.60 -32.15
CA LEU A 111 13.46 -28.33 -32.51
C LEU A 111 13.26 -27.28 -31.42
N LYS A 112 12.27 -27.51 -30.56
CA LYS A 112 11.94 -26.58 -29.49
C LYS A 112 13.18 -26.06 -28.77
N GLY A 113 14.10 -26.97 -28.46
CA GLY A 113 15.32 -26.60 -27.76
C GLY A 113 16.24 -25.72 -28.58
N ALA A 114 16.50 -26.15 -29.82
CA ALA A 114 17.40 -25.42 -30.70
C ALA A 114 16.90 -24.01 -30.99
N LEU A 115 15.58 -23.84 -31.05
CA LEU A 115 14.99 -22.53 -31.33
C LEU A 115 15.25 -21.57 -30.17
N LEU A 116 14.87 -21.98 -28.97
CA LEU A 116 15.03 -21.15 -27.78
C LEU A 116 16.47 -20.71 -27.59
N SER A 117 17.41 -21.61 -27.91
CA SER A 117 18.83 -21.31 -27.77
C SER A 117 19.26 -20.24 -28.77
N LEU A 118 18.73 -20.32 -29.98
CA LEU A 118 19.07 -19.37 -31.03
C LEU A 118 18.58 -17.97 -30.69
N ILE A 119 17.40 -17.89 -30.08
CA ILE A 119 16.83 -16.60 -29.69
C ILE A 119 17.74 -15.88 -28.72
N GLU A 120 18.24 -16.60 -27.73
CA GLU A 120 19.13 -16.02 -26.73
C GLU A 120 20.47 -15.61 -27.36
N TYR A 121 20.92 -16.37 -28.35
CA TYR A 121 22.17 -16.08 -29.04
C TYR A 121 22.12 -14.70 -29.68
N TYR A 122 21.05 -14.43 -30.42
CA TYR A 122 20.87 -13.12 -31.05
C TYR A 122 20.40 -12.09 -30.02
N GLN A 123 20.17 -12.54 -28.80
CA GLN A 123 19.74 -11.67 -27.72
C GLN A 123 18.46 -10.91 -28.07
N TRP A 124 17.41 -11.66 -28.36
CA TRP A 124 16.11 -11.08 -28.71
C TRP A 124 15.25 -10.91 -27.46
N ASP A 125 14.60 -9.75 -27.35
CA ASP A 125 13.71 -9.47 -26.23
C ASP A 125 12.30 -9.17 -26.70
N LYS A 126 12.18 -8.73 -27.95
CA LYS A 126 10.88 -8.44 -28.54
C LYS A 126 10.85 -8.90 -30.00
N PHE A 127 10.01 -9.89 -30.29
CA PHE A 127 9.94 -10.45 -31.62
C PHE A 127 8.53 -10.95 -31.96
N ALA A 128 8.25 -11.05 -33.25
CA ALA A 128 6.97 -11.58 -33.73
C ALA A 128 7.09 -13.07 -34.01
N TYR A 129 6.07 -13.83 -33.62
CA TYR A 129 6.10 -15.28 -33.80
C TYR A 129 4.92 -15.76 -34.65
N LEU A 130 5.13 -15.83 -35.96
CA LEU A 130 4.12 -16.31 -36.88
C LEU A 130 4.13 -17.84 -36.92
N TYR A 131 3.06 -18.46 -36.44
CA TYR A 131 3.02 -19.91 -36.31
C TYR A 131 1.93 -20.55 -37.16
N ASP A 132 2.06 -21.86 -37.37
CA ASP A 132 1.08 -22.63 -38.10
C ASP A 132 0.63 -23.81 -37.24
N SER A 133 -0.68 -23.94 -37.03
CA SER A 133 -1.22 -24.94 -36.13
C SER A 133 -1.16 -26.37 -36.70
N ASP A 134 -0.43 -26.54 -37.80
CA ASP A 134 -0.36 -27.83 -38.46
C ASP A 134 0.47 -28.86 -37.67
N ARG A 135 1.57 -28.40 -37.09
CA ARG A 135 2.47 -29.29 -36.36
C ARG A 135 2.29 -29.14 -34.84
N GLY A 136 1.11 -28.69 -34.43
CA GLY A 136 0.81 -28.53 -33.03
C GLY A 136 1.45 -27.28 -32.44
N LEU A 137 0.80 -26.71 -31.43
CA LEU A 137 1.30 -25.51 -30.77
C LEU A 137 2.33 -25.86 -29.70
N SER A 138 3.04 -26.97 -29.91
CA SER A 138 4.05 -27.42 -28.96
C SER A 138 5.19 -26.41 -28.84
N THR A 139 5.62 -25.87 -29.98
CA THR A 139 6.70 -24.89 -30.00
C THR A 139 6.20 -23.50 -29.61
N LEU A 140 4.92 -23.24 -29.88
CA LEU A 140 4.30 -21.98 -29.50
C LEU A 140 4.28 -21.84 -27.98
N GLN A 141 3.83 -22.90 -27.31
CA GLN A 141 3.82 -22.92 -25.86
C GLN A 141 5.23 -22.77 -25.30
N ALA A 142 6.20 -23.33 -26.03
CA ALA A 142 7.59 -23.27 -25.62
C ALA A 142 8.08 -21.83 -25.51
N VAL A 143 7.86 -21.05 -26.57
CA VAL A 143 8.33 -19.66 -26.61
C VAL A 143 7.51 -18.77 -25.68
N LEU A 144 6.23 -19.10 -25.51
CA LEU A 144 5.35 -18.34 -24.63
C LEU A 144 5.72 -18.54 -23.17
N ASP A 145 5.98 -19.79 -22.78
CA ASP A 145 6.37 -20.10 -21.42
C ASP A 145 7.73 -19.50 -21.09
N SER A 146 8.64 -19.56 -22.06
CA SER A 146 9.98 -19.00 -21.87
C SER A 146 9.92 -17.47 -21.88
N ALA A 147 8.89 -16.92 -22.51
CA ALA A 147 8.71 -15.47 -22.56
C ALA A 147 8.41 -14.92 -21.17
N ALA A 148 7.89 -15.78 -20.30
CA ALA A 148 7.60 -15.40 -18.93
C ALA A 148 8.88 -15.34 -18.11
N GLU A 149 9.72 -16.36 -18.27
CA GLU A 149 10.98 -16.44 -17.53
C GLU A 149 12.01 -15.47 -18.07
N LYS A 150 12.33 -15.60 -19.35
CA LYS A 150 13.34 -14.77 -19.99
C LYS A 150 12.82 -13.35 -20.22
N LYS A 151 11.55 -13.13 -19.91
CA LYS A 151 10.93 -11.82 -20.07
C LYS A 151 11.00 -11.32 -21.51
N TRP A 152 10.20 -11.93 -22.38
CA TRP A 152 10.12 -11.49 -23.78
C TRP A 152 8.75 -10.91 -24.09
N GLN A 153 8.71 -10.02 -25.08
CA GLN A 153 7.44 -9.48 -25.56
C GLN A 153 7.10 -10.11 -26.91
N VAL A 154 6.56 -11.32 -26.86
CA VAL A 154 6.25 -12.08 -28.06
C VAL A 154 4.90 -11.70 -28.65
N THR A 155 4.87 -11.50 -29.97
CA THR A 155 3.63 -11.21 -30.67
C THR A 155 3.21 -12.41 -31.53
N ALA A 156 2.55 -13.37 -30.89
CA ALA A 156 2.14 -14.59 -31.58
C ALA A 156 0.94 -14.34 -32.49
N ILE A 157 1.05 -14.80 -33.74
CA ILE A 157 -0.03 -14.64 -34.71
C ILE A 157 -0.22 -15.91 -35.54
N ASN A 158 -1.41 -16.48 -35.45
CA ASN A 158 -1.73 -17.69 -36.21
C ASN A 158 -1.88 -17.40 -37.70
N VAL A 159 -0.82 -17.66 -38.45
CA VAL A 159 -0.80 -17.40 -39.88
C VAL A 159 -1.31 -18.61 -40.65
N GLY A 160 -2.00 -19.51 -39.94
CA GLY A 160 -2.48 -20.75 -40.53
C GLY A 160 -3.87 -20.68 -41.12
N ASN A 161 -4.82 -20.18 -40.34
CA ASN A 161 -6.22 -20.14 -40.75
C ASN A 161 -6.51 -19.13 -41.85
N ILE A 162 -5.46 -18.68 -42.52
CA ILE A 162 -5.62 -17.71 -43.60
C ILE A 162 -6.15 -18.38 -44.87
N ASN A 163 -7.38 -18.06 -45.25
CA ASN A 163 -7.98 -18.59 -46.47
C ASN A 163 -7.20 -18.17 -47.71
N ASN A 164 -6.75 -19.15 -48.49
CA ASN A 164 -5.81 -18.90 -49.59
C ASN A 164 -6.39 -18.29 -50.89
N ASP A 165 -7.72 -18.27 -51.02
CA ASP A 165 -8.43 -17.76 -52.20
C ASP A 165 -8.76 -16.26 -52.08
N LYS A 166 -7.88 -15.50 -51.43
CA LYS A 166 -8.10 -14.08 -51.14
C LYS A 166 -7.13 -13.68 -50.04
N LYS A 167 -6.02 -14.42 -49.91
CA LYS A 167 -5.06 -14.15 -48.83
C LYS A 167 -4.07 -13.04 -49.19
N ASP A 168 -4.52 -11.80 -49.13
CA ASP A 168 -3.67 -10.67 -49.48
C ASP A 168 -4.01 -9.48 -48.60
N GLU A 169 -5.32 -9.22 -48.46
CA GLU A 169 -5.81 -8.19 -47.56
C GLU A 169 -5.59 -8.64 -46.11
N THR A 170 -5.18 -9.90 -45.96
CA THR A 170 -4.89 -10.46 -44.65
C THR A 170 -3.44 -10.24 -44.28
N TYR A 171 -2.54 -10.42 -45.25
CA TYR A 171 -1.11 -10.18 -45.03
C TYR A 171 -0.82 -8.69 -44.86
N ARG A 172 -1.54 -7.86 -45.61
CA ARG A 172 -1.40 -6.42 -45.49
C ARG A 172 -1.85 -5.96 -44.10
N SER A 173 -2.89 -6.62 -43.59
CA SER A 173 -3.40 -6.32 -42.26
C SER A 173 -2.58 -7.05 -41.19
N LEU A 174 -1.72 -7.96 -41.64
CA LEU A 174 -0.86 -8.71 -40.74
C LEU A 174 0.38 -7.90 -40.37
N PHE A 175 1.03 -7.34 -41.38
CA PHE A 175 2.21 -6.52 -41.17
C PHE A 175 1.83 -5.11 -40.76
N GLN A 176 0.54 -4.85 -40.69
CA GLN A 176 0.03 -3.58 -40.20
C GLN A 176 0.07 -3.58 -38.67
N ASP A 177 -0.18 -4.75 -38.10
CA ASP A 177 -0.09 -4.94 -36.65
C ASP A 177 1.37 -5.11 -36.23
N LEU A 178 2.17 -5.63 -37.15
CA LEU A 178 3.60 -5.81 -36.91
C LEU A 178 4.36 -4.52 -37.16
N GLU A 179 3.62 -3.43 -37.29
CA GLU A 179 4.22 -2.12 -37.50
C GLU A 179 3.85 -1.16 -36.35
N LEU A 180 2.82 -1.53 -35.60
CA LEU A 180 2.42 -0.75 -34.43
C LEU A 180 3.56 -0.73 -33.42
N LYS A 181 4.25 -1.85 -33.30
CA LYS A 181 5.41 -1.97 -32.42
C LYS A 181 6.70 -2.01 -33.23
N LYS A 182 6.58 -1.70 -34.52
CA LYS A 182 7.74 -1.67 -35.42
C LYS A 182 8.55 -2.97 -35.32
N GLU A 183 7.86 -4.10 -35.39
CA GLU A 183 8.52 -5.40 -35.32
C GLU A 183 9.47 -5.60 -36.50
N ARG A 184 10.74 -5.85 -36.19
CA ARG A 184 11.76 -6.07 -37.21
C ARG A 184 12.33 -7.47 -37.13
N ARG A 185 11.92 -8.22 -36.11
CA ARG A 185 12.42 -9.57 -35.89
C ARG A 185 11.28 -10.58 -35.87
N VAL A 186 11.19 -11.40 -36.92
CA VAL A 186 10.10 -12.35 -37.06
C VAL A 186 10.58 -13.79 -37.07
N ILE A 187 9.81 -14.67 -36.42
CA ILE A 187 10.10 -16.09 -36.42
C ILE A 187 9.02 -16.85 -37.17
N LEU A 188 9.40 -17.47 -38.29
CA LEU A 188 8.44 -18.20 -39.11
C LEU A 188 8.42 -19.69 -38.75
N ASP A 189 7.39 -20.08 -38.00
CA ASP A 189 7.21 -21.48 -37.63
C ASP A 189 6.16 -22.13 -38.53
N CYS A 190 6.56 -22.48 -39.74
CA CYS A 190 5.63 -23.03 -40.72
C CYS A 190 6.25 -24.16 -41.53
N GLU A 191 5.46 -24.75 -42.41
CA GLU A 191 5.94 -25.80 -43.30
C GLU A 191 6.73 -25.17 -44.45
N ARG A 192 7.41 -26.00 -45.23
CA ARG A 192 8.22 -25.53 -46.33
C ARG A 192 7.41 -24.73 -47.35
N ASP A 193 6.10 -24.96 -47.35
CA ASP A 193 5.21 -24.28 -48.30
C ASP A 193 4.73 -22.93 -47.76
N LYS A 194 4.16 -22.94 -46.56
CA LYS A 194 3.65 -21.71 -45.95
C LYS A 194 4.76 -20.68 -45.77
N VAL A 195 6.01 -21.16 -45.75
CA VAL A 195 7.16 -20.28 -45.60
C VAL A 195 7.42 -19.50 -46.88
N ASN A 196 7.40 -20.20 -48.02
CA ASN A 196 7.61 -19.54 -49.31
C ASN A 196 6.53 -18.50 -49.59
N ASP A 197 5.31 -18.77 -49.17
CA ASP A 197 4.21 -17.83 -49.33
C ASP A 197 4.50 -16.55 -48.56
N ILE A 198 4.94 -16.69 -47.31
CA ILE A 198 5.28 -15.55 -46.47
C ILE A 198 6.49 -14.81 -47.04
N VAL A 199 7.54 -15.56 -47.37
CA VAL A 199 8.74 -14.97 -47.94
C VAL A 199 8.44 -14.14 -49.18
N ASP A 200 7.55 -14.66 -50.02
CA ASP A 200 7.15 -13.94 -51.23
C ASP A 200 6.43 -12.63 -50.88
N GLN A 201 5.52 -12.70 -49.92
CA GLN A 201 4.80 -11.51 -49.47
C GLN A 201 5.76 -10.51 -48.87
N VAL A 202 6.72 -11.00 -48.10
CA VAL A 202 7.71 -10.15 -47.45
C VAL A 202 8.49 -9.33 -48.47
N ILE A 203 8.86 -9.97 -49.58
CA ILE A 203 9.61 -9.29 -50.64
C ILE A 203 8.73 -8.26 -51.34
N THR A 204 7.46 -8.60 -51.53
CA THR A 204 6.53 -7.71 -52.21
C THR A 204 6.37 -6.40 -51.45
N ILE A 205 6.13 -6.49 -50.14
CA ILE A 205 5.95 -5.31 -49.31
C ILE A 205 7.31 -4.66 -48.99
N GLY A 206 8.38 -5.36 -49.35
CA GLY A 206 9.72 -4.82 -49.19
C GLY A 206 10.29 -4.91 -47.78
N LYS A 207 9.72 -5.80 -46.98
CA LYS A 207 10.21 -6.01 -45.61
C LYS A 207 11.30 -7.06 -45.56
N HIS A 208 12.12 -7.11 -46.60
CA HIS A 208 13.22 -8.07 -46.67
C HIS A 208 14.56 -7.36 -46.80
N VAL A 209 14.55 -6.05 -46.54
CA VAL A 209 15.75 -5.24 -46.63
C VAL A 209 16.48 -5.22 -45.31
N LYS A 210 17.66 -4.59 -45.28
CA LYS A 210 18.46 -4.50 -44.08
C LYS A 210 17.65 -3.90 -42.93
N GLY A 211 17.71 -4.55 -41.77
CA GLY A 211 16.97 -4.10 -40.61
C GLY A 211 16.05 -5.18 -40.08
N TYR A 212 15.61 -6.07 -40.97
CA TYR A 212 14.74 -7.17 -40.59
C TYR A 212 15.54 -8.45 -40.36
N HIS A 213 15.03 -9.29 -39.47
CA HIS A 213 15.70 -10.55 -39.16
C HIS A 213 14.68 -11.67 -39.04
N TYR A 214 14.76 -12.64 -39.95
CA TYR A 214 13.81 -13.75 -39.96
C TYR A 214 14.47 -15.05 -39.50
N ILE A 215 13.69 -15.88 -38.81
CA ILE A 215 14.15 -17.19 -38.37
C ILE A 215 13.18 -18.28 -38.81
N ILE A 216 13.62 -19.12 -39.73
CA ILE A 216 12.79 -20.21 -40.22
C ILE A 216 12.80 -21.37 -39.23
N ALA A 217 11.71 -21.53 -38.49
CA ALA A 217 11.62 -22.53 -37.44
C ALA A 217 11.26 -23.92 -37.97
N ASN A 218 12.16 -24.50 -38.75
CA ASN A 218 12.01 -25.87 -39.24
C ASN A 218 13.36 -26.53 -39.47
N LEU A 219 13.36 -27.84 -39.66
CA LEU A 219 14.60 -28.59 -39.83
C LEU A 219 15.06 -28.58 -41.28
N GLY A 220 14.36 -27.84 -42.12
CA GLY A 220 14.71 -27.74 -43.53
C GLY A 220 14.94 -26.31 -43.99
N PHE A 221 16.08 -25.75 -43.58
CA PHE A 221 16.41 -24.37 -43.92
C PHE A 221 16.75 -24.22 -45.40
N THR A 222 17.49 -25.19 -45.93
CA THR A 222 17.90 -25.15 -47.33
C THR A 222 16.89 -25.85 -48.23
N ASP A 223 15.81 -26.34 -47.64
CA ASP A 223 14.77 -27.05 -48.38
C ASP A 223 13.93 -26.09 -49.22
N GLY A 224 13.84 -24.84 -48.77
CA GLY A 224 13.06 -23.84 -49.47
C GLY A 224 13.92 -22.93 -50.34
N ASP A 225 13.27 -22.14 -51.17
CA ASP A 225 13.98 -21.20 -52.04
C ASP A 225 14.40 -19.97 -51.24
N LEU A 226 15.70 -19.72 -51.17
CA LEU A 226 16.23 -18.58 -50.42
C LEU A 226 16.85 -17.54 -51.35
N LEU A 227 17.04 -17.90 -52.61
CA LEU A 227 17.65 -16.99 -53.58
C LEU A 227 16.89 -15.68 -53.69
N LYS A 228 15.63 -15.68 -53.27
CA LYS A 228 14.79 -14.49 -53.37
C LYS A 228 15.06 -13.48 -52.25
N ILE A 229 15.07 -13.95 -51.01
CA ILE A 229 15.37 -13.08 -49.87
C ILE A 229 16.84 -13.17 -49.49
N GLN A 230 17.68 -13.53 -50.45
CA GLN A 230 19.11 -13.69 -50.19
C GLN A 230 19.87 -12.38 -50.40
N PHE A 231 19.45 -11.61 -51.39
CA PHE A 231 20.13 -10.36 -51.71
C PHE A 231 19.34 -9.15 -51.22
N GLY A 232 18.23 -9.41 -50.53
CA GLY A 232 17.39 -8.36 -50.01
C GLY A 232 18.10 -7.48 -49.00
N GLY A 233 18.84 -8.10 -48.10
CA GLY A 233 19.56 -7.36 -47.07
C GLY A 233 19.22 -7.85 -45.68
N ALA A 234 17.97 -8.25 -45.49
CA ALA A 234 17.51 -8.75 -44.20
C ALA A 234 18.20 -10.08 -43.86
N GLU A 235 18.68 -10.20 -42.63
CA GLU A 235 19.34 -11.42 -42.19
C GLU A 235 18.33 -12.55 -41.98
N VAL A 236 18.65 -13.71 -42.53
CA VAL A 236 17.78 -14.89 -42.38
C VAL A 236 18.53 -16.05 -41.76
N SER A 237 17.97 -16.60 -40.69
CA SER A 237 18.57 -17.74 -40.02
C SER A 237 17.60 -18.91 -39.99
N GLY A 238 18.11 -20.10 -39.70
CA GLY A 238 17.28 -21.29 -39.66
C GLY A 238 18.01 -22.51 -39.13
N PHE A 239 17.44 -23.69 -39.40
CA PHE A 239 18.01 -24.93 -38.90
C PHE A 239 18.10 -25.98 -40.02
N GLN A 240 19.20 -26.72 -40.03
CA GLN A 240 19.40 -27.78 -41.02
C GLN A 240 19.75 -29.09 -40.33
N ILE A 241 18.99 -30.13 -40.64
CA ILE A 241 19.21 -31.45 -40.04
C ILE A 241 19.99 -32.35 -41.00
N VAL A 242 19.88 -32.09 -42.29
CA VAL A 242 20.59 -32.87 -43.29
C VAL A 242 21.89 -32.17 -43.68
N ASP A 243 22.98 -32.55 -43.04
CA ASP A 243 24.28 -31.94 -43.33
C ASP A 243 24.86 -32.47 -44.63
N TYR A 244 24.86 -31.61 -45.66
CA TYR A 244 25.36 -32.01 -46.97
C TYR A 244 26.89 -32.01 -47.01
N ASP A 245 27.51 -31.78 -45.86
CA ASP A 245 28.96 -31.79 -45.75
C ASP A 245 29.48 -33.15 -45.29
N ASP A 246 28.57 -34.00 -44.81
CA ASP A 246 28.92 -35.35 -44.42
C ASP A 246 29.17 -36.20 -45.65
N SER A 247 30.29 -36.93 -45.66
CA SER A 247 30.61 -37.81 -46.77
C SER A 247 29.51 -38.84 -46.97
N LEU A 248 28.79 -39.15 -45.88
CA LEU A 248 27.68 -40.08 -45.94
C LEU A 248 26.54 -39.50 -46.77
N VAL A 249 26.15 -38.28 -46.45
CA VAL A 249 25.08 -37.60 -47.17
C VAL A 249 25.53 -37.24 -48.58
N SER A 250 26.78 -36.79 -48.69
CA SER A 250 27.34 -36.40 -49.97
C SER A 250 27.29 -37.55 -50.97
N LYS A 251 27.53 -38.77 -50.47
CA LYS A 251 27.49 -39.96 -51.31
C LYS A 251 26.06 -40.30 -51.71
N PHE A 252 25.12 -40.05 -50.80
CA PHE A 252 23.71 -40.30 -51.07
C PHE A 252 23.21 -39.43 -52.22
N ILE A 253 23.56 -38.15 -52.16
CA ILE A 253 23.16 -37.20 -53.20
C ILE A 253 23.75 -37.57 -54.55
N GLU A 254 24.98 -38.08 -54.54
CA GLU A 254 25.65 -38.48 -55.78
C GLU A 254 24.80 -39.45 -56.58
N ARG A 255 24.07 -40.31 -55.88
CA ARG A 255 23.21 -41.30 -56.52
C ARG A 255 21.78 -40.81 -56.63
N TRP A 256 21.37 -39.97 -55.68
CA TRP A 256 20.02 -39.43 -55.65
C TRP A 256 19.79 -38.45 -56.80
N SER A 257 20.73 -37.54 -56.98
CA SER A 257 20.61 -36.49 -58.00
C SER A 257 20.59 -37.05 -59.42
N THR A 258 21.03 -38.30 -59.57
CA THR A 258 21.12 -38.92 -60.89
C THR A 258 19.89 -39.78 -61.21
N LEU A 259 19.21 -40.23 -60.17
CA LEU A 259 18.03 -41.09 -60.35
C LEU A 259 17.03 -40.49 -61.34
N GLU A 260 16.36 -41.36 -62.09
CA GLU A 260 15.38 -40.92 -63.07
C GLU A 260 14.16 -40.32 -62.38
N GLU A 261 13.83 -39.08 -62.75
CA GLU A 261 12.72 -38.37 -62.13
C GLU A 261 11.38 -38.97 -62.54
N LYS A 262 11.38 -39.79 -63.58
CA LYS A 262 10.17 -40.44 -64.05
C LYS A 262 9.71 -41.51 -63.06
N GLU A 263 10.61 -42.43 -62.74
CA GLU A 263 10.31 -43.51 -61.79
C GLU A 263 10.35 -43.00 -60.36
N TYR A 264 11.27 -42.08 -60.08
CA TYR A 264 11.40 -41.50 -58.75
C TYR A 264 11.03 -40.03 -58.78
N PRO A 265 9.74 -39.71 -58.56
CA PRO A 265 9.21 -38.35 -58.58
C PRO A 265 9.97 -37.41 -57.63
N GLY A 266 10.29 -36.21 -58.12
CA GLY A 266 10.99 -35.22 -57.33
C GLY A 266 12.23 -35.76 -56.64
N ALA A 267 13.05 -36.48 -57.41
CA ALA A 267 14.26 -37.09 -56.87
C ALA A 267 15.50 -36.74 -57.69
N HIS A 268 15.33 -35.88 -58.68
CA HIS A 268 16.44 -35.49 -59.55
C HIS A 268 17.00 -34.14 -59.15
N THR A 269 17.32 -33.98 -57.86
CA THR A 269 17.87 -32.73 -57.36
C THR A 269 19.09 -32.99 -56.48
N ALA A 270 19.84 -31.93 -56.18
CA ALA A 270 21.04 -32.04 -55.37
C ALA A 270 20.71 -31.95 -53.87
N THR A 271 19.46 -31.61 -53.57
CA THR A 271 19.02 -31.49 -52.19
C THR A 271 17.84 -32.43 -51.90
N ILE A 272 17.44 -32.48 -50.63
CA ILE A 272 16.34 -33.34 -50.23
C ILE A 272 15.63 -32.80 -48.99
N LYS A 273 14.31 -32.79 -49.02
CA LYS A 273 13.51 -32.34 -47.88
C LYS A 273 13.81 -33.19 -46.65
N TYR A 274 13.86 -32.55 -45.48
CA TYR A 274 14.20 -33.25 -44.26
C TYR A 274 13.20 -34.36 -43.94
N THR A 275 11.95 -34.17 -44.37
CA THR A 275 10.92 -35.18 -44.19
C THR A 275 11.25 -36.44 -45.00
N SER A 276 11.76 -36.24 -46.21
CA SER A 276 12.14 -37.34 -47.08
C SER A 276 13.40 -38.02 -46.55
N ALA A 277 14.35 -37.22 -46.08
CA ALA A 277 15.60 -37.75 -45.55
C ALA A 277 15.35 -38.63 -44.32
N LEU A 278 14.37 -38.25 -43.52
CA LEU A 278 14.01 -39.03 -42.34
C LEU A 278 13.34 -40.34 -42.74
N THR A 279 12.59 -40.31 -43.84
CA THR A 279 11.95 -41.51 -44.36
C THR A 279 13.01 -42.55 -44.74
N TYR A 280 14.05 -42.09 -45.43
CA TYR A 280 15.16 -42.95 -45.83
C TYR A 280 15.85 -43.53 -44.59
N ASP A 281 16.06 -42.69 -43.59
CA ASP A 281 16.70 -43.12 -42.35
C ASP A 281 15.79 -44.04 -41.56
N ALA A 282 14.48 -43.92 -41.79
CA ALA A 282 13.50 -44.78 -41.12
C ALA A 282 13.66 -46.23 -41.57
N VAL A 283 13.85 -46.42 -42.87
CA VAL A 283 14.04 -47.75 -43.43
C VAL A 283 15.27 -48.42 -42.80
N GLN A 284 16.34 -47.66 -42.64
CA GLN A 284 17.56 -48.17 -42.04
C GLN A 284 17.34 -48.61 -40.59
N VAL A 285 16.53 -47.85 -39.87
CA VAL A 285 16.23 -48.17 -38.48
C VAL A 285 15.42 -49.47 -38.37
N MET A 286 14.45 -49.62 -39.27
CA MET A 286 13.60 -50.81 -39.27
C MET A 286 14.38 -52.05 -39.67
N THR A 287 15.38 -51.86 -40.53
CA THR A 287 16.23 -52.96 -40.97
C THR A 287 17.12 -53.45 -39.83
N GLU A 288 17.83 -52.51 -39.21
CA GLU A 288 18.73 -52.81 -38.11
C GLU A 288 17.97 -53.41 -36.93
N ALA A 289 16.70 -53.04 -36.80
CA ALA A 289 15.86 -53.52 -35.71
C ALA A 289 15.48 -54.98 -35.91
N PHE A 290 14.99 -55.30 -37.10
CA PHE A 290 14.59 -56.66 -37.42
C PHE A 290 15.80 -57.57 -37.53
N ARG A 291 16.98 -56.96 -37.72
CA ARG A 291 18.21 -57.72 -37.82
C ARG A 291 18.74 -58.08 -36.43
N ASN A 292 18.56 -57.17 -35.48
CA ASN A 292 18.98 -57.41 -34.11
C ASN A 292 18.09 -58.42 -33.40
N LEU A 293 16.95 -58.74 -34.03
CA LEU A 293 16.04 -59.74 -33.50
C LEU A 293 16.40 -61.13 -33.99
N ARG A 294 16.96 -61.21 -35.19
CA ARG A 294 17.39 -62.48 -35.76
C ARG A 294 18.67 -62.95 -35.07
N LYS A 295 19.59 -62.02 -34.85
CA LYS A 295 20.86 -62.33 -34.20
C LYS A 295 20.68 -62.56 -32.70
N GLN A 296 19.54 -62.14 -32.17
CA GLN A 296 19.25 -62.30 -30.76
C GLN A 296 18.42 -63.57 -30.50
N ARG A 297 18.17 -64.32 -31.56
CA ARG A 297 17.41 -65.56 -31.46
C ARG A 297 16.03 -65.33 -30.83
N ILE A 298 15.30 -64.36 -31.36
CA ILE A 298 13.97 -64.04 -30.86
C ILE A 298 12.90 -64.30 -31.90
N GLU A 299 12.04 -65.29 -31.63
CA GLU A 299 10.96 -65.63 -32.54
C GLU A 299 9.75 -64.71 -32.31
N ILE A 300 9.29 -64.09 -33.38
CA ILE A 300 8.17 -63.15 -33.30
C ILE A 300 7.19 -63.36 -34.45
N SER A 301 7.56 -64.24 -35.38
CA SER A 301 6.79 -64.43 -36.61
C SER A 301 5.35 -64.86 -36.37
N ARG A 302 4.48 -64.47 -37.29
CA ARG A 302 3.07 -64.85 -37.22
C ARG A 302 2.47 -64.92 -38.62
N ARG A 303 1.14 -64.85 -38.70
CA ARG A 303 0.45 -64.91 -39.99
C ARG A 303 -0.49 -63.72 -40.16
N GLY A 304 -1.21 -63.71 -41.27
CA GLY A 304 -2.15 -62.64 -41.56
C GLY A 304 -3.52 -62.91 -40.97
N ASN A 305 -3.54 -63.25 -39.69
CA ASN A 305 -4.79 -63.54 -38.99
C ASN A 305 -4.83 -62.95 -37.59
N ALA A 306 -4.20 -61.79 -37.42
CA ALA A 306 -4.26 -61.03 -36.18
C ALA A 306 -5.72 -60.75 -35.80
N GLY A 307 -6.60 -60.79 -36.79
CA GLY A 307 -8.01 -60.55 -36.57
C GLY A 307 -8.39 -59.09 -36.68
N ASP A 308 -9.65 -58.79 -36.42
CA ASP A 308 -10.13 -57.41 -36.49
C ASP A 308 -9.57 -56.59 -35.33
N CYS A 309 -9.11 -55.39 -35.63
CA CYS A 309 -8.51 -54.52 -34.63
C CYS A 309 -9.53 -54.06 -33.58
N LEU A 310 -10.80 -54.06 -33.95
CA LEU A 310 -11.86 -53.66 -33.04
C LEU A 310 -12.28 -54.79 -32.13
N ALA A 311 -11.55 -55.91 -32.20
CA ALA A 311 -11.83 -57.08 -31.38
C ALA A 311 -11.94 -56.70 -29.91
N ASN A 312 -13.02 -57.14 -29.27
CA ASN A 312 -13.26 -56.83 -27.87
C ASN A 312 -13.57 -58.09 -27.07
N PRO A 313 -12.78 -58.35 -26.02
CA PRO A 313 -11.66 -57.52 -25.57
C PRO A 313 -10.48 -57.57 -26.54
N ALA A 314 -9.76 -56.46 -26.65
CA ALA A 314 -8.59 -56.39 -27.52
C ALA A 314 -7.36 -56.96 -26.82
N VAL A 315 -6.80 -58.02 -27.39
CA VAL A 315 -5.62 -58.66 -26.82
C VAL A 315 -4.35 -58.36 -27.62
N PRO A 316 -3.39 -57.70 -26.98
CA PRO A 316 -2.11 -57.35 -27.61
C PRO A 316 -1.21 -58.56 -27.75
N TRP A 317 -0.70 -58.80 -28.96
CA TRP A 317 0.21 -59.91 -29.19
C TRP A 317 1.59 -59.63 -28.60
N GLY A 318 2.01 -60.49 -27.68
CA GLY A 318 3.24 -60.29 -26.92
C GLY A 318 4.48 -60.07 -27.77
N GLN A 319 4.46 -60.56 -29.01
CA GLN A 319 5.60 -60.43 -29.90
C GLN A 319 5.88 -58.97 -30.25
N GLY A 320 4.91 -58.10 -29.99
CA GLY A 320 5.04 -56.69 -30.29
C GLY A 320 5.95 -55.97 -29.31
N VAL A 321 5.96 -56.43 -28.07
CA VAL A 321 6.78 -55.82 -27.03
C VAL A 321 8.27 -55.91 -27.39
N GLU A 322 8.64 -56.99 -28.05
CA GLU A 322 10.03 -57.21 -28.45
C GLU A 322 10.41 -56.36 -29.66
N ILE A 323 9.45 -56.18 -30.57
CA ILE A 323 9.68 -55.36 -31.76
C ILE A 323 9.96 -53.92 -31.37
N GLU A 324 9.34 -53.46 -30.28
CA GLU A 324 9.56 -52.11 -29.78
C GLU A 324 10.95 -51.98 -29.19
N ARG A 325 11.32 -52.92 -28.33
CA ARG A 325 12.63 -52.91 -27.68
C ARG A 325 13.76 -53.04 -28.70
N ALA A 326 13.40 -53.44 -29.91
CA ALA A 326 14.37 -53.59 -30.99
C ALA A 326 14.62 -52.24 -31.68
N LEU A 327 13.55 -51.64 -32.17
CA LEU A 327 13.63 -50.36 -32.85
C LEU A 327 14.22 -49.28 -31.96
N LYS A 328 13.80 -49.26 -30.70
CA LYS A 328 14.26 -48.27 -29.73
C LYS A 328 15.72 -48.50 -29.35
N GLN A 329 16.22 -49.71 -29.59
CA GLN A 329 17.60 -50.04 -29.24
C GLN A 329 18.55 -49.76 -30.41
N VAL A 330 17.97 -49.55 -31.59
CA VAL A 330 18.76 -49.28 -32.79
C VAL A 330 19.61 -48.03 -32.63
N GLN A 331 20.81 -48.06 -33.21
CA GLN A 331 21.70 -46.90 -33.20
C GLN A 331 22.67 -46.95 -34.37
N VAL A 332 22.30 -46.31 -35.47
CA VAL A 332 23.14 -46.28 -36.66
C VAL A 332 23.38 -44.84 -37.11
N GLU A 333 24.14 -44.69 -38.19
CA GLU A 333 24.43 -43.37 -38.73
C GLU A 333 23.65 -43.14 -40.03
N GLY A 334 22.91 -42.04 -40.09
CA GLY A 334 22.09 -41.73 -41.24
C GLY A 334 22.28 -40.32 -41.76
N LEU A 335 21.41 -39.91 -42.67
CA LEU A 335 21.48 -38.58 -43.25
C LEU A 335 21.26 -37.50 -42.20
N SER A 336 20.46 -37.81 -41.20
CA SER A 336 20.14 -36.86 -40.13
C SER A 336 21.05 -37.05 -38.92
N GLY A 337 22.33 -37.26 -39.17
CA GLY A 337 23.31 -37.41 -38.11
C GLY A 337 23.15 -38.69 -37.32
N ASN A 338 23.73 -38.73 -36.14
CA ASN A 338 23.65 -39.90 -35.28
C ASN A 338 22.23 -40.19 -34.82
N ILE A 339 21.75 -41.39 -35.09
CA ILE A 339 20.39 -41.77 -34.72
C ILE A 339 20.36 -42.63 -33.46
N LYS A 340 19.72 -42.11 -32.41
CA LYS A 340 19.56 -42.84 -31.17
C LYS A 340 18.20 -42.56 -30.55
N PHE A 341 17.72 -43.47 -29.71
CA PHE A 341 16.39 -43.32 -29.12
C PHE A 341 16.40 -43.58 -27.63
N ASP A 342 15.36 -43.11 -26.94
CA ASP A 342 15.18 -43.40 -25.53
C ASP A 342 14.06 -44.43 -25.36
N GLN A 343 13.67 -44.68 -24.12
CA GLN A 343 12.65 -45.68 -23.84
C GLN A 343 11.30 -45.35 -24.44
N ASN A 344 11.09 -44.06 -24.75
CA ASN A 344 9.82 -43.61 -25.29
C ASN A 344 9.76 -43.65 -26.82
N GLY A 345 10.81 -43.14 -27.46
CA GLY A 345 10.87 -43.12 -28.91
C GLY A 345 11.42 -41.81 -29.45
N LYS A 346 11.53 -40.82 -28.58
CA LYS A 346 12.09 -39.53 -28.96
C LYS A 346 13.59 -39.65 -29.19
N ARG A 347 14.07 -39.06 -30.27
CA ARG A 347 15.49 -39.14 -30.61
C ARG A 347 16.37 -38.39 -29.60
N ILE A 348 17.55 -38.93 -29.36
CA ILE A 348 18.50 -38.33 -28.42
C ILE A 348 19.90 -38.32 -29.01
N ASN A 349 20.80 -37.61 -28.35
CA ASN A 349 22.19 -37.50 -28.81
C ASN A 349 22.28 -37.13 -30.28
N TYR A 350 21.47 -36.15 -30.69
CA TYR A 350 21.45 -35.70 -32.08
C TYR A 350 22.09 -34.33 -32.22
N THR A 351 22.24 -33.87 -33.46
CA THR A 351 22.87 -32.58 -33.73
C THR A 351 22.10 -31.79 -34.78
N ILE A 352 21.77 -30.55 -34.45
CA ILE A 352 21.08 -29.66 -35.38
C ILE A 352 21.94 -28.45 -35.70
N ASN A 353 22.37 -28.35 -36.95
CA ASN A 353 23.22 -27.24 -37.39
C ASN A 353 22.45 -25.92 -37.50
N ILE A 354 22.99 -24.88 -36.88
CA ILE A 354 22.42 -23.55 -36.98
C ILE A 354 22.92 -22.85 -38.24
N MET A 355 22.00 -22.36 -39.05
CA MET A 355 22.36 -21.79 -40.34
C MET A 355 22.04 -20.30 -40.43
N GLU A 356 22.89 -19.57 -41.16
CA GLU A 356 22.65 -18.17 -41.46
C GLU A 356 22.78 -17.95 -42.97
N LEU A 357 21.96 -17.07 -43.52
CA LEU A 357 21.98 -16.80 -44.95
C LEU A 357 22.81 -15.57 -45.28
N LYS A 358 23.96 -15.80 -45.90
CA LYS A 358 24.85 -14.70 -46.30
C LYS A 358 24.69 -14.38 -47.78
N THR A 359 25.58 -13.54 -48.30
CA THR A 359 25.54 -13.14 -49.69
C THR A 359 25.89 -14.30 -50.63
N ASN A 360 26.89 -15.08 -50.24
CA ASN A 360 27.33 -16.21 -51.04
C ASN A 360 26.43 -17.44 -50.88
N GLY A 361 25.47 -17.34 -49.98
CA GLY A 361 24.54 -18.43 -49.73
C GLY A 361 24.54 -18.86 -48.28
N PRO A 362 23.74 -19.89 -47.95
CA PRO A 362 23.65 -20.45 -46.60
C PRO A 362 25.02 -20.84 -46.05
N ARG A 363 25.18 -20.77 -44.73
CA ARG A 363 26.45 -21.10 -44.10
C ARG A 363 26.25 -21.50 -42.64
N LYS A 364 26.79 -22.66 -42.27
CA LYS A 364 26.69 -23.15 -40.90
C LYS A 364 27.55 -22.33 -39.96
N ILE A 365 26.93 -21.76 -38.94
CA ILE A 365 27.66 -20.95 -37.97
C ILE A 365 27.85 -21.69 -36.65
N GLY A 366 27.33 -22.91 -36.59
CA GLY A 366 27.44 -23.73 -35.39
C GLY A 366 26.41 -24.84 -35.36
N TYR A 367 26.33 -25.54 -34.24
CA TYR A 367 25.38 -26.63 -34.07
C TYR A 367 24.71 -26.57 -32.71
N TRP A 368 23.73 -27.45 -32.50
CA TRP A 368 23.02 -27.51 -31.22
C TRP A 368 22.92 -28.94 -30.72
N SER A 369 23.49 -29.20 -29.55
CA SER A 369 23.40 -30.52 -28.93
C SER A 369 22.45 -30.47 -27.74
N GLU A 370 21.72 -31.57 -27.53
CA GLU A 370 20.78 -31.64 -26.42
C GLU A 370 21.49 -31.55 -25.08
N VAL A 371 22.81 -31.70 -25.10
CA VAL A 371 23.60 -31.71 -23.87
C VAL A 371 24.59 -30.55 -23.81
N ASP A 372 24.88 -29.95 -24.96
CA ASP A 372 25.84 -28.86 -25.03
C ASP A 372 25.21 -27.55 -25.47
N LYS A 373 23.90 -27.56 -25.67
CA LYS A 373 23.18 -26.39 -26.17
C LYS A 373 23.80 -25.94 -27.48
N MET A 374 23.90 -24.62 -27.67
CA MET A 374 24.48 -24.07 -28.89
C MET A 374 26.00 -23.93 -28.79
N VAL A 375 26.68 -24.34 -29.85
CA VAL A 375 28.14 -24.22 -29.92
C VAL A 375 28.56 -23.72 -31.30
N LEU A 376 29.16 -22.53 -31.34
CA LEU A 376 29.56 -21.93 -32.61
C LEU A 376 30.86 -22.53 -33.14
N THR A 377 30.93 -22.69 -34.46
CA THR A 377 32.13 -23.15 -35.12
C THR A 377 32.81 -21.99 -35.83
N GLU A 378 33.97 -21.59 -35.32
CA GLU A 378 34.69 -20.43 -35.84
C GLU A 378 35.16 -20.65 -37.28
N LYS A 393 42.49 5.61 -45.53
CA LYS A 393 41.08 5.86 -45.26
C LYS A 393 40.78 7.36 -45.10
N THR A 394 40.32 8.00 -46.21
CA THR A 394 39.97 9.42 -46.17
C THR A 394 38.73 9.62 -45.26
N VAL A 395 38.92 10.44 -44.23
CA VAL A 395 37.88 10.73 -43.25
C VAL A 395 36.77 11.65 -43.78
N VAL A 396 35.53 11.17 -43.78
CA VAL A 396 34.37 11.97 -44.20
C VAL A 396 33.94 12.83 -43.00
N VAL A 397 34.10 14.13 -43.14
CA VAL A 397 33.72 15.07 -42.09
C VAL A 397 32.36 15.66 -42.37
N THR A 398 31.43 15.54 -41.43
CA THR A 398 30.13 16.17 -41.63
C THR A 398 30.14 17.51 -40.90
N THR A 399 29.66 18.55 -41.58
CA THR A 399 29.64 19.86 -40.96
C THR A 399 28.39 20.59 -41.43
N ILE A 400 28.23 21.83 -40.97
CA ILE A 400 27.05 22.61 -41.30
C ILE A 400 27.42 24.06 -41.66
N LEU A 401 26.80 24.58 -42.72
CA LEU A 401 27.05 25.96 -43.15
C LEU A 401 26.37 26.87 -42.12
N GLU A 402 27.18 27.34 -41.17
CA GLU A 402 26.75 28.18 -40.07
C GLU A 402 27.88 29.16 -39.82
N SER A 403 27.61 30.45 -39.99
CA SER A 403 28.65 31.46 -39.80
C SER A 403 28.94 31.68 -38.33
N PRO A 404 30.24 31.89 -37.99
CA PRO A 404 31.39 31.92 -38.89
C PRO A 404 32.18 30.60 -38.85
N TYR A 405 31.48 29.52 -38.53
CA TYR A 405 32.14 28.20 -38.44
C TYR A 405 32.47 27.65 -39.82
N VAL A 406 31.45 27.56 -40.68
CA VAL A 406 31.66 27.10 -42.04
C VAL A 406 30.84 28.00 -42.94
N MET A 407 31.53 28.63 -43.87
CA MET A 407 30.92 29.54 -44.83
C MET A 407 31.60 29.33 -46.17
N MET A 408 30.87 29.52 -47.25
CA MET A 408 31.47 29.40 -48.58
C MET A 408 32.32 30.65 -48.84
N LYS A 409 33.55 30.46 -49.32
CA LYS A 409 34.46 31.56 -49.65
C LYS A 409 33.84 32.42 -50.75
N LYS A 410 34.26 33.69 -50.82
CA LYS A 410 33.73 34.58 -51.85
C LYS A 410 33.88 34.03 -53.26
N ASN A 411 35.04 33.43 -53.52
CA ASN A 411 35.38 32.87 -54.83
C ASN A 411 35.19 31.36 -54.97
N HIS A 412 34.24 30.77 -54.26
CA HIS A 412 34.03 29.32 -54.31
C HIS A 412 33.84 28.68 -55.69
N GLU A 413 33.31 29.46 -56.64
CA GLU A 413 33.07 28.96 -57.99
C GLU A 413 34.28 28.30 -58.64
N MET A 414 35.43 28.96 -58.55
CA MET A 414 36.63 28.40 -59.14
C MET A 414 37.44 27.54 -58.19
N LEU A 415 36.84 27.12 -57.06
CA LEU A 415 37.52 26.29 -56.06
C LEU A 415 36.94 24.88 -55.97
N GLU A 416 37.76 23.94 -55.53
CA GLU A 416 37.29 22.55 -55.42
C GLU A 416 37.52 21.91 -54.06
N GLY A 417 36.64 20.98 -53.70
CA GLY A 417 36.76 20.25 -52.45
C GLY A 417 36.78 21.09 -51.19
N ASN A 418 37.71 20.76 -50.28
CA ASN A 418 37.82 21.48 -49.02
C ASN A 418 38.20 22.95 -49.19
N GLU A 419 38.66 23.31 -50.39
CA GLU A 419 39.04 24.68 -50.66
C GLU A 419 37.90 25.67 -50.79
N ARG A 420 36.69 25.17 -51.03
CA ARG A 420 35.51 26.03 -51.19
C ARG A 420 35.03 26.67 -49.90
N TYR A 421 35.52 26.19 -48.76
CA TYR A 421 35.05 26.64 -47.47
C TYR A 421 36.06 27.38 -46.62
N GLU A 422 35.53 28.10 -45.64
CA GLU A 422 36.36 28.88 -44.72
C GLU A 422 35.58 29.10 -43.43
N GLY A 423 36.30 29.32 -42.35
CA GLY A 423 35.63 29.54 -41.08
C GLY A 423 36.37 28.90 -39.94
N TYR A 424 35.84 29.08 -38.73
CA TYR A 424 36.44 28.54 -37.53
C TYR A 424 36.62 27.01 -37.60
N CYS A 425 35.55 26.30 -37.97
CA CYS A 425 35.58 24.84 -38.08
C CYS A 425 36.42 24.32 -39.27
N VAL A 426 36.58 25.14 -40.31
CA VAL A 426 37.41 24.73 -41.43
C VAL A 426 38.88 24.72 -40.93
N ASP A 427 39.29 25.76 -40.19
CA ASP A 427 40.66 25.80 -39.66
C ASP A 427 40.86 24.73 -38.59
N LEU A 428 39.80 24.48 -37.81
CA LEU A 428 39.84 23.49 -36.75
C LEU A 428 40.03 22.08 -37.34
N ALA A 429 39.30 21.76 -38.41
CA ALA A 429 39.39 20.46 -39.08
C ALA A 429 40.83 20.23 -39.59
N ALA A 430 41.38 21.25 -40.26
CA ALA A 430 42.75 21.21 -40.78
C ALA A 430 43.74 20.91 -39.65
N GLU A 431 43.53 21.58 -38.52
CA GLU A 431 44.35 21.44 -37.34
C GLU A 431 44.27 20.07 -36.66
N ILE A 432 43.07 19.59 -36.36
CA ILE A 432 42.99 18.28 -35.73
C ILE A 432 43.46 17.17 -36.70
N ALA A 433 43.19 17.34 -38.00
CA ALA A 433 43.61 16.35 -39.00
C ALA A 433 45.13 16.32 -39.08
N LYS A 434 45.75 17.46 -38.80
CA LYS A 434 47.21 17.58 -38.80
C LYS A 434 47.78 16.80 -37.63
N HIS A 435 47.22 17.03 -36.45
CA HIS A 435 47.66 16.36 -35.22
C HIS A 435 47.31 14.88 -35.15
N CYS A 436 46.21 14.49 -35.78
CA CYS A 436 45.78 13.09 -35.78
C CYS A 436 46.26 12.30 -37.03
N GLY A 437 47.01 12.98 -37.88
CA GLY A 437 47.52 12.36 -39.08
C GLY A 437 46.56 11.72 -40.05
N PHE A 438 45.46 12.39 -40.39
CA PHE A 438 44.53 11.85 -41.36
C PHE A 438 44.15 12.85 -42.46
N LYS A 439 43.74 12.31 -43.59
CA LYS A 439 43.29 13.12 -44.73
C LYS A 439 41.75 13.11 -44.59
N TYR A 440 41.09 14.15 -45.07
CA TYR A 440 39.65 14.24 -44.93
C TYR A 440 38.97 15.04 -46.02
N LYS A 441 37.65 14.89 -46.08
CA LYS A 441 36.82 15.62 -47.00
C LYS A 441 35.66 16.23 -46.22
N LEU A 442 35.53 17.56 -46.31
CA LEU A 442 34.43 18.27 -45.65
C LEU A 442 33.14 18.06 -46.47
N THR A 443 32.06 17.68 -45.79
CA THR A 443 30.77 17.50 -46.45
C THR A 443 29.73 18.20 -45.60
N ILE A 444 28.79 18.86 -46.25
CA ILE A 444 27.75 19.59 -45.54
C ILE A 444 26.60 18.64 -45.27
N VAL A 445 26.16 18.57 -44.01
CA VAL A 445 25.07 17.68 -43.62
C VAL A 445 23.89 17.81 -44.61
N GLY A 446 23.52 16.68 -45.20
CA GLY A 446 22.47 16.66 -46.20
C GLY A 446 21.18 17.36 -45.84
N ASP A 447 20.71 17.14 -44.62
CA ASP A 447 19.45 17.74 -44.20
C ASP A 447 19.55 19.11 -43.53
N GLY A 448 20.77 19.65 -43.45
CA GLY A 448 21.00 20.96 -42.85
C GLY A 448 20.73 21.13 -41.37
N LYS A 449 20.64 20.02 -40.65
CA LYS A 449 20.35 20.02 -39.22
C LYS A 449 21.49 19.58 -38.31
N TYR A 450 21.39 19.95 -37.04
CA TYR A 450 22.37 19.61 -36.02
C TYR A 450 22.09 18.16 -35.59
N GLY A 451 20.88 17.93 -35.10
CA GLY A 451 20.54 16.57 -34.72
C GLY A 451 19.56 16.43 -33.60
N ALA A 452 18.47 15.74 -33.90
CA ALA A 452 17.44 15.46 -32.91
C ALA A 452 16.82 14.11 -33.25
N ARG A 453 16.26 13.44 -32.24
CA ARG A 453 15.64 12.14 -32.40
C ARG A 453 14.12 12.25 -32.53
N ASP A 454 13.59 11.76 -33.64
CA ASP A 454 12.14 11.77 -33.87
C ASP A 454 11.49 10.88 -32.80
N ALA A 455 10.60 11.44 -31.99
CA ALA A 455 9.91 10.66 -30.94
C ALA A 455 9.07 9.48 -31.44
N ASP A 456 8.59 9.57 -32.67
CA ASP A 456 7.79 8.51 -33.27
C ASP A 456 8.63 7.38 -33.85
N THR A 457 9.53 7.68 -34.78
CA THR A 457 10.38 6.66 -35.42
C THR A 457 11.65 6.32 -34.64
N LYS A 458 12.11 7.25 -33.81
CA LYS A 458 13.32 7.09 -32.99
C LYS A 458 14.59 7.28 -33.84
N ILE A 459 14.41 7.74 -35.08
CA ILE A 459 15.51 8.00 -36.02
C ILE A 459 16.15 9.38 -35.82
N TRP A 460 17.48 9.41 -35.76
CA TRP A 460 18.22 10.64 -35.60
C TRP A 460 18.47 11.32 -36.94
N ASN A 461 18.29 12.64 -36.97
CA ASN A 461 18.53 13.40 -38.19
C ASN A 461 19.78 14.23 -37.96
N GLY A 462 20.08 15.11 -38.90
CA GLY A 462 21.23 15.98 -38.79
C GLY A 462 22.58 15.30 -38.79
N MET A 463 23.59 16.03 -38.33
CA MET A 463 24.94 15.51 -38.24
C MET A 463 25.01 14.31 -37.31
N VAL A 464 24.18 14.31 -36.26
CA VAL A 464 24.13 13.19 -35.31
C VAL A 464 23.72 11.92 -36.06
N GLY A 465 22.67 12.05 -36.86
CA GLY A 465 22.16 10.96 -37.66
C GLY A 465 23.18 10.44 -38.68
N GLU A 466 23.92 11.35 -39.30
CA GLU A 466 24.94 10.92 -40.25
C GLU A 466 26.04 10.11 -39.59
N LEU A 467 26.31 10.42 -38.32
CA LEU A 467 27.32 9.72 -37.53
C LEU A 467 26.78 8.39 -37.04
N VAL A 468 25.55 8.43 -36.52
CA VAL A 468 24.83 7.28 -35.99
C VAL A 468 24.62 6.19 -37.04
N TYR A 469 24.32 6.62 -38.29
CA TYR A 469 24.09 5.66 -39.36
C TYR A 469 25.27 5.43 -40.27
N GLY A 470 26.46 5.86 -39.85
CA GLY A 470 27.68 5.63 -40.61
C GLY A 470 27.86 6.34 -41.93
N LYS A 471 27.19 7.47 -42.12
CA LYS A 471 27.32 8.25 -43.35
C LYS A 471 28.53 9.20 -43.24
N ALA A 472 28.93 9.50 -42.02
CA ALA A 472 30.07 10.39 -41.74
C ALA A 472 30.91 9.77 -40.63
N ASP A 473 32.21 10.09 -40.65
CA ASP A 473 33.15 9.56 -39.65
C ASP A 473 33.39 10.48 -38.44
N ILE A 474 33.14 11.76 -38.65
CA ILE A 474 33.39 12.75 -37.59
C ILE A 474 32.60 14.02 -37.91
N ALA A 475 32.08 14.66 -36.87
CA ALA A 475 31.37 15.91 -37.10
C ALA A 475 32.21 16.98 -36.45
N ILE A 476 32.65 17.95 -37.25
CA ILE A 476 33.43 19.09 -36.79
C ILE A 476 32.52 20.30 -37.11
N ALA A 477 31.72 20.71 -36.11
CA ALA A 477 30.75 21.78 -36.25
C ALA A 477 30.40 22.34 -34.87
N PRO A 478 29.60 23.45 -34.81
CA PRO A 478 29.22 24.00 -33.49
C PRO A 478 28.12 23.09 -32.90
N LEU A 479 28.49 21.84 -32.61
CA LEU A 479 27.60 20.79 -32.10
C LEU A 479 27.69 20.67 -30.57
N THR A 480 26.57 20.94 -29.92
CA THR A 480 26.44 20.95 -28.48
C THR A 480 26.43 19.60 -27.78
N ILE A 481 27.35 19.44 -26.84
CA ILE A 481 27.47 18.24 -26.05
C ILE A 481 26.24 18.19 -25.15
N THR A 482 25.41 17.17 -25.36
CA THR A 482 24.19 16.98 -24.57
C THR A 482 24.10 15.53 -24.11
N LEU A 483 23.29 15.31 -23.09
CA LEU A 483 23.07 13.97 -22.53
C LEU A 483 22.46 12.99 -23.56
N VAL A 484 21.41 13.41 -24.27
CA VAL A 484 20.78 12.51 -25.25
C VAL A 484 21.69 12.13 -26.38
N ARG A 485 22.51 13.06 -26.84
CA ARG A 485 23.45 12.76 -27.91
C ARG A 485 24.59 11.88 -27.40
N GLU A 486 25.10 12.21 -26.21
CA GLU A 486 26.18 11.45 -25.59
C GLU A 486 25.80 9.97 -25.44
N GLU A 487 24.51 9.67 -25.49
CA GLU A 487 24.04 8.30 -25.37
C GLU A 487 24.21 7.50 -26.69
N VAL A 488 24.30 8.22 -27.81
CA VAL A 488 24.44 7.57 -29.11
C VAL A 488 25.74 7.87 -29.88
N ILE A 489 26.45 8.91 -29.47
CA ILE A 489 27.72 9.29 -30.11
C ILE A 489 28.73 9.74 -29.07
N ASP A 490 29.99 9.84 -29.47
CA ASP A 490 31.04 10.28 -28.58
C ASP A 490 31.38 11.73 -28.85
N PHE A 491 31.74 12.45 -27.80
CA PHE A 491 32.12 13.86 -27.93
C PHE A 491 33.48 14.06 -27.29
N SER A 492 34.31 14.89 -27.91
CA SER A 492 35.59 15.22 -27.34
C SER A 492 35.29 16.28 -26.27
N LYS A 493 36.31 16.64 -25.51
CA LYS A 493 36.17 17.69 -24.51
C LYS A 493 35.82 18.95 -25.32
N PRO A 494 35.08 19.91 -24.74
CA PRO A 494 34.72 21.14 -25.48
C PRO A 494 35.84 21.96 -26.10
N PHE A 495 35.64 22.38 -27.36
CA PHE A 495 36.63 23.22 -28.04
C PHE A 495 36.20 24.69 -27.92
N MET A 496 34.96 24.88 -27.48
CA MET A 496 34.37 26.20 -27.28
C MET A 496 33.25 26.20 -26.22
N SER A 497 33.29 27.18 -25.33
CA SER A 497 32.27 27.33 -24.29
C SER A 497 31.17 28.27 -24.76
N LEU A 498 29.95 28.07 -24.28
CA LEU A 498 28.85 28.92 -24.70
C LEU A 498 27.60 28.72 -23.81
N GLY A 499 26.55 29.48 -24.12
CA GLY A 499 25.31 29.35 -23.40
C GLY A 499 24.17 29.95 -24.23
N ILE A 500 22.94 29.54 -23.97
CA ILE A 500 21.78 30.09 -24.69
C ILE A 500 21.62 31.58 -24.33
N SER A 501 21.29 32.40 -25.32
CA SER A 501 21.19 33.84 -25.11
C SER A 501 20.04 34.40 -25.90
N ILE A 502 19.76 35.70 -25.71
CA ILE A 502 18.67 36.35 -26.45
C ILE A 502 19.20 37.37 -27.46
N MET A 503 18.62 37.36 -28.64
CA MET A 503 18.98 38.32 -29.67
C MET A 503 17.74 39.18 -29.93
N ILE A 504 17.88 40.47 -29.70
CA ILE A 504 16.78 41.45 -29.95
C ILE A 504 17.05 42.38 -31.11
N LYS A 505 16.02 42.95 -31.65
CA LYS A 505 16.25 43.99 -32.62
C LYS A 505 16.58 45.22 -31.77
N LYS A 506 17.60 45.91 -32.13
CA LYS A 506 17.95 47.06 -31.36
C LYS A 506 16.77 47.90 -30.82
N PRO A 632 12.03 46.46 -26.17
CA PRO A 632 11.80 46.38 -24.68
C PRO A 632 12.10 45.08 -23.95
N ILE A 633 13.20 44.40 -24.19
CA ILE A 633 13.44 43.14 -23.49
C ILE A 633 14.85 43.17 -22.96
N GLU A 634 15.00 42.85 -21.68
CA GLU A 634 16.30 42.83 -21.03
C GLU A 634 16.74 41.43 -20.59
N SER A 635 15.83 40.46 -20.60
CA SER A 635 16.22 39.11 -20.19
C SER A 635 15.13 38.08 -20.45
N ALA A 636 15.41 36.82 -20.12
CA ALA A 636 14.45 35.72 -20.32
C ALA A 636 13.18 36.01 -19.57
N GLU A 637 13.32 36.46 -18.32
CA GLU A 637 12.16 36.81 -17.50
C GLU A 637 11.22 37.82 -18.22
N ASP A 638 11.79 38.79 -18.94
CA ASP A 638 11.01 39.80 -19.66
C ASP A 638 10.18 39.20 -20.80
N LEU A 639 10.75 38.22 -21.51
CA LEU A 639 10.04 37.56 -22.61
C LEU A 639 8.82 36.77 -22.07
N SER A 640 9.01 36.13 -20.92
CA SER A 640 7.98 35.33 -20.25
C SER A 640 6.86 36.11 -19.57
N LYS A 641 6.93 37.44 -19.59
CA LYS A 641 5.92 38.30 -18.96
C LYS A 641 5.06 39.10 -19.94
N GLN A 642 5.32 38.95 -21.23
CA GLN A 642 4.55 39.67 -22.24
C GLN A 642 4.20 38.80 -23.43
N THR A 643 3.22 39.24 -24.22
CA THR A 643 2.80 38.50 -25.39
C THR A 643 2.94 39.29 -26.67
N GLU A 644 3.29 40.58 -26.53
CA GLU A 644 3.46 41.49 -27.67
C GLU A 644 4.64 41.09 -28.55
N ILE A 645 5.74 40.72 -27.91
CA ILE A 645 6.95 40.31 -28.63
C ILE A 645 7.02 38.78 -28.70
N ALA A 646 7.05 38.28 -29.94
CA ALA A 646 7.13 36.84 -30.21
C ALA A 646 8.59 36.37 -30.11
N TYR A 647 8.77 35.11 -29.72
CA TYR A 647 10.12 34.56 -29.58
C TYR A 647 10.14 33.05 -29.79
N GLY A 648 11.23 32.57 -30.38
CA GLY A 648 11.37 31.14 -30.63
C GLY A 648 12.82 30.70 -30.76
N THR A 649 13.03 29.45 -31.17
CA THR A 649 14.38 28.92 -31.34
C THR A 649 14.52 28.14 -32.66
N LEU A 650 15.71 27.57 -32.84
CA LEU A 650 16.02 26.76 -34.00
C LEU A 650 15.41 25.39 -33.85
N ASP A 651 14.92 24.84 -34.94
CA ASP A 651 14.35 23.49 -34.96
C ASP A 651 15.51 22.46 -34.95
N SER A 652 15.25 21.28 -34.38
CA SER A 652 16.24 20.20 -34.35
C SER A 652 17.59 20.48 -33.66
N GLY A 653 17.59 21.40 -32.71
CA GLY A 653 18.83 21.69 -32.03
C GLY A 653 18.70 21.52 -30.53
N SER A 654 19.80 21.78 -29.84
CA SER A 654 19.84 21.67 -28.39
C SER A 654 19.12 22.80 -27.67
N THR A 655 19.03 23.99 -28.28
CA THR A 655 18.33 25.12 -27.64
C THR A 655 16.83 24.79 -27.49
N LYS A 656 16.24 24.19 -28.52
CA LYS A 656 14.82 23.83 -28.47
C LYS A 656 14.59 22.77 -27.38
N GLU A 657 15.54 21.84 -27.26
CA GLU A 657 15.47 20.77 -26.27
C GLU A 657 15.60 21.34 -24.87
N PHE A 658 16.49 22.32 -24.70
CA PHE A 658 16.69 22.94 -23.41
C PHE A 658 15.36 23.42 -22.84
N PHE A 659 14.57 24.08 -23.67
CA PHE A 659 13.28 24.60 -23.23
C PHE A 659 12.21 23.52 -23.08
N ARG A 660 12.33 22.43 -23.85
CA ARG A 660 11.38 21.32 -23.79
C ARG A 660 11.57 20.53 -22.50
N ARG A 661 12.81 20.39 -22.08
CA ARG A 661 13.16 19.66 -20.87
C ARG A 661 13.47 20.58 -19.66
N SER A 662 12.87 21.77 -19.61
CA SER A 662 13.15 22.70 -18.53
C SER A 662 12.05 22.89 -17.49
N LYS A 663 12.41 22.62 -16.23
CA LYS A 663 11.49 22.75 -15.12
C LYS A 663 11.54 24.12 -14.46
N ILE A 664 12.63 24.86 -14.72
CA ILE A 664 12.81 26.21 -14.18
C ILE A 664 11.60 27.04 -14.65
N ALA A 665 10.77 27.46 -13.69
CA ALA A 665 9.54 28.26 -13.92
C ALA A 665 9.46 29.15 -15.15
N VAL A 666 10.45 30.03 -15.34
CA VAL A 666 10.46 30.94 -16.48
C VAL A 666 10.67 30.20 -17.80
N PHE A 667 11.62 29.28 -17.82
CA PHE A 667 11.93 28.49 -19.02
C PHE A 667 10.79 27.52 -19.37
N ASP A 668 10.12 26.99 -18.33
CA ASP A 668 8.98 26.11 -18.55
C ASP A 668 7.86 26.92 -19.17
N LYS A 669 7.63 28.10 -18.61
CA LYS A 669 6.60 29.02 -19.06
C LYS A 669 6.86 29.52 -20.48
N MET A 670 8.12 29.72 -20.83
CA MET A 670 8.49 30.17 -22.16
C MET A 670 8.20 29.10 -23.21
N TRP A 671 8.52 27.86 -22.86
CA TRP A 671 8.30 26.69 -23.73
C TRP A 671 6.81 26.48 -23.99
N THR A 672 6.01 26.63 -22.95
CA THR A 672 4.57 26.45 -23.11
C THR A 672 4.04 27.46 -24.10
N TYR A 673 4.57 28.68 -24.07
CA TYR A 673 4.15 29.68 -25.04
C TYR A 673 4.67 29.32 -26.43
N MET A 674 5.94 28.93 -26.53
CA MET A 674 6.54 28.60 -27.83
C MET A 674 5.93 27.37 -28.48
N ARG A 675 5.83 26.29 -27.70
CA ARG A 675 5.26 25.01 -28.16
C ARG A 675 3.94 25.22 -28.87
N SER A 676 3.06 25.98 -28.22
CA SER A 676 1.73 26.26 -28.75
C SER A 676 1.62 27.45 -29.69
N ALA A 677 2.70 28.23 -29.83
CA ALA A 677 2.69 29.40 -30.71
C ALA A 677 2.13 29.21 -32.11
N GLU A 678 1.37 30.20 -32.61
CA GLU A 678 0.77 30.14 -33.94
C GLU A 678 0.63 31.56 -34.54
N PRO A 679 1.35 31.86 -35.64
CA PRO A 679 2.31 31.06 -36.43
C PRO A 679 3.53 30.61 -35.64
N SER A 680 4.17 29.57 -36.16
CA SER A 680 5.35 28.97 -35.54
C SER A 680 6.48 29.97 -35.30
N VAL A 681 7.04 29.94 -34.10
CA VAL A 681 8.14 30.82 -33.73
C VAL A 681 9.48 30.10 -33.90
N PHE A 682 9.41 28.85 -34.38
CA PHE A 682 10.61 28.06 -34.64
C PHE A 682 11.08 28.28 -36.08
N VAL A 683 12.39 28.13 -36.29
CA VAL A 683 13.04 28.36 -37.58
C VAL A 683 13.90 27.18 -38.05
N ARG A 684 14.06 27.06 -39.37
CA ARG A 684 14.85 25.98 -39.96
C ARG A 684 16.37 26.16 -39.80
N THR A 685 16.82 27.40 -39.87
CA THR A 685 18.24 27.71 -39.74
C THR A 685 18.42 28.96 -38.90
N THR A 686 19.63 29.15 -38.40
CA THR A 686 19.98 30.32 -37.62
C THR A 686 19.74 31.56 -38.49
N ALA A 687 20.19 31.51 -39.76
CA ALA A 687 20.02 32.62 -40.68
C ALA A 687 18.57 33.07 -40.74
N GLU A 688 17.65 32.12 -40.73
CA GLU A 688 16.21 32.39 -40.76
C GLU A 688 15.73 33.09 -39.48
N GLY A 689 16.29 32.68 -38.34
CA GLY A 689 15.92 33.32 -37.09
C GLY A 689 16.41 34.76 -37.06
N VAL A 690 17.66 34.98 -37.46
CA VAL A 690 18.28 36.30 -37.49
C VAL A 690 17.54 37.25 -38.44
N ALA A 691 17.19 36.75 -39.63
CA ALA A 691 16.46 37.55 -40.62
C ALA A 691 15.09 37.94 -40.09
N ARG A 692 14.44 37.02 -39.39
CA ARG A 692 13.12 37.26 -38.80
C ARG A 692 13.16 38.35 -37.74
N VAL A 693 14.15 38.32 -36.86
CA VAL A 693 14.33 39.35 -35.83
C VAL A 693 14.49 40.73 -36.54
N ARG A 694 15.34 40.75 -37.58
CA ARG A 694 15.64 41.96 -38.34
C ARG A 694 14.47 42.61 -39.08
N LYS A 695 13.56 41.80 -39.61
CA LYS A 695 12.43 42.34 -40.35
C LYS A 695 11.17 42.50 -39.52
N SER A 696 11.19 42.00 -38.28
CA SER A 696 10.02 42.07 -37.41
C SER A 696 9.76 43.36 -36.66
N LYS A 697 10.52 44.41 -36.97
CA LYS A 697 10.34 45.71 -36.33
C LYS A 697 10.36 45.58 -34.81
N GLY A 698 11.20 44.68 -34.31
CA GLY A 698 11.30 44.47 -32.88
C GLY A 698 10.20 43.62 -32.27
N LYS A 699 9.35 43.01 -33.09
CA LYS A 699 8.26 42.16 -32.56
C LYS A 699 8.61 40.68 -32.44
N TYR A 700 9.86 40.34 -32.71
CA TYR A 700 10.35 38.96 -32.61
C TYR A 700 11.77 38.93 -32.04
N ALA A 701 11.96 38.16 -30.97
CA ALA A 701 13.27 37.97 -30.33
C ALA A 701 13.68 36.54 -30.64
N TYR A 702 14.98 36.32 -30.78
CA TYR A 702 15.45 35.00 -31.12
C TYR A 702 16.37 34.42 -30.05
N LEU A 703 16.09 33.18 -29.66
CA LEU A 703 16.89 32.49 -28.66
C LEU A 703 17.88 31.60 -29.40
N LEU A 704 19.16 31.87 -29.19
CA LEU A 704 20.25 31.16 -29.83
C LEU A 704 21.50 31.18 -28.97
N GLU A 705 22.52 30.42 -29.36
CA GLU A 705 23.75 30.35 -28.58
C GLU A 705 24.58 31.64 -28.65
N SER A 706 25.13 32.01 -27.49
CA SER A 706 25.94 33.21 -27.29
C SER A 706 27.01 33.42 -28.37
N THR A 707 27.65 32.34 -28.79
CA THR A 707 28.65 32.35 -29.84
C THR A 707 28.12 32.93 -31.15
N MET A 708 26.98 32.43 -31.59
CA MET A 708 26.40 32.87 -32.85
C MET A 708 25.79 34.25 -32.73
N ASN A 709 25.25 34.54 -31.53
CA ASN A 709 24.61 35.83 -31.22
C ASN A 709 25.63 36.98 -31.28
N GLU A 710 26.76 36.78 -30.62
CA GLU A 710 27.82 37.78 -30.56
C GLU A 710 28.54 37.96 -31.89
N TYR A 711 28.47 36.95 -32.75
CA TYR A 711 29.08 37.04 -34.07
C TYR A 711 28.24 37.98 -34.94
N ILE A 712 26.93 37.74 -34.95
CA ILE A 712 25.96 38.51 -35.72
C ILE A 712 25.88 39.95 -35.21
N GLU A 713 26.07 40.10 -33.91
CA GLU A 713 26.05 41.40 -33.25
C GLU A 713 27.14 42.31 -33.83
N GLN A 714 28.24 41.70 -34.28
CA GLN A 714 29.38 42.40 -34.86
C GLN A 714 29.41 42.38 -36.39
N ARG A 715 28.24 42.21 -37.01
CA ARG A 715 28.14 42.19 -38.47
C ARG A 715 27.05 43.14 -38.98
N LYS A 716 27.32 43.79 -40.11
CA LYS A 716 26.35 44.71 -40.74
C LYS A 716 25.09 43.91 -41.04
N PRO A 717 23.90 44.56 -40.99
CA PRO A 717 23.65 45.98 -40.72
C PRO A 717 23.74 46.48 -39.27
N CYS A 718 24.45 45.75 -38.41
CA CYS A 718 24.63 46.15 -37.01
C CYS A 718 23.33 46.56 -36.33
N ASP A 719 22.26 45.84 -36.63
CA ASP A 719 20.96 46.16 -36.09
C ASP A 719 20.44 45.20 -35.05
N THR A 720 21.31 44.34 -34.54
CA THR A 720 20.93 43.41 -33.49
C THR A 720 21.87 43.48 -32.31
N MET A 721 21.44 42.90 -31.21
CA MET A 721 22.20 42.93 -29.99
C MET A 721 21.82 41.79 -29.05
N LYS A 722 22.82 41.26 -28.34
CA LYS A 722 22.65 40.21 -27.33
C LYS A 722 22.22 40.92 -26.04
N VAL A 723 21.16 40.44 -25.39
CA VAL A 723 20.72 41.06 -24.14
C VAL A 723 20.70 40.07 -22.99
N GLY A 724 21.14 40.54 -21.83
CA GLY A 724 21.18 39.70 -20.65
C GLY A 724 22.31 38.71 -20.69
N GLY A 725 22.36 37.87 -19.67
CA GLY A 725 23.42 36.89 -19.60
C GLY A 725 22.96 35.60 -20.24
N ASN A 726 23.86 34.61 -20.23
CA ASN A 726 23.56 33.30 -20.79
C ASN A 726 22.59 32.56 -19.88
N LEU A 727 21.77 31.73 -20.50
CA LEU A 727 20.78 30.97 -19.78
C LEU A 727 21.38 29.68 -19.19
N ASP A 728 22.54 29.30 -19.69
CA ASP A 728 23.23 28.10 -19.22
C ASP A 728 24.70 28.12 -19.65
N SER A 729 25.44 27.09 -19.24
CA SER A 729 26.85 26.98 -19.59
C SER A 729 27.09 25.61 -20.17
N LYS A 730 27.36 25.57 -21.47
CA LYS A 730 27.62 24.30 -22.11
C LYS A 730 28.85 24.44 -23.01
N GLY A 731 29.02 23.47 -23.90
CA GLY A 731 30.15 23.50 -24.79
C GLY A 731 29.91 22.70 -26.06
N TYR A 732 30.70 23.02 -27.09
CA TYR A 732 30.62 22.31 -28.33
C TYR A 732 31.73 21.27 -28.32
N GLY A 733 31.48 20.09 -28.88
CA GLY A 733 32.51 19.08 -28.94
C GLY A 733 32.60 18.47 -30.33
N ILE A 734 33.75 17.88 -30.65
CA ILE A 734 33.93 17.19 -31.92
C ILE A 734 33.33 15.80 -31.64
N ALA A 735 32.41 15.38 -32.51
CA ALA A 735 31.70 14.12 -32.37
C ALA A 735 32.11 13.00 -33.32
N THR A 736 32.10 11.78 -32.79
CA THR A 736 32.46 10.61 -33.58
C THR A 736 31.50 9.50 -33.23
N PRO A 737 31.32 8.52 -34.15
CA PRO A 737 30.40 7.43 -33.80
C PRO A 737 30.96 6.62 -32.61
N LYS A 738 30.07 6.06 -31.81
CA LYS A 738 30.46 5.26 -30.64
C LYS A 738 31.45 4.16 -31.07
N GLY A 739 32.54 4.03 -30.30
CA GLY A 739 33.55 3.02 -30.61
C GLY A 739 34.47 3.33 -31.78
N SER A 740 34.48 4.59 -32.20
CA SER A 740 35.32 5.05 -33.30
C SER A 740 36.82 5.06 -32.91
N SER A 741 37.67 4.64 -33.84
CA SER A 741 39.11 4.60 -33.65
C SER A 741 39.69 6.02 -33.54
N LEU A 742 38.97 6.99 -34.11
CA LEU A 742 39.37 8.40 -34.11
C LEU A 742 39.12 9.13 -32.80
N GLY A 743 38.10 8.68 -32.06
CA GLY A 743 37.70 9.31 -30.80
C GLY A 743 38.82 9.71 -29.87
N ASN A 744 39.64 8.74 -29.49
CA ASN A 744 40.74 9.01 -28.58
C ASN A 744 41.67 10.11 -29.05
N PRO A 745 42.20 9.96 -30.26
CA PRO A 745 43.14 10.92 -30.80
C PRO A 745 42.61 12.34 -30.92
N VAL A 746 41.36 12.49 -31.35
CA VAL A 746 40.78 13.83 -31.53
C VAL A 746 40.56 14.55 -30.21
N ASN A 747 40.20 13.78 -29.19
CA ASN A 747 39.96 14.37 -27.89
C ASN A 747 41.24 15.02 -27.36
N LEU A 748 42.35 14.29 -27.48
CA LEU A 748 43.64 14.76 -27.01
C LEU A 748 44.12 15.93 -27.87
N ALA A 749 43.74 15.90 -29.15
CA ALA A 749 44.09 16.98 -30.07
C ALA A 749 43.37 18.27 -29.65
N VAL A 750 42.10 18.16 -29.29
CA VAL A 750 41.33 19.32 -28.84
C VAL A 750 42.05 19.93 -27.63
N LEU A 751 42.40 19.08 -26.66
CA LEU A 751 43.10 19.55 -25.45
C LEU A 751 44.43 20.25 -25.79
N LYS A 752 45.18 19.68 -26.73
CA LYS A 752 46.46 20.27 -27.15
C LYS A 752 46.26 21.66 -27.76
N LEU A 753 45.29 21.76 -28.66
CA LEU A 753 44.98 23.01 -29.35
C LEU A 753 44.52 24.09 -28.39
N ASN A 754 43.73 23.71 -27.38
CA ASN A 754 43.26 24.70 -26.42
C ASN A 754 44.43 25.22 -25.61
N GLU A 755 45.28 24.30 -25.17
CA GLU A 755 46.46 24.66 -24.40
C GLU A 755 47.52 25.46 -25.17
N GLN A 756 47.74 25.13 -26.45
CA GLN A 756 48.70 25.85 -27.31
C GLN A 756 48.24 27.29 -27.57
N GLY A 757 46.97 27.58 -27.29
CA GLY A 757 46.41 28.91 -27.50
C GLY A 757 45.71 29.07 -28.84
N LEU A 758 45.70 28.02 -29.66
CA LEU A 758 45.10 28.04 -30.98
C LEU A 758 43.59 28.32 -31.04
N LEU A 759 42.81 27.68 -30.16
CA LEU A 759 41.35 27.88 -30.14
C LEU A 759 41.02 29.34 -29.91
N ASP A 760 41.74 29.97 -28.98
CA ASP A 760 41.52 31.40 -28.67
C ASP A 760 41.90 32.26 -29.87
N LYS A 761 43.00 31.88 -30.53
CA LYS A 761 43.47 32.58 -31.72
C LYS A 761 42.41 32.50 -32.84
N LEU A 762 41.88 31.30 -33.09
CA LEU A 762 40.86 31.14 -34.13
C LEU A 762 39.58 31.89 -33.79
N LYS A 763 39.23 31.91 -32.50
CA LYS A 763 38.04 32.60 -32.02
C LYS A 763 38.10 34.11 -32.33
N ASN A 764 39.23 34.74 -32.00
CA ASN A 764 39.40 36.16 -32.27
C ASN A 764 39.52 36.45 -33.75
N LYS A 765 40.12 35.52 -34.48
CA LYS A 765 40.29 35.65 -35.93
C LYS A 765 38.96 35.78 -36.65
N TRP A 766 38.03 34.85 -36.37
CA TRP A 766 36.71 34.82 -37.02
C TRP A 766 35.61 35.67 -36.42
N TRP A 767 35.74 36.02 -35.15
CA TRP A 767 34.72 36.83 -34.49
C TRP A 767 35.00 38.33 -34.48
N TYR A 768 36.20 38.72 -34.01
CA TYR A 768 36.47 40.14 -33.84
C TYR A 768 37.44 40.80 -34.83
N ASP A 769 38.43 40.10 -35.37
CA ASP A 769 39.30 40.73 -36.38
C ASP A 769 38.47 41.00 -37.63
N LYS A 770 37.37 40.27 -37.74
CA LYS A 770 36.47 40.43 -38.85
C LYS A 770 35.22 41.25 -38.50
N GLY A 771 35.14 41.72 -37.25
CA GLY A 771 34.00 42.52 -36.83
C GLY A 771 33.88 43.80 -37.64
N GLU A 772 32.67 44.10 -38.11
CA GLU A 772 32.43 45.29 -38.91
C GLU A 772 31.47 46.33 -38.32
N CYS A 773 31.42 46.37 -36.98
CA CYS A 773 30.56 47.34 -36.29
C CYS A 773 31.39 48.22 -35.36
N ASN B 4 -43.25 -47.39 -29.38
CA ASN B 4 -42.17 -46.64 -30.02
C ASN B 4 -40.91 -46.62 -29.16
N SER B 5 -39.95 -47.46 -29.51
CA SER B 5 -38.70 -47.57 -28.75
C SER B 5 -37.53 -47.03 -29.56
N ILE B 6 -37.00 -45.88 -29.14
CA ILE B 6 -35.88 -45.26 -29.82
C ILE B 6 -34.57 -45.50 -29.06
N GLN B 7 -33.72 -46.35 -29.59
CA GLN B 7 -32.46 -46.69 -28.95
C GLN B 7 -31.39 -45.64 -29.23
N ILE B 8 -30.74 -45.16 -28.18
CA ILE B 8 -29.67 -44.18 -28.32
C ILE B 8 -28.44 -44.61 -27.52
N GLY B 9 -27.28 -44.05 -27.88
CA GLY B 9 -26.04 -44.37 -27.21
C GLY B 9 -25.66 -43.33 -26.17
N GLY B 10 -24.97 -43.77 -25.12
CA GLY B 10 -24.54 -42.88 -24.07
C GLY B 10 -23.10 -43.12 -23.66
N LEU B 11 -22.22 -42.20 -24.06
CA LEU B 11 -20.80 -42.31 -23.72
C LEU B 11 -20.43 -41.39 -22.57
N PHE B 12 -20.44 -41.94 -21.36
CA PHE B 12 -20.12 -41.17 -20.16
C PHE B 12 -18.75 -41.54 -19.61
N PRO B 13 -17.86 -40.55 -19.52
CA PRO B 13 -16.51 -40.74 -18.96
C PRO B 13 -16.59 -41.14 -17.48
N ARG B 14 -15.79 -42.11 -17.07
CA ARG B 14 -15.77 -42.55 -15.69
C ARG B 14 -15.54 -41.38 -14.75
N GLY B 15 -16.52 -41.11 -13.89
CA GLY B 15 -16.43 -39.99 -12.96
C GLY B 15 -17.53 -38.97 -13.17
N ALA B 16 -18.24 -39.09 -14.29
CA ALA B 16 -19.33 -38.19 -14.61
C ALA B 16 -20.60 -38.59 -13.86
N ASP B 17 -20.53 -38.54 -12.53
CA ASP B 17 -21.65 -38.93 -11.69
C ASP B 17 -22.83 -37.97 -11.81
N GLN B 18 -22.59 -36.70 -11.52
CA GLN B 18 -23.64 -35.70 -11.58
C GLN B 18 -24.18 -35.54 -13.00
N GLU B 19 -23.30 -35.70 -13.98
CA GLU B 19 -23.70 -35.62 -15.38
C GLU B 19 -24.69 -36.72 -15.72
N TYR B 20 -24.40 -37.94 -15.27
CA TYR B 20 -25.28 -39.07 -15.53
C TYR B 20 -26.56 -38.96 -14.70
N SER B 21 -26.43 -38.48 -13.48
CA SER B 21 -27.59 -38.26 -12.63
C SER B 21 -28.56 -37.28 -13.27
N ALA B 22 -28.00 -36.22 -13.87
CA ALA B 22 -28.80 -35.24 -14.59
C ALA B 22 -29.36 -35.86 -15.87
N PHE B 23 -28.61 -36.81 -16.43
CA PHE B 23 -29.05 -37.51 -17.63
C PHE B 23 -30.26 -38.39 -17.32
N ARG B 24 -30.26 -38.97 -16.12
CA ARG B 24 -31.38 -39.81 -15.69
C ARG B 24 -32.62 -38.98 -15.41
N VAL B 25 -32.45 -37.89 -14.68
CA VAL B 25 -33.56 -37.01 -14.34
C VAL B 25 -34.24 -36.48 -15.61
N GLY B 26 -33.43 -36.24 -16.63
CA GLY B 26 -33.96 -35.78 -17.91
C GLY B 26 -34.82 -36.83 -18.58
N MET B 27 -34.38 -38.09 -18.47
CA MET B 27 -35.13 -39.21 -19.03
C MET B 27 -36.52 -39.30 -18.40
N VAL B 28 -36.60 -38.93 -17.13
CA VAL B 28 -37.86 -39.00 -16.38
C VAL B 28 -38.75 -37.80 -16.67
N GLN B 29 -38.16 -36.61 -16.69
CA GLN B 29 -38.92 -35.38 -16.88
C GLN B 29 -39.45 -35.24 -18.30
N PHE B 30 -38.76 -35.85 -19.26
CA PHE B 30 -39.15 -35.75 -20.66
C PHE B 30 -39.60 -37.08 -21.24
N SER B 31 -40.17 -37.93 -20.39
CA SER B 31 -40.69 -39.22 -20.83
C SER B 31 -42.16 -39.10 -21.21
N THR B 32 -42.50 -39.54 -22.42
CA THR B 32 -43.87 -39.47 -22.91
C THR B 32 -44.37 -40.83 -23.37
N SER B 33 -45.68 -40.94 -23.56
CA SER B 33 -46.30 -42.19 -23.99
C SER B 33 -46.12 -42.40 -25.49
N GLU B 34 -45.94 -41.30 -26.22
CA GLU B 34 -45.77 -41.36 -27.67
C GLU B 34 -44.55 -42.20 -28.05
N PHE B 35 -43.49 -42.07 -27.25
CA PHE B 35 -42.26 -42.83 -27.50
C PHE B 35 -41.33 -42.76 -26.29
N ARG B 36 -40.53 -43.82 -26.12
CA ARG B 36 -39.59 -43.88 -25.00
C ARG B 36 -38.16 -44.05 -25.51
N LEU B 37 -37.22 -43.37 -24.85
CA LEU B 37 -35.82 -43.44 -25.23
C LEU B 37 -35.10 -44.54 -24.44
N THR B 38 -34.35 -45.38 -25.16
CA THR B 38 -33.62 -46.47 -24.53
C THR B 38 -32.11 -46.22 -24.57
N PRO B 39 -31.57 -45.67 -23.48
CA PRO B 39 -30.15 -45.34 -23.37
C PRO B 39 -29.28 -46.57 -23.14
N HIS B 40 -28.26 -46.75 -23.98
CA HIS B 40 -27.29 -47.82 -23.78
C HIS B 40 -25.98 -47.20 -23.27
N ILE B 41 -25.78 -47.24 -21.97
CA ILE B 41 -24.66 -46.54 -21.35
C ILE B 41 -23.34 -47.30 -21.45
N ASP B 42 -22.28 -46.58 -21.82
CA ASP B 42 -20.95 -47.15 -21.90
C ASP B 42 -19.93 -46.26 -21.19
N ASN B 43 -19.46 -46.71 -20.04
CA ASN B 43 -18.48 -45.96 -19.26
C ASN B 43 -17.05 -46.29 -19.66
N LEU B 44 -16.44 -45.41 -20.44
CA LEU B 44 -15.07 -45.60 -20.90
C LEU B 44 -14.21 -44.37 -20.66
N GLU B 45 -12.89 -44.56 -20.67
CA GLU B 45 -11.97 -43.44 -20.53
C GLU B 45 -12.04 -42.56 -21.77
N VAL B 46 -12.75 -41.45 -21.64
CA VAL B 46 -13.00 -40.56 -22.78
C VAL B 46 -11.71 -40.11 -23.47
N ALA B 47 -10.62 -40.03 -22.72
CA ALA B 47 -9.34 -39.61 -23.27
C ALA B 47 -8.79 -40.60 -24.29
N ASN B 48 -8.90 -41.88 -23.97
CA ASN B 48 -8.40 -42.93 -24.86
C ASN B 48 -9.15 -42.96 -26.19
N SER B 49 -8.44 -42.62 -27.26
CA SER B 49 -9.05 -42.57 -28.59
C SER B 49 -9.52 -43.95 -29.06
N PHE B 50 -8.72 -44.97 -28.78
CA PHE B 50 -9.04 -46.34 -29.17
C PHE B 50 -10.36 -46.78 -28.54
N ALA B 51 -10.46 -46.65 -27.23
CA ALA B 51 -11.67 -47.05 -26.50
C ALA B 51 -12.90 -46.35 -27.05
N VAL B 52 -12.76 -45.05 -27.32
CA VAL B 52 -13.87 -44.26 -27.86
C VAL B 52 -14.32 -44.80 -29.21
N THR B 53 -13.36 -45.31 -29.99
CA THR B 53 -13.67 -45.87 -31.30
C THR B 53 -14.52 -47.14 -31.16
N ASN B 54 -14.17 -47.98 -30.20
CA ASN B 54 -14.93 -49.20 -29.93
C ASN B 54 -16.33 -48.89 -29.42
N ALA B 55 -16.42 -47.98 -28.45
CA ALA B 55 -17.70 -47.60 -27.86
C ALA B 55 -18.64 -47.03 -28.91
N PHE B 56 -18.07 -46.39 -29.93
CA PHE B 56 -18.85 -45.82 -31.02
C PHE B 56 -19.35 -46.90 -31.97
N CYS B 57 -18.44 -47.77 -32.39
CA CYS B 57 -18.78 -48.86 -33.30
C CYS B 57 -19.69 -49.87 -32.63
N SER B 58 -19.56 -50.01 -31.31
CA SER B 58 -20.40 -50.92 -30.54
C SER B 58 -21.83 -50.41 -30.51
N GLN B 59 -21.99 -49.12 -30.21
CA GLN B 59 -23.30 -48.49 -30.17
C GLN B 59 -23.88 -48.39 -31.58
N PHE B 60 -23.01 -48.43 -32.58
CA PHE B 60 -23.44 -48.34 -33.98
C PHE B 60 -23.94 -49.69 -34.48
N SER B 61 -23.29 -50.76 -34.04
CA SER B 61 -23.72 -52.12 -34.41
C SER B 61 -25.03 -52.47 -33.72
N ARG B 62 -25.21 -51.92 -32.51
CA ARG B 62 -26.45 -52.13 -31.77
C ARG B 62 -27.59 -51.37 -32.44
N GLY B 63 -27.26 -50.60 -33.47
CA GLY B 63 -28.25 -49.87 -34.24
C GLY B 63 -28.93 -48.76 -33.47
N VAL B 64 -28.20 -47.70 -33.17
CA VAL B 64 -28.76 -46.54 -32.49
C VAL B 64 -29.13 -45.46 -33.50
N TYR B 65 -30.01 -44.56 -33.09
CA TYR B 65 -30.45 -43.47 -33.96
C TYR B 65 -29.65 -42.19 -33.68
N ALA B 66 -29.11 -42.09 -32.47
CA ALA B 66 -28.31 -40.94 -32.08
C ALA B 66 -27.43 -41.28 -30.89
N ILE B 67 -26.35 -40.53 -30.72
CA ILE B 67 -25.41 -40.79 -29.65
C ILE B 67 -25.14 -39.54 -28.81
N PHE B 68 -25.29 -39.68 -27.49
CA PHE B 68 -24.95 -38.59 -26.58
C PHE B 68 -23.75 -39.00 -25.72
N GLY B 69 -22.71 -38.16 -25.72
CA GLY B 69 -21.52 -38.45 -24.94
C GLY B 69 -20.60 -37.26 -24.79
N PHE B 70 -19.35 -37.54 -24.46
CA PHE B 70 -18.34 -36.50 -24.27
C PHE B 70 -17.07 -36.87 -25.03
N TYR B 71 -16.23 -35.87 -25.29
CA TYR B 71 -14.93 -36.13 -25.90
C TYR B 71 -13.84 -35.22 -25.32
N ASP B 72 -12.60 -35.66 -25.46
CA ASP B 72 -11.46 -34.90 -24.97
C ASP B 72 -10.74 -34.23 -26.15
N LYS B 73 -9.74 -33.41 -25.83
CA LYS B 73 -8.96 -32.74 -26.87
C LYS B 73 -8.25 -33.75 -27.76
N LYS B 74 -8.24 -35.01 -27.33
CA LYS B 74 -7.54 -36.06 -28.06
C LYS B 74 -8.50 -36.94 -28.86
N SER B 75 -9.66 -37.24 -28.29
CA SER B 75 -10.62 -38.14 -28.92
C SER B 75 -11.67 -37.40 -29.75
N VAL B 76 -11.67 -36.07 -29.64
CA VAL B 76 -12.66 -35.25 -30.34
C VAL B 76 -12.65 -35.50 -31.84
N ASN B 77 -11.46 -35.64 -32.42
CA ASN B 77 -11.32 -35.87 -33.85
C ASN B 77 -11.92 -37.20 -34.30
N THR B 78 -11.84 -38.20 -33.43
CA THR B 78 -12.41 -39.51 -33.72
C THR B 78 -13.92 -39.41 -33.89
N ILE B 79 -14.57 -38.76 -32.92
CA ILE B 79 -16.02 -38.61 -32.93
C ILE B 79 -16.49 -37.81 -34.15
N THR B 80 -15.95 -36.60 -34.31
CA THR B 80 -16.35 -35.73 -35.41
C THR B 80 -16.18 -36.42 -36.77
N SER B 81 -15.17 -37.27 -36.87
CA SER B 81 -14.87 -37.95 -38.13
C SER B 81 -15.85 -39.07 -38.43
N PHE B 82 -15.98 -40.01 -37.48
CA PHE B 82 -16.88 -41.14 -37.65
C PHE B 82 -18.34 -40.69 -37.81
N CYS B 83 -18.78 -39.79 -36.94
CA CYS B 83 -20.15 -39.29 -37.00
C CYS B 83 -20.44 -38.59 -38.33
N GLY B 84 -19.41 -38.05 -38.96
CA GLY B 84 -19.55 -37.39 -40.24
C GLY B 84 -19.59 -38.38 -41.38
N THR B 85 -18.84 -39.47 -41.25
CA THR B 85 -18.79 -40.49 -42.28
C THR B 85 -20.01 -41.40 -42.24
N LEU B 86 -20.39 -41.80 -41.03
CA LEU B 86 -21.51 -42.72 -40.86
C LEU B 86 -22.84 -41.97 -40.68
N HIS B 87 -22.80 -40.66 -40.86
CA HIS B 87 -23.99 -39.83 -40.77
C HIS B 87 -24.73 -40.02 -39.44
N VAL B 88 -23.97 -40.35 -38.39
CA VAL B 88 -24.54 -40.52 -37.07
C VAL B 88 -24.51 -39.20 -36.30
N SER B 89 -25.63 -38.86 -35.66
CA SER B 89 -25.72 -37.63 -34.89
C SER B 89 -25.10 -37.80 -33.50
N PHE B 90 -24.31 -36.82 -33.08
CA PHE B 90 -23.63 -36.88 -31.79
C PHE B 90 -23.88 -35.61 -30.97
N ILE B 91 -24.66 -35.76 -29.89
CA ILE B 91 -24.94 -34.65 -29.00
C ILE B 91 -23.97 -34.66 -27.81
N THR B 92 -23.34 -33.53 -27.54
CA THR B 92 -22.35 -33.45 -26.47
C THR B 92 -22.33 -32.10 -25.79
N PRO B 93 -22.20 -32.10 -24.45
CA PRO B 93 -22.07 -30.90 -23.64
C PRO B 93 -20.62 -30.39 -23.62
N SER B 94 -19.70 -31.21 -24.12
CA SER B 94 -18.28 -30.86 -24.12
C SER B 94 -18.00 -29.58 -24.91
N PHE B 95 -16.74 -29.15 -24.89
CA PHE B 95 -16.34 -27.93 -25.58
C PHE B 95 -16.67 -27.99 -27.07
N PRO B 96 -17.07 -26.84 -27.64
CA PRO B 96 -17.41 -26.75 -29.06
C PRO B 96 -16.24 -27.11 -29.95
N THR B 97 -16.53 -27.73 -31.09
CA THR B 97 -15.49 -28.12 -32.04
C THR B 97 -14.90 -26.90 -32.74
N ASP B 98 -13.59 -26.91 -32.96
CA ASP B 98 -12.91 -25.81 -33.63
C ASP B 98 -13.09 -25.91 -35.14
N GLY B 99 -14.29 -25.58 -35.61
CA GLY B 99 -14.59 -25.64 -37.03
C GLY B 99 -16.05 -25.94 -37.31
N THR B 100 -16.32 -26.50 -38.48
CA THR B 100 -17.69 -26.82 -38.88
C THR B 100 -17.86 -28.31 -39.16
N HIS B 101 -18.01 -29.09 -38.10
CA HIS B 101 -18.17 -30.54 -38.24
C HIS B 101 -19.63 -30.95 -38.19
N PRO B 102 -20.15 -31.46 -39.31
CA PRO B 102 -21.54 -31.90 -39.43
C PRO B 102 -21.86 -33.08 -38.53
N PHE B 103 -23.16 -33.31 -38.29
CA PHE B 103 -23.60 -34.42 -37.46
C PHE B 103 -23.07 -34.34 -36.03
N VAL B 104 -22.93 -33.13 -35.53
CA VAL B 104 -22.50 -32.91 -34.15
C VAL B 104 -23.29 -31.78 -33.51
N ILE B 105 -23.98 -32.10 -32.42
CA ILE B 105 -24.76 -31.11 -31.68
C ILE B 105 -24.06 -30.73 -30.38
N GLN B 106 -23.71 -29.45 -30.26
CA GLN B 106 -22.93 -28.98 -29.11
C GLN B 106 -23.78 -28.16 -28.14
N MET B 107 -23.87 -28.64 -26.90
CA MET B 107 -24.69 -27.99 -25.89
C MET B 107 -23.99 -26.76 -25.29
N ARG B 108 -22.67 -26.76 -25.30
CA ARG B 108 -21.90 -25.67 -24.73
C ARG B 108 -21.73 -24.52 -25.70
N PRO B 109 -22.22 -23.33 -25.32
CA PRO B 109 -22.07 -22.11 -26.13
C PRO B 109 -20.62 -21.65 -26.14
N ASP B 110 -20.25 -20.89 -27.17
CA ASP B 110 -18.88 -20.40 -27.30
C ASP B 110 -18.63 -19.25 -26.32
N LEU B 111 -17.66 -19.45 -25.42
CA LEU B 111 -17.34 -18.44 -24.42
C LEU B 111 -16.34 -17.42 -24.96
N LYS B 112 -15.63 -17.80 -26.02
CA LYS B 112 -14.60 -16.95 -26.62
C LYS B 112 -15.07 -15.50 -26.77
N GLY B 113 -16.30 -15.31 -27.24
CA GLY B 113 -16.84 -13.99 -27.44
C GLY B 113 -17.07 -13.24 -26.13
N ALA B 114 -17.72 -13.91 -25.18
CA ALA B 114 -18.04 -13.29 -23.90
C ALA B 114 -16.78 -12.88 -23.13
N LEU B 115 -15.71 -13.65 -23.29
CA LEU B 115 -14.46 -13.36 -22.60
C LEU B 115 -13.84 -12.08 -23.13
N LEU B 116 -13.65 -12.02 -24.45
CA LEU B 116 -13.04 -10.86 -25.09
C LEU B 116 -13.79 -9.57 -24.76
N SER B 117 -15.12 -9.67 -24.68
CA SER B 117 -15.94 -8.50 -24.36
C SER B 117 -15.71 -8.03 -22.93
N LEU B 118 -15.55 -8.98 -22.02
CA LEU B 118 -15.33 -8.66 -20.62
C LEU B 118 -13.99 -7.96 -20.41
N ILE B 119 -12.98 -8.39 -21.15
CA ILE B 119 -11.66 -7.80 -21.05
C ILE B 119 -11.70 -6.32 -21.40
N GLU B 120 -12.40 -5.98 -22.47
CA GLU B 120 -12.52 -4.59 -22.90
C GLU B 120 -13.33 -3.77 -21.89
N TYR B 121 -14.32 -4.41 -21.27
CA TYR B 121 -15.14 -3.74 -20.27
C TYR B 121 -14.30 -3.23 -19.11
N TYR B 122 -13.44 -4.09 -18.56
CA TYR B 122 -12.55 -3.69 -17.49
C TYR B 122 -11.37 -2.90 -18.03
N GLN B 123 -11.31 -2.76 -19.35
CA GLN B 123 -10.25 -2.00 -20.01
C GLN B 123 -8.87 -2.52 -19.64
N TRP B 124 -8.63 -3.79 -19.94
CA TRP B 124 -7.34 -4.42 -19.66
C TRP B 124 -6.41 -4.29 -20.85
N ASP B 125 -5.15 -3.96 -20.58
CA ASP B 125 -4.15 -3.83 -21.63
C ASP B 125 -2.97 -4.77 -21.38
N LYS B 126 -2.78 -5.16 -20.13
CA LYS B 126 -1.73 -6.09 -19.75
C LYS B 126 -2.23 -7.06 -18.69
N PHE B 127 -2.31 -8.34 -19.04
CA PHE B 127 -2.83 -9.35 -18.13
C PHE B 127 -2.17 -10.71 -18.35
N ALA B 128 -2.21 -11.55 -17.32
CA ALA B 128 -1.69 -12.91 -17.42
C ALA B 128 -2.81 -13.88 -17.79
N TYR B 129 -2.51 -14.82 -18.68
CA TYR B 129 -3.50 -15.77 -19.14
C TYR B 129 -3.08 -17.21 -18.87
N LEU B 130 -3.48 -17.72 -17.71
CA LEU B 130 -3.19 -19.10 -17.34
C LEU B 130 -4.22 -20.03 -17.97
N TYR B 131 -3.76 -20.88 -18.88
CA TYR B 131 -4.67 -21.74 -19.63
C TYR B 131 -4.42 -23.22 -19.40
N ASP B 132 -5.41 -24.03 -19.76
CA ASP B 132 -5.30 -25.48 -19.67
C ASP B 132 -5.63 -26.09 -21.03
N SER B 133 -4.71 -26.91 -21.54
CA SER B 133 -4.84 -27.46 -22.89
C SER B 133 -5.90 -28.56 -22.99
N ASP B 134 -6.71 -28.70 -21.96
CA ASP B 134 -7.74 -29.75 -21.93
C ASP B 134 -8.89 -29.48 -22.89
N ARG B 135 -9.33 -28.22 -22.95
CA ARG B 135 -10.45 -27.86 -23.81
C ARG B 135 -10.00 -27.19 -25.10
N GLY B 136 -8.76 -27.48 -25.51
CA GLY B 136 -8.22 -26.92 -26.73
C GLY B 136 -7.79 -25.48 -26.58
N LEU B 137 -6.77 -25.08 -27.34
CA LEU B 137 -6.26 -23.72 -27.29
C LEU B 137 -7.09 -22.78 -28.16
N SER B 138 -8.36 -23.10 -28.31
CA SER B 138 -9.26 -22.28 -29.12
C SER B 138 -9.43 -20.88 -28.54
N THR B 139 -9.56 -20.80 -27.22
CA THR B 139 -9.71 -19.52 -26.54
C THR B 139 -8.36 -18.81 -26.39
N LEU B 140 -7.29 -19.60 -26.30
CA LEU B 140 -5.95 -19.04 -26.22
C LEU B 140 -5.61 -18.28 -27.50
N GLN B 141 -5.88 -18.90 -28.64
CA GLN B 141 -5.67 -18.26 -29.93
C GLN B 141 -6.52 -17.00 -30.04
N ALA B 142 -7.71 -17.06 -29.44
CA ALA B 142 -8.63 -15.93 -29.47
C ALA B 142 -8.04 -14.69 -28.83
N VAL B 143 -7.52 -14.83 -27.62
CA VAL B 143 -6.95 -13.71 -26.89
C VAL B 143 -5.62 -13.26 -27.48
N LEU B 144 -4.88 -14.21 -28.05
CA LEU B 144 -3.59 -13.90 -28.66
C LEU B 144 -3.76 -13.10 -29.96
N ASP B 145 -4.72 -13.53 -30.78
CA ASP B 145 -5.00 -12.85 -32.03
C ASP B 145 -5.56 -11.45 -31.76
N SER B 146 -6.42 -11.35 -30.75
CA SER B 146 -7.00 -10.06 -30.38
C SER B 146 -5.96 -9.17 -29.72
N ALA B 147 -4.94 -9.78 -29.15
CA ALA B 147 -3.85 -9.03 -28.52
C ALA B 147 -3.06 -8.25 -29.55
N ALA B 148 -3.11 -8.71 -30.79
CA ALA B 148 -2.44 -8.02 -31.88
C ALA B 148 -3.22 -6.78 -32.31
N GLU B 149 -4.53 -6.94 -32.44
CA GLU B 149 -5.41 -5.85 -32.86
C GLU B 149 -5.61 -4.84 -31.74
N LYS B 150 -6.13 -5.30 -30.61
CA LYS B 150 -6.41 -4.43 -29.47
C LYS B 150 -5.13 -4.01 -28.75
N LYS B 151 -4.00 -4.54 -29.21
CA LYS B 151 -2.70 -4.21 -28.62
C LYS B 151 -2.63 -4.53 -27.13
N TRP B 152 -2.58 -5.82 -26.80
CA TRP B 152 -2.46 -6.24 -25.42
C TRP B 152 -1.11 -6.91 -25.18
N GLN B 153 -0.64 -6.85 -23.93
CA GLN B 153 0.58 -7.56 -23.53
C GLN B 153 0.21 -8.79 -22.71
N VAL B 154 -0.19 -9.85 -23.39
CA VAL B 154 -0.64 -11.07 -22.73
C VAL B 154 0.52 -11.97 -22.34
N THR B 155 0.47 -12.49 -21.11
CA THR B 155 1.47 -13.42 -20.64
C THR B 155 0.86 -14.82 -20.50
N ALA B 156 0.81 -15.54 -21.61
CA ALA B 156 0.20 -16.88 -21.64
C ALA B 156 1.10 -17.91 -20.98
N ILE B 157 0.54 -18.69 -20.07
CA ILE B 157 1.29 -19.74 -19.38
C ILE B 157 0.47 -21.02 -19.25
N ASN B 158 0.98 -22.10 -19.83
CA ASN B 158 0.31 -23.39 -19.76
C ASN B 158 0.38 -23.99 -18.36
N VAL B 159 -0.69 -23.81 -17.59
CA VAL B 159 -0.74 -24.31 -16.22
C VAL B 159 -1.28 -25.74 -16.20
N GLY B 160 -1.25 -26.41 -17.35
CA GLY B 160 -1.81 -27.73 -17.47
C GLY B 160 -0.82 -28.86 -17.22
N ASN B 161 0.32 -28.80 -17.89
CA ASN B 161 1.32 -29.87 -17.81
C ASN B 161 2.03 -29.94 -16.46
N ILE B 162 1.46 -29.30 -15.45
CA ILE B 162 2.04 -29.31 -14.12
C ILE B 162 1.80 -30.64 -13.41
N ASN B 163 2.87 -31.41 -13.21
CA ASN B 163 2.77 -32.68 -12.50
C ASN B 163 2.29 -32.50 -11.06
N ASN B 164 1.19 -33.16 -10.71
CA ASN B 164 0.50 -32.91 -9.44
C ASN B 164 1.13 -33.52 -8.16
N ASP B 165 2.10 -34.42 -8.32
CA ASP B 165 2.78 -35.11 -7.21
C ASP B 165 4.03 -34.36 -6.73
N LYS B 166 3.98 -33.03 -6.79
CA LYS B 166 5.12 -32.17 -6.47
C LYS B 166 4.83 -30.77 -7.04
N LYS B 167 3.56 -30.46 -7.26
CA LYS B 167 3.19 -29.19 -7.88
C LYS B 167 3.12 -28.03 -6.88
N ASP B 168 4.29 -27.54 -6.47
CA ASP B 168 4.35 -26.46 -5.49
C ASP B 168 5.53 -25.54 -5.82
N GLU B 169 6.69 -26.16 -6.10
CA GLU B 169 7.86 -25.42 -6.54
C GLU B 169 7.62 -24.90 -7.96
N THR B 170 6.50 -25.33 -8.55
CA THR B 170 6.13 -24.89 -9.88
C THR B 170 5.25 -23.64 -9.80
N TYR B 171 4.34 -23.62 -8.84
CA TYR B 171 3.47 -22.47 -8.62
C TYR B 171 4.27 -21.29 -8.07
N ARG B 172 5.24 -21.59 -7.20
CA ARG B 172 6.10 -20.55 -6.64
C ARG B 172 6.94 -19.92 -7.75
N SER B 173 7.33 -20.76 -8.71
CA SER B 173 8.12 -20.29 -9.85
C SER B 173 7.19 -19.72 -10.92
N LEU B 174 5.89 -19.94 -10.75
CA LEU B 174 4.90 -19.43 -11.69
C LEU B 174 4.59 -17.96 -11.39
N PHE B 175 4.32 -17.66 -10.12
CA PHE B 175 4.01 -16.31 -9.71
C PHE B 175 5.29 -15.49 -9.52
N GLN B 176 6.44 -16.14 -9.75
CA GLN B 176 7.72 -15.46 -9.73
C GLN B 176 7.91 -14.74 -11.05
N ASP B 177 7.41 -15.34 -12.12
CA ASP B 177 7.45 -14.73 -13.45
C ASP B 177 6.32 -13.71 -13.58
N LEU B 178 5.24 -13.94 -12.84
CA LEU B 178 4.10 -13.02 -12.83
C LEU B 178 4.37 -11.86 -11.89
N GLU B 179 5.62 -11.72 -11.45
CA GLU B 179 6.00 -10.62 -10.57
C GLU B 179 7.07 -9.76 -11.23
N LEU B 180 7.71 -10.29 -12.26
CA LEU B 180 8.69 -9.53 -13.03
C LEU B 180 8.02 -8.32 -13.67
N LYS B 181 6.78 -8.51 -14.11
CA LYS B 181 5.99 -7.43 -14.68
C LYS B 181 4.90 -7.00 -13.73
N LYS B 182 4.98 -7.47 -12.49
CA LYS B 182 4.01 -7.13 -11.45
C LYS B 182 2.58 -7.36 -11.92
N GLU B 183 2.33 -8.53 -12.51
CA GLU B 183 0.99 -8.87 -13.00
C GLU B 183 -0.02 -8.92 -11.86
N ARG B 184 -1.07 -8.12 -11.97
CA ARG B 184 -2.11 -8.07 -10.96
C ARG B 184 -3.45 -8.53 -11.52
N ARG B 185 -3.49 -8.78 -12.83
CA ARG B 185 -4.71 -9.18 -13.50
C ARG B 185 -4.54 -10.53 -14.19
N VAL B 186 -5.17 -11.56 -13.65
CA VAL B 186 -5.01 -12.91 -14.17
C VAL B 186 -6.32 -13.49 -14.70
N ILE B 187 -6.23 -14.22 -15.81
CA ILE B 187 -7.38 -14.91 -16.37
C ILE B 187 -7.19 -16.41 -16.26
N LEU B 188 -8.05 -17.07 -15.49
CA LEU B 188 -7.96 -18.50 -15.30
C LEU B 188 -8.86 -19.27 -16.26
N ASP B 189 -8.26 -19.82 -17.31
CA ASP B 189 -8.99 -20.63 -18.28
C ASP B 189 -8.77 -22.11 -17.99
N CYS B 190 -9.49 -22.62 -17.01
CA CYS B 190 -9.31 -24.01 -16.58
C CYS B 190 -10.64 -24.68 -16.24
N GLU B 191 -10.58 -25.96 -15.89
CA GLU B 191 -11.76 -26.69 -15.47
C GLU B 191 -12.10 -26.34 -14.02
N ARG B 192 -13.28 -26.76 -13.57
CA ARG B 192 -13.73 -26.46 -12.22
C ARG B 192 -12.75 -26.97 -11.16
N ASP B 193 -11.93 -27.95 -11.53
CA ASP B 193 -10.97 -28.53 -10.60
C ASP B 193 -9.66 -27.77 -10.58
N LYS B 194 -9.05 -27.60 -11.75
CA LYS B 194 -7.78 -26.89 -11.86
C LYS B 194 -7.90 -25.45 -11.33
N VAL B 195 -9.12 -24.94 -11.30
CA VAL B 195 -9.36 -23.59 -10.80
C VAL B 195 -9.23 -23.54 -9.27
N ASN B 196 -9.85 -24.49 -8.59
CA ASN B 196 -9.77 -24.57 -7.14
C ASN B 196 -8.33 -24.74 -6.66
N ASP B 197 -7.55 -25.51 -7.40
CA ASP B 197 -6.14 -25.70 -7.09
C ASP B 197 -5.39 -24.37 -7.14
N ILE B 198 -5.63 -23.61 -8.20
CA ILE B 198 -4.99 -22.31 -8.37
C ILE B 198 -5.48 -21.34 -7.29
N VAL B 199 -6.79 -21.27 -7.10
CA VAL B 199 -7.39 -20.41 -6.09
C VAL B 199 -6.80 -20.67 -4.72
N ASP B 200 -6.62 -21.94 -4.39
CA ASP B 200 -6.02 -22.32 -3.11
C ASP B 200 -4.59 -21.82 -2.99
N GLN B 201 -3.81 -22.00 -4.06
CA GLN B 201 -2.43 -21.53 -4.08
C GLN B 201 -2.38 -20.01 -3.96
N VAL B 202 -3.30 -19.34 -4.66
CA VAL B 202 -3.36 -17.88 -4.64
C VAL B 202 -3.55 -17.36 -3.22
N ILE B 203 -4.42 -18.02 -2.46
CA ILE B 203 -4.69 -17.61 -1.07
C ILE B 203 -3.47 -17.87 -0.19
N THR B 204 -2.78 -18.98 -0.44
CA THR B 204 -1.61 -19.35 0.34
C THR B 204 -0.52 -18.30 0.22
N ILE B 205 -0.20 -17.91 -1.01
CA ILE B 205 0.83 -16.91 -1.26
C ILE B 205 0.31 -15.50 -0.98
N GLY B 206 -0.99 -15.39 -0.74
CA GLY B 206 -1.61 -14.13 -0.36
C GLY B 206 -1.86 -13.18 -1.52
N LYS B 207 -1.92 -13.71 -2.73
CA LYS B 207 -2.20 -12.89 -3.91
C LYS B 207 -3.70 -12.82 -4.18
N HIS B 208 -4.49 -12.80 -3.12
CA HIS B 208 -5.94 -12.72 -3.24
C HIS B 208 -6.47 -11.48 -2.53
N VAL B 209 -5.57 -10.58 -2.18
CA VAL B 209 -5.94 -9.35 -1.50
C VAL B 209 -6.26 -8.25 -2.50
N LYS B 210 -6.70 -7.10 -1.99
CA LYS B 210 -7.05 -5.97 -2.84
C LYS B 210 -5.90 -5.60 -3.75
N GLY B 211 -6.19 -5.43 -5.04
CA GLY B 211 -5.18 -5.09 -6.02
C GLY B 211 -5.13 -6.10 -7.15
N TYR B 212 -5.52 -7.33 -6.84
CA TYR B 212 -5.54 -8.40 -7.83
C TYR B 212 -6.94 -8.55 -8.43
N HIS B 213 -7.00 -8.99 -9.69
CA HIS B 213 -8.27 -9.18 -10.37
C HIS B 213 -8.24 -10.47 -11.18
N TYR B 214 -9.07 -11.43 -10.80
CA TYR B 214 -9.12 -12.72 -11.47
C TYR B 214 -10.38 -12.89 -12.30
N ILE B 215 -10.25 -13.59 -13.43
CA ILE B 215 -11.39 -13.88 -14.29
C ILE B 215 -11.45 -15.37 -14.58
N ILE B 216 -12.47 -16.03 -14.06
CA ILE B 216 -12.66 -17.46 -14.29
C ILE B 216 -13.28 -17.70 -15.66
N ALA B 217 -12.47 -18.16 -16.59
CA ALA B 217 -12.91 -18.35 -17.97
C ALA B 217 -13.63 -19.66 -18.19
N ASN B 218 -14.81 -19.80 -17.56
CA ASN B 218 -15.66 -20.97 -17.77
C ASN B 218 -17.12 -20.61 -17.57
N LEU B 219 -18.02 -21.50 -17.99
CA LEU B 219 -19.45 -21.25 -17.90
C LEU B 219 -20.01 -21.61 -16.53
N GLY B 220 -19.12 -21.99 -15.61
CA GLY B 220 -19.54 -22.35 -14.27
C GLY B 220 -18.83 -21.54 -13.19
N PHE B 221 -19.23 -20.28 -13.06
CA PHE B 221 -18.61 -19.38 -12.10
C PHE B 221 -18.99 -19.75 -10.66
N THR B 222 -20.25 -20.11 -10.46
CA THR B 222 -20.75 -20.47 -9.14
C THR B 222 -20.61 -21.97 -8.87
N ASP B 223 -20.04 -22.69 -9.84
CA ASP B 223 -19.85 -24.13 -9.71
C ASP B 223 -18.73 -24.47 -8.75
N GLY B 224 -17.77 -23.56 -8.60
CA GLY B 224 -16.64 -23.76 -7.72
C GLY B 224 -16.81 -23.05 -6.39
N ASP B 225 -15.93 -23.38 -5.44
CA ASP B 225 -15.96 -22.74 -4.13
C ASP B 225 -15.33 -21.35 -4.20
N LEU B 226 -16.13 -20.33 -3.87
CA LEU B 226 -15.65 -18.95 -3.91
C LEU B 226 -15.57 -18.33 -2.53
N LEU B 227 -16.14 -19.02 -1.54
CA LEU B 227 -16.13 -18.53 -0.16
C LEU B 227 -14.72 -18.26 0.35
N LYS B 228 -13.73 -18.87 -0.29
CA LYS B 228 -12.35 -18.72 0.14
C LYS B 228 -11.70 -17.42 -0.33
N ILE B 229 -11.83 -17.13 -1.62
CA ILE B 229 -11.31 -15.87 -2.17
C ILE B 229 -12.39 -14.81 -2.25
N GLN B 230 -13.39 -14.93 -1.39
CA GLN B 230 -14.52 -14.00 -1.38
C GLN B 230 -14.25 -12.80 -0.46
N PHE B 231 -13.58 -13.06 0.66
CA PHE B 231 -13.30 -12.01 1.63
C PHE B 231 -11.85 -11.55 1.56
N GLY B 232 -11.10 -12.10 0.61
CA GLY B 232 -9.71 -11.76 0.43
C GLY B 232 -9.48 -10.30 0.08
N GLY B 233 -10.32 -9.78 -0.82
CA GLY B 233 -10.21 -8.40 -1.24
C GLY B 233 -10.06 -8.27 -2.74
N ALA B 234 -9.38 -9.24 -3.35
CA ALA B 234 -9.19 -9.24 -4.79
C ALA B 234 -10.51 -9.45 -5.51
N GLU B 235 -10.76 -8.66 -6.55
CA GLU B 235 -11.99 -8.77 -7.33
C GLU B 235 -11.95 -10.01 -8.21
N VAL B 236 -13.04 -10.78 -8.19
CA VAL B 236 -13.13 -11.99 -9.00
C VAL B 236 -14.37 -11.92 -9.89
N SER B 237 -14.16 -12.13 -11.19
CA SER B 237 -15.25 -12.13 -12.16
C SER B 237 -15.31 -13.46 -12.90
N GLY B 238 -16.42 -13.72 -13.56
CA GLY B 238 -16.59 -14.97 -14.29
C GLY B 238 -17.84 -15.01 -15.13
N PHE B 239 -18.24 -16.21 -15.53
CA PHE B 239 -19.42 -16.38 -16.38
C PHE B 239 -20.33 -17.47 -15.85
N GLN B 240 -21.64 -17.23 -15.93
CA GLN B 240 -22.63 -18.20 -15.48
C GLN B 240 -23.65 -18.47 -16.58
N ILE B 241 -23.83 -19.74 -16.93
CA ILE B 241 -24.76 -20.12 -17.98
C ILE B 241 -26.08 -20.61 -17.39
N VAL B 242 -26.02 -21.12 -16.16
CA VAL B 242 -27.21 -21.60 -15.47
C VAL B 242 -27.75 -20.51 -14.54
N ASP B 243 -28.72 -19.75 -15.05
CA ASP B 243 -29.32 -18.67 -14.26
C ASP B 243 -30.28 -19.23 -13.23
N TYR B 244 -29.89 -19.18 -11.95
CA TYR B 244 -30.71 -19.70 -10.87
C TYR B 244 -31.84 -18.75 -10.52
N ASP B 245 -31.96 -17.67 -11.29
CA ASP B 245 -33.04 -16.70 -11.09
C ASP B 245 -34.24 -16.99 -11.98
N ASP B 246 -34.05 -17.86 -12.96
CA ASP B 246 -35.15 -18.29 -13.81
C ASP B 246 -36.09 -19.22 -13.05
N SER B 247 -37.39 -18.95 -13.12
CA SER B 247 -38.38 -19.79 -12.48
C SER B 247 -38.27 -21.22 -12.99
N LEU B 248 -37.78 -21.38 -14.21
CA LEU B 248 -37.59 -22.69 -14.82
C LEU B 248 -36.49 -23.44 -14.08
N VAL B 249 -35.34 -22.80 -13.91
CA VAL B 249 -34.22 -23.41 -13.20
C VAL B 249 -34.52 -23.54 -11.72
N SER B 250 -35.17 -22.52 -11.16
CA SER B 250 -35.53 -22.51 -9.74
C SER B 250 -36.39 -23.71 -9.39
N LYS B 251 -37.30 -24.06 -10.31
CA LYS B 251 -38.19 -25.21 -10.11
C LYS B 251 -37.41 -26.52 -10.20
N PHE B 252 -36.42 -26.56 -11.09
CA PHE B 252 -35.59 -27.74 -11.26
C PHE B 252 -34.82 -28.05 -9.98
N ILE B 253 -34.23 -27.01 -9.39
CA ILE B 253 -33.46 -27.17 -8.16
C ILE B 253 -34.34 -27.64 -7.01
N GLU B 254 -35.58 -27.15 -6.98
CA GLU B 254 -36.52 -27.54 -5.94
C GLU B 254 -36.66 -29.06 -5.84
N ARG B 255 -36.57 -29.73 -6.99
CA ARG B 255 -36.71 -31.18 -7.04
C ARG B 255 -35.34 -31.86 -7.03
N TRP B 256 -34.35 -31.17 -7.58
CA TRP B 256 -32.99 -31.70 -7.66
C TRP B 256 -32.34 -31.76 -6.27
N SER B 257 -32.46 -30.67 -5.51
CA SER B 257 -31.84 -30.58 -4.19
C SER B 257 -32.41 -31.60 -3.21
N THR B 258 -33.58 -32.15 -3.52
CA THR B 258 -34.24 -33.08 -2.62
C THR B 258 -33.96 -34.54 -2.97
N LEU B 259 -33.60 -34.79 -4.22
CA LEU B 259 -33.32 -36.14 -4.69
C LEU B 259 -32.35 -36.87 -3.78
N GLU B 260 -32.54 -38.18 -3.64
CA GLU B 260 -31.67 -39.01 -2.81
C GLU B 260 -30.28 -39.09 -3.40
N GLU B 261 -29.27 -38.71 -2.61
CA GLU B 261 -27.89 -38.72 -3.07
C GLU B 261 -27.36 -40.13 -3.26
N LYS B 262 -28.05 -41.11 -2.70
CA LYS B 262 -27.67 -42.50 -2.83
C LYS B 262 -27.89 -43.00 -4.25
N GLU B 263 -29.11 -42.83 -4.76
CA GLU B 263 -29.45 -43.25 -6.11
C GLU B 263 -28.92 -42.26 -7.14
N TYR B 264 -28.96 -40.97 -6.79
CA TYR B 264 -28.46 -39.93 -7.68
C TYR B 264 -27.22 -39.27 -7.08
N PRO B 265 -26.05 -39.81 -7.41
CA PRO B 265 -24.75 -39.32 -6.90
C PRO B 265 -24.56 -37.83 -7.16
N GLY B 266 -24.08 -37.11 -6.15
CA GLY B 266 -23.81 -35.69 -6.26
C GLY B 266 -24.98 -34.90 -6.82
N ALA B 267 -26.17 -35.16 -6.29
CA ALA B 267 -27.38 -34.51 -6.78
C ALA B 267 -28.19 -33.89 -5.65
N HIS B 268 -27.65 -33.93 -4.44
CA HIS B 268 -28.34 -33.38 -3.29
C HIS B 268 -27.80 -32.00 -2.91
N THR B 269 -27.73 -31.12 -3.91
CA THR B 269 -27.24 -29.75 -3.70
C THR B 269 -28.18 -28.72 -4.30
N ALA B 270 -27.99 -27.45 -3.95
CA ALA B 270 -28.81 -26.37 -4.46
C ALA B 270 -28.29 -25.85 -5.78
N THR B 271 -27.11 -26.30 -6.17
CA THR B 271 -26.49 -25.87 -7.43
C THR B 271 -26.20 -27.06 -8.33
N ILE B 272 -25.74 -26.77 -9.55
CA ILE B 272 -25.44 -27.83 -10.52
C ILE B 272 -24.37 -27.37 -11.51
N LYS B 273 -23.40 -28.24 -11.77
CA LYS B 273 -22.35 -27.94 -12.72
C LYS B 273 -22.94 -27.70 -14.11
N TYR B 274 -22.38 -26.75 -14.84
CA TYR B 274 -22.91 -26.39 -16.15
C TYR B 274 -22.85 -27.56 -17.12
N THR B 275 -21.87 -28.45 -16.92
CA THR B 275 -21.75 -29.65 -17.74
C THR B 275 -22.94 -30.57 -17.51
N SER B 276 -23.37 -30.68 -16.26
CA SER B 276 -24.50 -31.51 -15.91
C SER B 276 -25.81 -30.88 -16.40
N ALA B 277 -25.91 -29.56 -16.26
CA ALA B 277 -27.10 -28.83 -16.69
C ALA B 277 -27.31 -28.97 -18.20
N LEU B 278 -26.21 -29.00 -18.95
CA LEU B 278 -26.29 -29.16 -20.39
C LEU B 278 -26.72 -30.58 -20.75
N THR B 279 -26.31 -31.55 -19.94
CA THR B 279 -26.71 -32.94 -20.15
C THR B 279 -28.22 -33.07 -20.04
N TYR B 280 -28.79 -32.43 -19.02
CA TYR B 280 -30.24 -32.43 -18.82
C TYR B 280 -30.95 -31.77 -20.00
N ASP B 281 -30.39 -30.66 -20.46
CA ASP B 281 -30.96 -29.95 -21.60
C ASP B 281 -30.77 -30.73 -22.88
N ALA B 282 -29.78 -31.61 -22.91
CA ALA B 282 -29.52 -32.44 -24.07
C ALA B 282 -30.65 -33.44 -24.28
N VAL B 283 -31.11 -34.03 -23.18
CA VAL B 283 -32.22 -34.98 -23.23
C VAL B 283 -33.46 -34.33 -23.83
N GLN B 284 -33.73 -33.09 -23.41
CA GLN B 284 -34.89 -32.34 -23.90
C GLN B 284 -34.79 -32.08 -25.40
N VAL B 285 -33.58 -31.82 -25.87
CA VAL B 285 -33.36 -31.55 -27.29
C VAL B 285 -33.60 -32.81 -28.12
N MET B 286 -33.12 -33.94 -27.61
CA MET B 286 -33.28 -35.22 -28.31
C MET B 286 -34.74 -35.66 -28.33
N THR B 287 -35.48 -35.30 -27.29
CA THR B 287 -36.89 -35.63 -27.21
C THR B 287 -37.70 -34.82 -28.22
N GLU B 288 -37.50 -33.50 -28.20
CA GLU B 288 -38.21 -32.62 -29.11
C GLU B 288 -37.85 -32.92 -30.57
N ALA B 289 -36.65 -33.45 -30.79
CA ALA B 289 -36.19 -33.77 -32.12
C ALA B 289 -36.90 -35.01 -32.67
N PHE B 290 -36.92 -36.07 -31.87
CA PHE B 290 -37.58 -37.31 -32.27
C PHE B 290 -39.09 -37.14 -32.32
N ARG B 291 -39.59 -36.11 -31.63
CA ARG B 291 -41.02 -35.81 -31.62
C ARG B 291 -41.43 -35.06 -32.88
N ASN B 292 -40.56 -34.17 -33.35
CA ASN B 292 -40.81 -33.41 -34.57
C ASN B 292 -40.71 -34.29 -35.81
N LEU B 293 -40.18 -35.49 -35.64
CA LEU B 293 -40.09 -36.45 -36.74
C LEU B 293 -41.36 -37.30 -36.85
N ARG B 294 -41.98 -37.55 -35.71
CA ARG B 294 -43.24 -38.31 -35.67
C ARG B 294 -44.38 -37.46 -36.20
N LYS B 295 -44.41 -36.19 -35.80
CA LYS B 295 -45.45 -35.27 -36.24
C LYS B 295 -45.24 -34.83 -37.69
N GLN B 296 -44.05 -35.07 -38.20
CA GLN B 296 -43.72 -34.70 -39.57
C GLN B 296 -43.91 -35.88 -40.53
N ARG B 297 -44.38 -36.99 -39.98
CA ARG B 297 -44.62 -38.20 -40.77
C ARG B 297 -43.37 -38.65 -41.52
N ILE B 298 -42.27 -38.77 -40.78
CA ILE B 298 -41.00 -39.20 -41.37
C ILE B 298 -40.55 -40.53 -40.79
N GLU B 299 -40.52 -41.56 -41.64
CA GLU B 299 -40.08 -42.89 -41.22
C GLU B 299 -38.57 -43.00 -41.27
N ILE B 300 -37.97 -43.40 -40.16
CA ILE B 300 -36.52 -43.52 -40.06
C ILE B 300 -36.09 -44.84 -39.44
N SER B 301 -37.05 -45.71 -39.16
CA SER B 301 -36.75 -47.03 -38.62
C SER B 301 -35.78 -47.77 -39.54
N ARG B 302 -34.68 -48.25 -38.96
CA ARG B 302 -33.66 -48.96 -39.73
C ARG B 302 -34.21 -50.24 -40.34
N ARG B 303 -33.75 -50.57 -41.54
CA ARG B 303 -34.19 -51.77 -42.24
C ARG B 303 -33.55 -53.03 -41.65
N GLY B 304 -32.43 -52.84 -40.96
CA GLY B 304 -31.73 -53.95 -40.34
C GLY B 304 -30.43 -53.50 -39.68
N ASN B 305 -29.59 -54.46 -39.32
CA ASN B 305 -28.30 -54.17 -38.69
C ASN B 305 -27.47 -53.22 -39.56
N ALA B 306 -26.75 -52.31 -38.91
CA ALA B 306 -25.98 -51.30 -39.64
C ALA B 306 -24.67 -51.87 -40.15
N GLY B 307 -24.19 -52.93 -39.52
CA GLY B 307 -22.95 -53.57 -39.92
C GLY B 307 -21.73 -52.96 -39.25
N ASP B 308 -20.55 -53.46 -39.61
CA ASP B 308 -19.31 -52.96 -39.04
C ASP B 308 -19.02 -51.55 -39.55
N CYS B 309 -18.61 -50.66 -38.66
CA CYS B 309 -18.34 -49.27 -39.00
C CYS B 309 -17.14 -49.14 -39.93
N LEU B 310 -16.24 -50.13 -39.88
CA LEU B 310 -15.06 -50.11 -40.72
C LEU B 310 -15.37 -50.64 -42.12
N ALA B 311 -16.64 -50.89 -42.39
CA ALA B 311 -17.08 -51.39 -43.69
C ALA B 311 -16.52 -50.53 -44.83
N ASN B 312 -15.92 -51.17 -45.81
CA ASN B 312 -15.32 -50.47 -46.94
C ASN B 312 -15.80 -51.06 -48.26
N PRO B 313 -16.40 -50.21 -49.13
CA PRO B 313 -16.63 -48.78 -48.89
C PRO B 313 -17.68 -48.53 -47.81
N ALA B 314 -17.51 -47.44 -47.06
CA ALA B 314 -18.46 -47.07 -46.01
C ALA B 314 -19.64 -46.31 -46.61
N VAL B 315 -20.83 -46.88 -46.46
CA VAL B 315 -22.04 -46.26 -46.99
C VAL B 315 -22.90 -45.65 -45.87
N PRO B 316 -23.09 -44.33 -45.91
CA PRO B 316 -23.91 -43.60 -44.94
C PRO B 316 -25.40 -43.85 -45.16
N TRP B 317 -26.11 -44.24 -44.10
CA TRP B 317 -27.55 -44.46 -44.20
C TRP B 317 -28.29 -43.13 -44.28
N GLY B 318 -29.04 -42.95 -45.37
CA GLY B 318 -29.71 -41.69 -45.66
C GLY B 318 -30.61 -41.18 -44.56
N GLN B 319 -31.09 -42.09 -43.71
CA GLN B 319 -31.99 -41.71 -42.63
C GLN B 319 -31.29 -40.82 -41.60
N GLY B 320 -29.96 -40.77 -41.65
CA GLY B 320 -29.18 -39.97 -40.74
C GLY B 320 -29.25 -38.49 -41.06
N VAL B 321 -29.37 -38.17 -42.34
CA VAL B 321 -29.44 -36.78 -42.79
C VAL B 321 -30.65 -36.07 -42.19
N GLU B 322 -31.73 -36.81 -42.02
CA GLU B 322 -32.96 -36.25 -41.46
C GLU B 322 -32.86 -36.07 -39.95
N ILE B 323 -32.17 -36.99 -39.29
CA ILE B 323 -31.98 -36.92 -37.84
C ILE B 323 -31.19 -35.67 -37.47
N GLU B 324 -30.28 -35.27 -38.36
CA GLU B 324 -29.48 -34.08 -38.14
C GLU B 324 -30.33 -32.82 -38.28
N ARG B 325 -31.10 -32.75 -39.36
CA ARG B 325 -31.96 -31.61 -39.63
C ARG B 325 -33.04 -31.47 -38.56
N ALA B 326 -33.22 -32.52 -37.76
CA ALA B 326 -34.20 -32.50 -36.68
C ALA B 326 -33.61 -31.86 -35.43
N LEU B 327 -32.48 -32.40 -34.98
CA LEU B 327 -31.80 -31.89 -33.79
C LEU B 327 -31.42 -30.42 -33.95
N LYS B 328 -30.90 -30.08 -35.13
CA LYS B 328 -30.46 -28.72 -35.41
C LYS B 328 -31.63 -27.75 -35.52
N GLN B 329 -32.83 -28.30 -35.75
CA GLN B 329 -34.02 -27.47 -35.90
C GLN B 329 -34.71 -27.26 -34.55
N VAL B 330 -34.32 -28.05 -33.56
CA VAL B 330 -34.91 -27.96 -32.23
C VAL B 330 -34.70 -26.58 -31.61
N GLN B 331 -35.69 -26.12 -30.86
CA GLN B 331 -35.60 -24.84 -30.15
C GLN B 331 -36.53 -24.81 -28.95
N VAL B 332 -36.01 -25.19 -27.79
CA VAL B 332 -36.78 -25.19 -26.56
C VAL B 332 -36.09 -24.39 -25.47
N GLU B 333 -36.71 -24.33 -24.30
CA GLU B 333 -36.14 -23.60 -23.17
C GLU B 333 -35.61 -24.56 -22.12
N GLY B 334 -34.35 -24.39 -21.74
CA GLY B 334 -33.71 -25.27 -20.79
C GLY B 334 -33.00 -24.53 -19.67
N LEU B 335 -32.22 -25.27 -18.88
CA LEU B 335 -31.49 -24.70 -17.77
C LEU B 335 -30.46 -23.67 -18.24
N SER B 336 -29.93 -23.88 -19.43
CA SER B 336 -28.91 -23.00 -20.00
C SER B 336 -29.53 -21.97 -20.93
N GLY B 337 -30.65 -21.40 -20.51
CA GLY B 337 -31.33 -20.36 -21.29
C GLY B 337 -31.93 -20.88 -22.58
N ASN B 338 -32.20 -19.97 -23.50
CA ASN B 338 -32.79 -20.32 -24.79
C ASN B 338 -31.84 -21.17 -25.63
N ILE B 339 -32.32 -22.35 -26.04
CA ILE B 339 -31.50 -23.26 -26.83
C ILE B 339 -31.85 -23.20 -28.31
N LYS B 340 -30.88 -22.79 -29.13
CA LYS B 340 -31.05 -22.74 -30.57
C LYS B 340 -29.76 -23.14 -31.27
N PHE B 341 -29.88 -23.61 -32.50
CA PHE B 341 -28.71 -24.07 -33.25
C PHE B 341 -28.67 -23.50 -34.66
N ASP B 342 -27.49 -23.54 -35.28
CA ASP B 342 -27.33 -23.17 -36.67
C ASP B 342 -27.14 -24.42 -37.53
N GLN B 343 -26.83 -24.23 -38.81
CA GLN B 343 -26.69 -25.35 -39.73
C GLN B 343 -25.56 -26.30 -39.34
N ASN B 344 -24.62 -25.78 -38.54
CA ASN B 344 -23.45 -26.57 -38.15
C ASN B 344 -23.66 -27.36 -36.86
N GLY B 345 -24.21 -26.70 -35.85
CA GLY B 345 -24.45 -27.35 -34.56
C GLY B 345 -24.09 -26.45 -33.40
N LYS B 346 -23.39 -25.36 -33.68
CA LYS B 346 -23.02 -24.40 -32.65
C LYS B 346 -24.25 -23.63 -32.17
N ARG B 347 -24.38 -23.48 -30.86
CA ARG B 347 -25.53 -22.79 -30.29
C ARG B 347 -25.55 -21.31 -30.65
N ILE B 348 -26.74 -20.76 -30.83
CA ILE B 348 -26.91 -19.36 -31.16
C ILE B 348 -28.04 -18.74 -30.35
N ASN B 349 -28.14 -17.41 -30.38
CA ASN B 349 -29.16 -16.70 -29.64
C ASN B 349 -29.21 -17.12 -28.18
N TYR B 350 -28.04 -17.22 -27.56
CA TYR B 350 -27.93 -17.62 -26.16
C TYR B 350 -27.53 -16.45 -25.28
N THR B 351 -27.53 -16.68 -23.96
CA THR B 351 -27.20 -15.61 -23.01
C THR B 351 -26.27 -16.12 -21.92
N ILE B 352 -25.16 -15.40 -21.73
CA ILE B 352 -24.21 -15.74 -20.68
C ILE B 352 -24.09 -14.61 -19.66
N ASN B 353 -24.53 -14.87 -18.45
CA ASN B 353 -24.50 -13.87 -17.39
C ASN B 353 -23.10 -13.61 -16.87
N ILE B 354 -22.72 -12.32 -16.82
CA ILE B 354 -21.43 -11.93 -16.26
C ILE B 354 -21.55 -11.78 -14.75
N MET B 355 -20.66 -12.45 -14.03
CA MET B 355 -20.74 -12.50 -12.57
C MET B 355 -19.55 -11.82 -11.90
N GLU B 356 -19.82 -11.19 -10.75
CA GLU B 356 -18.77 -10.64 -9.91
C GLU B 356 -18.94 -11.13 -8.48
N LEU B 357 -17.83 -11.38 -7.79
CA LEU B 357 -17.89 -11.89 -6.42
C LEU B 357 -17.76 -10.76 -5.41
N LYS B 358 -18.84 -10.47 -4.71
CA LYS B 358 -18.84 -9.43 -3.69
C LYS B 358 -18.75 -10.05 -2.30
N THR B 359 -18.94 -9.22 -1.28
CA THR B 359 -18.85 -9.67 0.10
C THR B 359 -20.00 -10.59 0.47
N ASN B 360 -21.20 -10.25 0.00
CA ASN B 360 -22.39 -11.06 0.29
C ASN B 360 -22.49 -12.29 -0.59
N GLY B 361 -21.58 -12.41 -1.55
CA GLY B 361 -21.56 -13.54 -2.46
C GLY B 361 -21.63 -13.11 -3.91
N PRO B 362 -21.67 -14.09 -4.83
CA PRO B 362 -21.75 -13.84 -6.27
C PRO B 362 -22.94 -12.96 -6.62
N ARG B 363 -22.82 -12.18 -7.69
CA ARG B 363 -23.89 -11.28 -8.11
C ARG B 363 -23.79 -10.95 -9.59
N LYS B 364 -24.89 -11.14 -10.31
CA LYS B 364 -24.94 -10.86 -11.74
C LYS B 364 -24.90 -9.36 -11.99
N ILE B 365 -23.91 -8.91 -12.77
CA ILE B 365 -23.77 -7.50 -13.08
C ILE B 365 -24.21 -7.20 -14.51
N GLY B 366 -24.61 -8.26 -15.23
CA GLY B 366 -25.05 -8.11 -16.61
C GLY B 366 -25.01 -9.42 -17.36
N TYR B 367 -25.25 -9.36 -18.67
CA TYR B 367 -25.22 -10.55 -19.50
C TYR B 367 -24.49 -10.29 -20.81
N TRP B 368 -24.31 -11.34 -21.60
CA TRP B 368 -23.63 -11.22 -22.89
C TRP B 368 -24.41 -11.93 -23.99
N SER B 369 -24.82 -11.17 -24.99
CA SER B 369 -25.53 -11.72 -26.14
C SER B 369 -24.62 -11.74 -27.35
N GLU B 370 -24.76 -12.75 -28.19
CA GLU B 370 -23.94 -12.88 -29.40
C GLU B 370 -24.21 -11.72 -30.36
N VAL B 371 -25.29 -11.00 -30.12
CA VAL B 371 -25.71 -9.92 -31.02
C VAL B 371 -25.67 -8.55 -30.34
N ASP B 372 -25.67 -8.56 -29.01
CA ASP B 372 -25.69 -7.30 -28.24
C ASP B 372 -24.43 -7.12 -27.41
N LYS B 373 -23.49 -8.05 -27.54
CA LYS B 373 -22.27 -8.03 -26.74
C LYS B 373 -22.62 -7.99 -25.25
N MET B 374 -21.86 -7.21 -24.48
CA MET B 374 -22.12 -7.08 -23.04
C MET B 374 -23.13 -6.00 -22.74
N VAL B 375 -24.07 -6.32 -21.84
CA VAL B 375 -25.09 -5.37 -21.42
C VAL B 375 -25.29 -5.44 -19.90
N LEU B 376 -25.00 -4.34 -19.21
CA LEU B 376 -25.06 -4.31 -17.75
C LEU B 376 -26.49 -4.30 -17.19
N THR B 377 -26.68 -5.02 -16.08
CA THR B 377 -27.97 -5.04 -15.40
C THR B 377 -27.90 -4.14 -14.16
N GLU B 378 -28.63 -3.03 -14.19
CA GLU B 378 -28.50 -1.99 -13.18
C GLU B 378 -29.15 -2.34 -11.84
N ASP B 379 -28.31 -2.62 -10.85
CA ASP B 379 -28.74 -2.75 -9.47
C ASP B 379 -27.83 -1.88 -8.61
N LYS B 393 -27.18 19.77 0.13
CA LYS B 393 -25.89 19.02 -0.06
C LYS B 393 -24.88 19.95 -0.72
N THR B 394 -25.05 20.19 -2.02
CA THR B 394 -24.17 21.11 -2.71
C THR B 394 -24.48 22.54 -2.27
N VAL B 395 -23.47 23.22 -1.75
CA VAL B 395 -23.58 24.61 -1.28
C VAL B 395 -23.69 25.63 -2.45
N VAL B 396 -24.81 26.34 -2.54
CA VAL B 396 -24.97 27.34 -3.59
C VAL B 396 -24.26 28.61 -3.14
N VAL B 397 -23.28 29.04 -3.92
CA VAL B 397 -22.49 30.22 -3.60
C VAL B 397 -22.93 31.38 -4.45
N THR B 398 -23.33 32.48 -3.80
CA THR B 398 -23.71 33.66 -4.56
C THR B 398 -22.48 34.59 -4.60
N THR B 399 -22.20 35.07 -5.80
CA THR B 399 -21.07 35.98 -5.98
C THR B 399 -21.40 37.07 -7.01
N ILE B 400 -20.43 37.92 -7.32
CA ILE B 400 -20.67 39.02 -8.24
C ILE B 400 -19.54 39.19 -9.27
N LEU B 401 -19.88 39.48 -10.52
CA LEU B 401 -18.89 39.70 -11.57
C LEU B 401 -18.28 41.05 -11.32
N GLU B 402 -17.18 41.06 -10.57
CA GLU B 402 -16.48 42.28 -10.18
C GLU B 402 -15.03 41.92 -10.31
N SER B 403 -14.29 42.52 -11.25
CA SER B 403 -12.87 42.20 -11.43
C SER B 403 -12.03 42.77 -10.29
N PRO B 404 -10.98 42.04 -9.85
CA PRO B 404 -10.50 40.74 -10.32
C PRO B 404 -11.04 39.57 -9.47
N TYR B 405 -12.09 39.86 -8.71
CA TYR B 405 -12.67 38.87 -7.81
C TYR B 405 -13.30 37.67 -8.54
N VAL B 406 -14.20 37.98 -9.48
CA VAL B 406 -14.89 36.98 -10.28
C VAL B 406 -15.03 37.62 -11.64
N MET B 407 -14.56 36.89 -12.65
CA MET B 407 -14.56 37.33 -14.03
C MET B 407 -14.83 36.14 -14.89
N MET B 408 -15.40 36.38 -16.05
CA MET B 408 -15.67 35.29 -16.96
C MET B 408 -14.36 34.84 -17.60
N LYS B 409 -14.11 33.55 -17.57
CA LYS B 409 -12.91 32.99 -18.16
C LYS B 409 -12.94 33.15 -19.69
N LYS B 410 -11.75 33.26 -20.28
CA LYS B 410 -11.61 33.44 -21.72
C LYS B 410 -12.54 32.62 -22.60
N ASN B 411 -12.46 31.29 -22.48
CA ASN B 411 -13.30 30.42 -23.30
C ASN B 411 -14.39 29.74 -22.50
N HIS B 412 -14.98 30.49 -21.55
CA HIS B 412 -16.03 29.98 -20.67
C HIS B 412 -17.19 29.26 -21.38
N GLU B 413 -17.51 29.65 -22.63
CA GLU B 413 -18.59 29.04 -23.38
C GLU B 413 -18.35 27.57 -23.66
N MET B 414 -17.08 27.19 -23.57
CA MET B 414 -16.63 25.82 -23.80
C MET B 414 -16.40 25.05 -22.49
N LEU B 415 -16.57 25.72 -21.35
CA LEU B 415 -16.38 25.11 -20.03
C LEU B 415 -17.71 24.93 -19.29
N GLU B 416 -17.69 24.22 -18.16
CA GLU B 416 -18.93 24.01 -17.41
C GLU B 416 -18.82 24.34 -15.96
N GLY B 417 -19.99 24.63 -15.38
CA GLY B 417 -20.09 24.94 -13.95
C GLY B 417 -19.13 25.97 -13.39
N ASN B 418 -18.42 25.57 -12.35
CA ASN B 418 -17.46 26.44 -11.67
C ASN B 418 -16.27 26.83 -12.54
N GLU B 419 -15.95 25.96 -13.50
CA GLU B 419 -14.80 26.18 -14.37
C GLU B 419 -14.97 27.34 -15.35
N ARG B 420 -16.18 27.90 -15.41
CA ARG B 420 -16.42 29.03 -16.29
C ARG B 420 -15.82 30.33 -15.75
N TYR B 421 -15.54 30.38 -14.45
CA TYR B 421 -15.06 31.60 -13.83
C TYR B 421 -13.64 31.51 -13.30
N GLU B 422 -13.06 32.67 -13.06
CA GLU B 422 -11.70 32.81 -12.53
C GLU B 422 -11.62 34.11 -11.73
N GLY B 423 -10.68 34.17 -10.79
CA GLY B 423 -10.52 35.37 -10.00
C GLY B 423 -10.12 35.09 -8.57
N TYR B 424 -9.88 36.15 -7.80
CA TYR B 424 -9.50 36.02 -6.41
C TYR B 424 -10.56 35.21 -5.61
N CYS B 425 -11.82 35.57 -5.79
CA CYS B 425 -12.91 34.90 -5.07
C CYS B 425 -13.18 33.50 -5.56
N VAL B 426 -12.80 33.22 -6.81
CA VAL B 426 -12.97 31.86 -7.36
C VAL B 426 -11.89 30.99 -6.67
N ASP B 427 -10.65 31.50 -6.58
CA ASP B 427 -9.58 30.76 -5.89
C ASP B 427 -9.95 30.59 -4.42
N LEU B 428 -10.51 31.64 -3.80
CA LEU B 428 -10.88 31.57 -2.38
C LEU B 428 -12.03 30.57 -2.10
N ALA B 429 -13.05 30.54 -2.97
CA ALA B 429 -14.21 29.63 -2.86
C ALA B 429 -13.74 28.19 -2.88
N ALA B 430 -12.83 27.90 -3.81
CA ALA B 430 -12.26 26.58 -3.96
C ALA B 430 -11.57 26.16 -2.67
N GLU B 431 -10.84 27.09 -2.04
CA GLU B 431 -10.13 26.80 -0.79
C GLU B 431 -11.04 26.67 0.46
N ILE B 432 -11.96 27.62 0.65
CA ILE B 432 -12.88 27.57 1.78
C ILE B 432 -13.67 26.27 1.71
N ALA B 433 -14.03 25.86 0.50
CA ALA B 433 -14.78 24.62 0.31
C ALA B 433 -13.95 23.37 0.68
N LYS B 434 -12.68 23.34 0.27
CA LYS B 434 -11.78 22.23 0.57
C LYS B 434 -11.66 22.08 2.07
N HIS B 435 -11.36 23.20 2.71
CA HIS B 435 -11.16 23.25 4.15
C HIS B 435 -12.39 23.00 4.97
N CYS B 436 -13.55 23.39 4.46
CA CYS B 436 -14.79 23.16 5.20
C CYS B 436 -15.40 21.82 4.87
N GLY B 437 -14.87 21.18 3.82
CA GLY B 437 -15.34 19.87 3.41
C GLY B 437 -16.67 19.86 2.69
N PHE B 438 -16.89 20.84 1.79
CA PHE B 438 -18.16 20.83 1.04
C PHE B 438 -18.03 21.02 -0.45
N LYS B 439 -19.04 20.54 -1.16
CA LYS B 439 -19.09 20.69 -2.61
C LYS B 439 -19.97 21.92 -2.81
N TYR B 440 -19.67 22.71 -3.85
CA TYR B 440 -20.40 23.95 -4.10
C TYR B 440 -20.63 24.26 -5.56
N LYS B 441 -21.51 25.22 -5.78
CA LYS B 441 -21.85 25.68 -7.10
C LYS B 441 -21.85 27.20 -7.09
N LEU B 442 -21.00 27.79 -7.93
CA LEU B 442 -20.91 29.24 -8.06
C LEU B 442 -22.10 29.77 -8.87
N THR B 443 -22.72 30.83 -8.35
CA THR B 443 -23.86 31.48 -9.00
C THR B 443 -23.64 33.00 -8.92
N ILE B 444 -23.87 33.69 -10.03
CA ILE B 444 -23.71 35.14 -10.07
C ILE B 444 -25.04 35.73 -9.62
N VAL B 445 -25.00 36.66 -8.66
CA VAL B 445 -26.21 37.31 -8.15
C VAL B 445 -27.07 37.85 -9.30
N GLY B 446 -28.33 37.45 -9.34
CA GLY B 446 -29.23 37.85 -10.40
C GLY B 446 -29.36 39.34 -10.69
N ASP B 447 -29.50 40.15 -9.66
CA ASP B 447 -29.64 41.57 -9.94
C ASP B 447 -28.32 42.31 -10.06
N GLY B 448 -27.21 41.58 -9.97
CA GLY B 448 -25.89 42.20 -10.06
C GLY B 448 -25.56 43.25 -8.98
N LYS B 449 -26.19 43.14 -7.82
CA LYS B 449 -25.93 44.10 -6.76
C LYS B 449 -25.26 43.48 -5.52
N TYR B 450 -24.73 44.32 -4.64
CA TYR B 450 -24.10 43.85 -3.42
C TYR B 450 -25.15 43.56 -2.32
N GLY B 451 -26.01 44.51 -2.06
CA GLY B 451 -27.04 44.30 -1.06
C GLY B 451 -27.47 45.50 -0.28
N ALA B 452 -28.73 45.86 -0.42
CA ALA B 452 -29.31 47.00 0.29
C ALA B 452 -30.78 46.75 0.61
N ARG B 453 -31.26 47.31 1.70
CA ARG B 453 -32.65 47.18 2.08
C ARG B 453 -33.35 48.37 1.47
N ASP B 454 -34.49 48.12 0.81
CA ASP B 454 -35.24 49.16 0.14
C ASP B 454 -36.08 49.81 1.19
N ALA B 455 -35.84 51.08 1.39
CA ALA B 455 -36.58 51.82 2.37
C ALA B 455 -38.09 51.71 2.18
N ASP B 456 -38.65 51.76 0.98
CA ASP B 456 -40.10 51.71 0.97
C ASP B 456 -40.70 50.28 1.16
N THR B 457 -40.07 49.35 0.45
CA THR B 457 -40.43 47.94 0.23
C THR B 457 -39.96 46.89 1.24
N LYS B 458 -38.94 47.32 1.95
CA LYS B 458 -38.24 46.61 3.02
C LYS B 458 -37.52 45.33 2.59
N ILE B 459 -37.47 45.12 1.28
CA ILE B 459 -36.84 43.95 0.71
C ILE B 459 -35.33 44.17 0.54
N TRP B 460 -34.56 43.11 0.80
CA TRP B 460 -33.11 43.13 0.64
C TRP B 460 -32.78 42.67 -0.77
N ASN B 461 -31.96 43.43 -1.46
CA ASN B 461 -31.57 43.06 -2.81
C ASN B 461 -30.13 42.55 -2.82
N GLY B 462 -29.61 42.25 -4.01
CA GLY B 462 -28.23 41.79 -4.13
C GLY B 462 -27.90 40.47 -3.48
N MET B 463 -26.61 40.24 -3.26
CA MET B 463 -26.16 39.01 -2.64
C MET B 463 -26.76 38.81 -1.26
N VAL B 464 -26.86 39.90 -0.50
CA VAL B 464 -27.43 39.88 0.84
C VAL B 464 -28.84 39.31 0.77
N GLY B 465 -29.63 39.79 -0.19
CA GLY B 465 -30.99 39.33 -0.36
C GLY B 465 -31.04 37.83 -0.69
N GLU B 466 -30.14 37.36 -1.53
CA GLU B 466 -30.13 35.94 -1.87
C GLU B 466 -29.87 35.06 -0.64
N LEU B 467 -29.12 35.59 0.32
CA LEU B 467 -28.81 34.89 1.56
C LEU B 467 -30.02 34.99 2.52
N VAL B 468 -30.58 36.19 2.63
CA VAL B 468 -31.73 36.45 3.52
C VAL B 468 -32.98 35.65 3.17
N TYR B 469 -33.23 35.51 1.86
CA TYR B 469 -34.41 34.79 1.41
C TYR B 469 -34.11 33.34 1.09
N GLY B 470 -32.90 32.92 1.41
CA GLY B 470 -32.52 31.53 1.21
C GLY B 470 -32.26 31.04 -0.18
N LYS B 471 -32.00 31.95 -1.12
CA LYS B 471 -31.71 31.54 -2.49
C LYS B 471 -30.26 31.00 -2.58
N ALA B 472 -29.38 31.45 -1.69
CA ALA B 472 -27.99 30.98 -1.67
C ALA B 472 -27.62 30.62 -0.25
N ASP B 473 -26.60 29.79 -0.11
CA ASP B 473 -26.12 29.32 1.19
C ASP B 473 -24.93 30.12 1.73
N ILE B 474 -24.20 30.76 0.83
CA ILE B 474 -23.02 31.50 1.23
C ILE B 474 -22.68 32.50 0.11
N ALA B 475 -22.10 33.63 0.51
CA ALA B 475 -21.70 34.68 -0.42
C ALA B 475 -20.20 34.83 -0.23
N ILE B 476 -19.48 34.57 -1.31
CA ILE B 476 -18.03 34.70 -1.32
C ILE B 476 -17.77 35.77 -2.38
N ALA B 477 -17.71 37.01 -1.89
CA ALA B 477 -17.55 38.22 -2.70
C ALA B 477 -16.91 39.40 -1.92
N PRO B 478 -16.54 40.49 -2.63
CA PRO B 478 -15.96 41.66 -1.96
C PRO B 478 -17.13 42.40 -1.28
N LEU B 479 -17.77 41.69 -0.34
CA LEU B 479 -18.93 42.16 0.40
C LEU B 479 -18.49 42.74 1.74
N THR B 480 -18.69 44.04 1.88
CA THR B 480 -18.30 44.76 3.07
C THR B 480 -19.11 44.40 4.32
N ILE B 481 -18.39 44.17 5.42
CA ILE B 481 -19.00 43.87 6.72
C ILE B 481 -19.53 45.20 7.24
N THR B 482 -20.86 45.35 7.34
CA THR B 482 -21.45 46.57 7.88
C THR B 482 -22.43 46.19 9.00
N LEU B 483 -22.79 47.17 9.83
CA LEU B 483 -23.73 46.94 10.92
C LEU B 483 -25.14 46.53 10.42
N VAL B 484 -25.70 47.26 9.45
CA VAL B 484 -27.04 46.92 8.95
C VAL B 484 -27.13 45.54 8.30
N ARG B 485 -26.01 45.07 7.72
CA ARG B 485 -26.00 43.75 7.14
C ARG B 485 -25.82 42.69 8.21
N GLU B 486 -24.93 42.95 9.18
CA GLU B 486 -24.68 41.98 10.23
C GLU B 486 -25.90 41.72 11.12
N GLU B 487 -26.90 42.59 11.02
CA GLU B 487 -28.14 42.44 11.76
C GLU B 487 -29.03 41.40 11.08
N VAL B 488 -28.74 41.08 9.83
CA VAL B 488 -29.58 40.12 9.13
C VAL B 488 -28.85 38.90 8.62
N ILE B 489 -27.53 38.98 8.48
CA ILE B 489 -26.71 37.85 8.01
C ILE B 489 -25.46 37.73 8.89
N ASP B 490 -24.76 36.61 8.81
CA ASP B 490 -23.54 36.44 9.56
C ASP B 490 -22.33 36.66 8.63
N PHE B 491 -21.26 37.20 9.19
CA PHE B 491 -20.01 37.42 8.45
C PHE B 491 -18.85 36.79 9.19
N SER B 492 -17.90 36.24 8.44
CA SER B 492 -16.69 35.69 9.04
C SER B 492 -15.84 36.93 9.38
N LYS B 493 -14.71 36.73 10.06
CA LYS B 493 -13.80 37.84 10.31
C LYS B 493 -13.34 38.22 8.91
N PRO B 494 -12.86 39.45 8.71
CA PRO B 494 -12.42 39.83 7.36
C PRO B 494 -11.33 39.03 6.64
N PHE B 495 -11.54 38.77 5.35
CA PHE B 495 -10.53 38.09 4.53
C PHE B 495 -9.71 39.14 3.76
N MET B 496 -10.14 40.40 3.78
CA MET B 496 -9.43 41.48 3.10
C MET B 496 -9.75 42.82 3.81
N SER B 497 -8.72 43.65 4.02
CA SER B 497 -8.88 44.93 4.71
C SER B 497 -8.85 46.04 3.64
N LEU B 498 -9.74 47.02 3.77
CA LEU B 498 -9.82 48.09 2.79
C LEU B 498 -10.40 49.37 3.36
N GLY B 499 -10.59 50.34 2.49
CA GLY B 499 -11.18 51.61 2.88
C GLY B 499 -11.59 52.37 1.64
N ILE B 500 -12.55 53.28 1.78
CA ILE B 500 -13.01 54.09 0.65
C ILE B 500 -11.84 55.01 0.23
N SER B 501 -11.67 55.19 -1.06
CA SER B 501 -10.60 56.05 -1.55
C SER B 501 -11.10 56.79 -2.80
N ILE B 502 -10.22 57.60 -3.39
CA ILE B 502 -10.55 58.36 -4.60
C ILE B 502 -9.79 57.91 -5.86
N MET B 503 -10.51 57.72 -6.94
CA MET B 503 -9.92 57.35 -8.21
C MET B 503 -10.04 58.53 -9.16
N ILE B 504 -8.90 59.01 -9.64
CA ILE B 504 -8.89 60.10 -10.61
C ILE B 504 -8.23 59.66 -11.91
N LYS B 505 -8.58 60.40 -12.95
CA LYS B 505 -7.92 60.27 -14.22
C LYS B 505 -6.58 60.95 -14.01
N LYS B 506 -5.45 60.37 -14.43
CA LYS B 506 -4.16 61.00 -14.17
C LYS B 506 -4.12 62.47 -14.58
N PRO B 632 -6.53 67.70 -10.87
CA PRO B 632 -6.09 68.56 -9.77
C PRO B 632 -6.83 68.28 -8.46
N ILE B 633 -6.75 67.03 -7.98
CA ILE B 633 -7.41 66.60 -6.75
C ILE B 633 -6.45 65.74 -5.96
N GLU B 634 -6.24 66.09 -4.69
CA GLU B 634 -5.35 65.31 -3.84
C GLU B 634 -6.06 64.65 -2.66
N SER B 635 -7.31 65.04 -2.39
CA SER B 635 -8.06 64.50 -1.25
C SER B 635 -9.57 64.73 -1.34
N ALA B 636 -10.30 64.21 -0.35
CA ALA B 636 -11.75 64.36 -0.26
C ALA B 636 -12.08 65.81 0.04
N GLU B 637 -11.24 66.45 0.86
CA GLU B 637 -11.45 67.85 1.19
C GLU B 637 -11.41 68.65 -0.13
N ASP B 638 -10.46 68.32 -1.01
CA ASP B 638 -10.35 68.97 -2.31
C ASP B 638 -11.64 68.82 -3.13
N LEU B 639 -12.21 67.62 -3.17
CA LEU B 639 -13.45 67.38 -3.93
C LEU B 639 -14.61 68.22 -3.41
N SER B 640 -14.77 68.25 -2.10
CA SER B 640 -15.83 69.01 -1.45
C SER B 640 -15.73 70.52 -1.69
N LYS B 641 -14.51 71.06 -1.66
CA LYS B 641 -14.27 72.49 -1.85
C LYS B 641 -14.38 73.01 -3.29
N GLN B 642 -14.93 72.22 -4.20
CA GLN B 642 -15.03 72.65 -5.60
C GLN B 642 -16.18 72.02 -6.36
N THR B 643 -16.45 72.54 -7.55
CA THR B 643 -17.56 72.03 -8.34
C THR B 643 -17.25 71.62 -9.77
N GLU B 644 -16.09 72.03 -10.30
CA GLU B 644 -15.75 71.70 -11.70
C GLU B 644 -15.72 70.19 -11.97
N ILE B 645 -15.08 69.47 -11.07
CA ILE B 645 -14.95 68.02 -11.17
C ILE B 645 -16.08 67.34 -10.40
N ALA B 646 -16.88 66.58 -11.14
CA ALA B 646 -17.99 65.83 -10.54
C ALA B 646 -17.40 64.55 -9.90
N TYR B 647 -18.13 63.97 -8.95
CA TYR B 647 -17.70 62.76 -8.27
C TYR B 647 -18.90 61.99 -7.71
N GLY B 648 -18.82 60.66 -7.80
CA GLY B 648 -19.90 59.80 -7.31
C GLY B 648 -19.42 58.46 -6.80
N THR B 649 -20.38 57.62 -6.42
CA THR B 649 -20.09 56.29 -5.88
C THR B 649 -20.91 55.23 -6.58
N LEU B 650 -20.71 53.96 -6.18
CA LEU B 650 -21.48 52.85 -6.74
C LEU B 650 -22.89 53.04 -6.16
N ASP B 651 -23.87 53.06 -7.05
CA ASP B 651 -25.28 53.26 -6.73
C ASP B 651 -25.80 52.57 -5.47
N SER B 652 -25.59 51.26 -5.38
CA SER B 652 -26.07 50.49 -4.21
C SER B 652 -24.84 49.86 -3.61
N GLY B 653 -24.54 50.22 -2.37
CA GLY B 653 -23.38 49.65 -1.73
C GLY B 653 -22.98 50.36 -0.45
N SER B 654 -21.91 49.86 0.16
CA SER B 654 -21.43 50.40 1.41
C SER B 654 -20.79 51.79 1.30
N THR B 655 -20.20 52.10 0.15
CA THR B 655 -19.59 53.42 -0.03
C THR B 655 -20.68 54.51 -0.02
N LYS B 656 -21.73 54.28 -0.80
CA LYS B 656 -22.90 55.15 -0.92
C LYS B 656 -23.52 55.44 0.46
N GLU B 657 -23.63 54.41 1.31
CA GLU B 657 -24.17 54.55 2.66
C GLU B 657 -23.22 55.30 3.56
N PHE B 658 -21.91 55.12 3.35
CA PHE B 658 -20.93 55.82 4.18
C PHE B 658 -21.16 57.32 4.13
N PHE B 659 -21.40 57.84 2.93
CA PHE B 659 -21.66 59.26 2.74
C PHE B 659 -23.06 59.64 3.21
N ARG B 660 -24.06 58.79 2.92
CA ARG B 660 -25.43 59.07 3.35
C ARG B 660 -25.59 59.23 4.87
N ARG B 661 -24.75 58.53 5.65
CA ARG B 661 -24.82 58.58 7.11
C ARG B 661 -23.69 59.35 7.83
N SER B 662 -22.75 59.92 7.08
CA SER B 662 -21.62 60.63 7.69
C SER B 662 -21.92 61.93 8.45
N LYS B 663 -21.39 62.01 9.68
CA LYS B 663 -21.54 63.18 10.53
C LYS B 663 -20.36 64.12 10.38
N ILE B 664 -19.31 63.63 9.74
CA ILE B 664 -18.10 64.41 9.47
C ILE B 664 -18.46 65.47 8.41
N ALA B 665 -18.04 66.71 8.68
CA ALA B 665 -18.32 67.85 7.81
C ALA B 665 -17.99 67.72 6.33
N VAL B 666 -16.77 67.27 6.03
CA VAL B 666 -16.32 67.11 4.65
C VAL B 666 -17.15 66.08 3.89
N PHE B 667 -17.47 64.96 4.55
CA PHE B 667 -18.25 63.91 3.90
C PHE B 667 -19.73 64.27 3.78
N ASP B 668 -20.25 65.05 4.73
CA ASP B 668 -21.65 65.47 4.69
C ASP B 668 -21.83 66.41 3.50
N LYS B 669 -20.84 67.27 3.30
CA LYS B 669 -20.83 68.25 2.21
C LYS B 669 -20.77 67.49 0.88
N MET B 670 -19.90 66.48 0.81
CA MET B 670 -19.77 65.67 -0.39
C MET B 670 -21.06 64.92 -0.72
N TRP B 671 -21.73 64.39 0.32
CA TRP B 671 -22.99 63.67 0.18
C TRP B 671 -24.11 64.59 -0.30
N THR B 672 -24.19 65.77 0.30
CA THR B 672 -25.20 66.77 -0.05
C THR B 672 -25.13 67.09 -1.54
N TYR B 673 -23.91 67.32 -2.04
CA TYR B 673 -23.71 67.58 -3.46
C TYR B 673 -24.11 66.33 -4.27
N MET B 674 -23.55 65.18 -3.93
CA MET B 674 -23.81 63.94 -4.66
C MET B 674 -25.26 63.55 -4.79
N ARG B 675 -26.02 63.67 -3.70
CA ARG B 675 -27.42 63.28 -3.76
C ARG B 675 -28.26 64.22 -4.62
N SER B 676 -27.90 65.49 -4.69
CA SER B 676 -28.64 66.45 -5.49
C SER B 676 -28.09 66.70 -6.89
N ALA B 677 -26.91 66.16 -7.19
CA ALA B 677 -26.28 66.35 -8.50
C ALA B 677 -27.06 65.75 -9.66
N GLU B 678 -27.12 66.49 -10.77
CA GLU B 678 -27.81 66.06 -11.96
C GLU B 678 -26.99 66.43 -13.20
N PRO B 679 -26.79 65.47 -14.13
CA PRO B 679 -27.31 64.11 -14.06
C PRO B 679 -26.65 63.36 -12.90
N SER B 680 -27.15 62.16 -12.62
CA SER B 680 -26.64 61.35 -11.52
C SER B 680 -25.14 61.10 -11.58
N VAL B 681 -24.55 61.15 -10.40
CA VAL B 681 -23.13 60.88 -10.26
C VAL B 681 -22.89 59.44 -9.80
N PHE B 682 -23.97 58.71 -9.51
CA PHE B 682 -23.86 57.30 -9.07
C PHE B 682 -23.92 56.37 -10.29
N VAL B 683 -23.23 55.23 -10.21
CA VAL B 683 -23.17 54.27 -11.32
C VAL B 683 -23.69 52.90 -10.90
N ARG B 684 -24.15 52.12 -11.87
CA ARG B 684 -24.69 50.79 -11.60
C ARG B 684 -23.63 49.76 -11.20
N THR B 685 -22.44 49.85 -11.80
CA THR B 685 -21.34 48.92 -11.52
C THR B 685 -20.02 49.66 -11.41
N THR B 686 -19.04 49.00 -10.81
CA THR B 686 -17.72 49.59 -10.66
C THR B 686 -17.13 49.94 -12.03
N ALA B 687 -17.24 49.01 -12.98
CA ALA B 687 -16.73 49.20 -14.34
C ALA B 687 -17.30 50.45 -14.98
N GLU B 688 -18.58 50.70 -14.71
CA GLU B 688 -19.25 51.88 -15.25
C GLU B 688 -18.60 53.16 -14.68
N GLY B 689 -18.21 53.09 -13.41
CA GLY B 689 -17.57 54.23 -12.76
C GLY B 689 -16.19 54.45 -13.35
N VAL B 690 -15.46 53.36 -13.58
CA VAL B 690 -14.11 53.44 -14.15
C VAL B 690 -14.11 54.00 -15.56
N ALA B 691 -15.08 53.61 -16.38
CA ALA B 691 -15.16 54.13 -17.75
C ALA B 691 -15.51 55.62 -17.73
N ARG B 692 -16.41 56.02 -16.83
CA ARG B 692 -16.81 57.41 -16.72
C ARG B 692 -15.59 58.25 -16.35
N VAL B 693 -14.75 57.73 -15.45
CA VAL B 693 -13.52 58.44 -15.07
C VAL B 693 -12.62 58.57 -16.31
N ARG B 694 -12.37 57.46 -16.98
CA ARG B 694 -11.52 57.42 -18.16
C ARG B 694 -11.98 58.26 -19.33
N LYS B 695 -13.29 58.42 -19.47
CA LYS B 695 -13.83 59.17 -20.60
C LYS B 695 -14.16 60.62 -20.32
N SER B 696 -14.05 61.03 -19.05
CA SER B 696 -14.42 62.39 -18.65
C SER B 696 -13.35 63.50 -18.66
N LYS B 697 -12.17 63.17 -19.18
CA LYS B 697 -11.07 64.13 -19.29
C LYS B 697 -10.74 64.83 -17.98
N GLY B 698 -10.81 64.09 -16.89
CA GLY B 698 -10.49 64.64 -15.58
C GLY B 698 -11.63 65.39 -14.93
N LYS B 699 -12.81 65.34 -15.53
CA LYS B 699 -13.99 66.04 -15.00
C LYS B 699 -14.87 65.18 -14.11
N TYR B 700 -14.47 63.91 -13.90
CA TYR B 700 -15.21 62.98 -13.04
C TYR B 700 -14.24 62.10 -12.22
N ALA B 701 -14.35 62.19 -10.89
CA ALA B 701 -13.55 61.43 -9.95
C ALA B 701 -14.49 60.38 -9.38
N TYR B 702 -13.96 59.23 -9.00
CA TYR B 702 -14.78 58.14 -8.51
C TYR B 702 -14.40 57.68 -7.10
N LEU B 703 -15.40 57.57 -6.23
CA LEU B 703 -15.22 57.12 -4.84
C LEU B 703 -15.53 55.63 -4.80
N LEU B 704 -14.52 54.82 -4.53
CA LEU B 704 -14.64 53.37 -4.47
C LEU B 704 -13.66 52.81 -3.45
N GLU B 705 -13.79 51.53 -3.15
CA GLU B 705 -12.94 50.91 -2.18
C GLU B 705 -11.51 50.78 -2.73
N SER B 706 -10.54 51.03 -1.85
CA SER B 706 -9.11 51.01 -2.16
C SER B 706 -8.68 49.78 -2.93
N THR B 707 -9.24 48.62 -2.59
CA THR B 707 -8.93 47.35 -3.27
C THR B 707 -9.20 47.40 -4.78
N MET B 708 -10.38 47.91 -5.17
CA MET B 708 -10.74 48.01 -6.59
C MET B 708 -9.91 49.08 -7.30
N ASN B 709 -9.64 50.17 -6.58
CA ASN B 709 -8.85 51.29 -7.07
C ASN B 709 -7.44 50.83 -7.46
N GLU B 710 -6.79 50.13 -6.53
CA GLU B 710 -5.44 49.57 -6.70
C GLU B 710 -5.40 48.54 -7.86
N TYR B 711 -6.49 47.79 -8.00
CA TYR B 711 -6.57 46.85 -9.10
C TYR B 711 -6.61 47.59 -10.45
N ILE B 712 -7.50 48.59 -10.57
CA ILE B 712 -7.65 49.36 -11.82
C ILE B 712 -6.38 50.17 -12.15
N GLU B 713 -5.69 50.60 -11.11
CA GLU B 713 -4.45 51.38 -11.28
C GLU B 713 -3.39 50.52 -12.00
N GLN B 714 -3.53 49.20 -11.93
CA GLN B 714 -2.56 48.32 -12.59
C GLN B 714 -3.05 47.77 -13.92
N ARG B 715 -4.15 48.32 -14.46
CA ARG B 715 -4.69 47.85 -15.74
C ARG B 715 -4.58 48.86 -16.85
N LYS B 716 -4.31 48.39 -18.05
CA LYS B 716 -4.25 49.29 -19.19
C LYS B 716 -5.65 49.91 -19.31
N PRO B 717 -5.75 51.14 -19.84
CA PRO B 717 -4.67 52.02 -20.32
C PRO B 717 -3.80 52.78 -19.32
N CYS B 718 -3.69 52.29 -18.09
CA CYS B 718 -2.87 52.88 -17.02
C CYS B 718 -3.05 54.40 -16.89
N ASP B 719 -4.28 54.85 -17.04
CA ASP B 719 -4.60 56.26 -16.99
C ASP B 719 -5.32 56.71 -15.72
N THR B 720 -5.48 55.80 -14.76
CA THR B 720 -6.15 56.18 -13.51
C THR B 720 -5.17 56.03 -12.39
N MET B 721 -5.52 56.59 -11.27
CA MET B 721 -4.65 56.59 -10.12
C MET B 721 -5.45 56.77 -8.85
N LYS B 722 -4.97 56.16 -7.76
CA LYS B 722 -5.61 56.31 -6.47
C LYS B 722 -4.94 57.50 -5.75
N VAL B 723 -5.72 58.46 -5.25
CA VAL B 723 -5.14 59.61 -4.54
C VAL B 723 -5.62 59.79 -3.12
N GLY B 724 -4.72 60.30 -2.29
CA GLY B 724 -5.02 60.55 -0.90
C GLY B 724 -5.10 59.29 -0.05
N GLY B 725 -5.43 59.45 1.23
CA GLY B 725 -5.51 58.31 2.11
C GLY B 725 -6.88 57.66 2.05
N ASN B 726 -7.03 56.55 2.76
CA ASN B 726 -8.33 55.90 2.81
C ASN B 726 -9.23 56.73 3.72
N LEU B 727 -10.51 56.83 3.38
CA LEU B 727 -11.47 57.61 4.15
C LEU B 727 -11.92 56.90 5.41
N ASP B 728 -11.84 55.57 5.40
CA ASP B 728 -12.22 54.74 6.56
C ASP B 728 -11.44 53.42 6.50
N SER B 729 -11.76 52.55 7.45
CA SER B 729 -11.14 51.23 7.53
C SER B 729 -12.24 50.22 7.79
N LYS B 730 -12.24 49.15 7.01
CA LYS B 730 -13.26 48.14 7.15
C LYS B 730 -12.76 46.85 6.49
N GLY B 731 -13.65 45.86 6.41
CA GLY B 731 -13.25 44.59 5.82
C GLY B 731 -14.34 43.90 5.04
N TYR B 732 -13.92 42.96 4.23
CA TYR B 732 -14.85 42.15 3.43
C TYR B 732 -14.94 40.84 4.20
N GLY B 733 -16.14 40.28 4.32
CA GLY B 733 -16.26 39.02 5.02
C GLY B 733 -17.07 38.04 4.20
N ILE B 734 -16.85 36.74 4.43
CA ILE B 734 -17.64 35.68 3.76
C ILE B 734 -18.95 35.66 4.55
N ALA B 735 -20.06 35.80 3.84
CA ALA B 735 -21.37 35.85 4.49
C ALA B 735 -22.21 34.60 4.36
N THR B 736 -22.98 34.32 5.40
CA THR B 736 -23.88 33.17 5.43
C THR B 736 -25.20 33.62 6.05
N PRO B 737 -26.28 32.84 5.86
CA PRO B 737 -27.55 33.25 6.47
C PRO B 737 -27.45 33.14 7.98
N LYS B 738 -28.19 33.99 8.68
CA LYS B 738 -28.21 34.01 10.14
C LYS B 738 -28.50 32.60 10.67
N GLY B 739 -27.64 32.15 11.60
CA GLY B 739 -27.80 30.83 12.17
C GLY B 739 -27.48 29.69 11.22
N SER B 740 -26.63 29.94 10.23
CA SER B 740 -26.27 28.89 9.28
C SER B 740 -25.33 27.88 9.94
N SER B 741 -25.33 26.68 9.40
CA SER B 741 -24.51 25.59 9.91
C SER B 741 -23.03 25.80 9.54
N LEU B 742 -22.83 26.39 8.36
CA LEU B 742 -21.50 26.67 7.80
C LEU B 742 -20.70 27.78 8.46
N GLY B 743 -21.39 28.71 9.11
CA GLY B 743 -20.72 29.84 9.73
C GLY B 743 -19.42 29.64 10.49
N ASN B 744 -19.46 28.78 11.51
CA ASN B 744 -18.30 28.55 12.35
C ASN B 744 -17.08 28.04 11.58
N PRO B 745 -17.31 27.02 10.76
CA PRO B 745 -16.23 26.44 9.98
C PRO B 745 -15.64 27.40 8.97
N VAL B 746 -16.48 28.18 8.27
CA VAL B 746 -15.93 29.09 7.28
C VAL B 746 -15.13 30.22 7.95
N ASN B 747 -15.54 30.62 9.15
CA ASN B 747 -14.78 31.66 9.85
C ASN B 747 -13.40 31.13 10.21
N LEU B 748 -13.35 29.88 10.68
CA LEU B 748 -12.06 29.27 11.02
C LEU B 748 -11.19 29.09 9.80
N ALA B 749 -11.80 28.77 8.67
CA ALA B 749 -11.07 28.61 7.41
C ALA B 749 -10.44 29.94 6.98
N VAL B 750 -11.20 31.03 7.06
CA VAL B 750 -10.71 32.36 6.72
C VAL B 750 -9.50 32.70 7.60
N LEU B 751 -9.61 32.45 8.90
CA LEU B 751 -8.50 32.74 9.82
C LEU B 751 -7.26 31.87 9.52
N LYS B 752 -7.48 30.58 9.28
CA LYS B 752 -6.41 29.62 8.95
C LYS B 752 -5.72 30.05 7.66
N LEU B 753 -6.52 30.38 6.64
CA LEU B 753 -5.96 30.79 5.34
C LEU B 753 -5.23 32.14 5.38
N ASN B 754 -5.65 33.06 6.24
CA ASN B 754 -4.94 34.34 6.34
C ASN B 754 -3.60 34.09 7.05
N GLU B 755 -3.64 33.33 8.13
CA GLU B 755 -2.43 33.03 8.86
C GLU B 755 -1.38 32.29 8.03
N GLN B 756 -1.81 31.45 7.09
CA GLN B 756 -0.85 30.70 6.28
C GLN B 756 -0.25 31.51 5.13
N GLY B 757 -0.72 32.73 4.95
CA GLY B 757 -0.23 33.56 3.87
C GLY B 757 -0.98 33.47 2.54
N LEU B 758 -2.02 32.63 2.46
CA LEU B 758 -2.79 32.48 1.21
C LEU B 758 -3.51 33.75 0.73
N LEU B 759 -4.15 34.47 1.65
CA LEU B 759 -4.88 35.65 1.26
C LEU B 759 -3.96 36.71 0.63
N ASP B 760 -2.77 36.90 1.21
CA ASP B 760 -1.79 37.86 0.67
C ASP B 760 -1.26 37.36 -0.68
N LYS B 761 -1.05 36.05 -0.78
CA LYS B 761 -0.59 35.40 -2.00
C LYS B 761 -1.60 35.64 -3.12
N LEU B 762 -2.87 35.47 -2.80
CA LEU B 762 -3.96 35.66 -3.78
C LEU B 762 -4.13 37.10 -4.21
N LYS B 763 -3.92 38.06 -3.30
CA LYS B 763 -4.04 39.46 -3.69
C LYS B 763 -2.88 39.79 -4.62
N ASN B 764 -1.68 39.28 -4.31
CA ASN B 764 -0.52 39.49 -5.18
C ASN B 764 -0.74 38.91 -6.56
N LYS B 765 -1.33 37.74 -6.62
CA LYS B 765 -1.60 37.06 -7.89
C LYS B 765 -2.52 37.82 -8.85
N TRP B 766 -3.63 38.30 -8.31
CA TRP B 766 -4.66 38.99 -9.10
C TRP B 766 -4.50 40.51 -9.27
N TRP B 767 -3.70 41.13 -8.42
CA TRP B 767 -3.49 42.58 -8.48
C TRP B 767 -2.18 43.01 -9.15
N TYR B 768 -1.10 42.47 -8.60
CA TYR B 768 0.27 42.88 -8.99
C TYR B 768 1.03 41.89 -9.92
N ASP B 769 0.97 40.58 -9.68
CA ASP B 769 1.66 39.62 -10.53
C ASP B 769 1.23 39.75 -11.98
N LYS B 770 -0.07 39.94 -12.18
CA LYS B 770 -0.64 40.10 -13.50
C LYS B 770 -0.80 41.59 -13.91
N GLY B 771 -0.07 42.49 -13.23
CA GLY B 771 -0.15 43.92 -13.53
C GLY B 771 0.23 44.27 -14.96
N GLU B 772 -0.53 45.18 -15.59
CA GLU B 772 -0.27 45.61 -16.98
C GLU B 772 0.43 46.97 -17.11
N CYS B 773 0.73 47.60 -15.98
CA CYS B 773 1.35 48.93 -15.98
C CYS B 773 2.79 49.00 -15.50
N ASN C 4 -45.11 -27.21 60.99
CA ASN C 4 -44.33 -27.13 59.76
C ASN C 4 -42.95 -26.51 60.00
N SER C 5 -41.94 -27.37 60.09
CA SER C 5 -40.57 -26.91 60.35
C SER C 5 -39.68 -27.10 59.12
N ILE C 6 -39.32 -26.00 58.48
CA ILE C 6 -38.46 -26.03 57.30
C ILE C 6 -37.02 -25.66 57.65
N GLN C 7 -36.14 -26.66 57.65
CA GLN C 7 -34.74 -26.44 57.98
C GLN C 7 -33.96 -25.91 56.79
N ILE C 8 -33.22 -24.82 57.02
CA ILE C 8 -32.39 -24.22 55.97
C ILE C 8 -30.98 -23.96 56.48
N GLY C 9 -30.03 -23.84 55.55
CA GLY C 9 -28.64 -23.60 55.91
C GLY C 9 -28.28 -22.13 55.81
N GLY C 10 -27.34 -21.70 56.64
CA GLY C 10 -26.89 -20.32 56.64
C GLY C 10 -25.37 -20.21 56.70
N LEU C 11 -24.77 -19.83 55.58
CA LEU C 11 -23.32 -19.68 55.50
C LEU C 11 -22.91 -18.22 55.58
N PHE C 12 -22.59 -17.75 56.78
CA PHE C 12 -22.20 -16.36 56.99
C PHE C 12 -20.71 -16.24 57.25
N PRO C 13 -20.01 -15.48 56.39
CA PRO C 13 -18.57 -15.22 56.56
C PRO C 13 -18.31 -14.45 57.86
N ARG C 14 -17.27 -14.86 58.58
CA ARG C 14 -16.92 -14.18 59.84
C ARG C 14 -16.73 -12.69 59.61
N GLY C 15 -17.57 -11.89 60.27
CA GLY C 15 -17.51 -10.45 60.13
C GLY C 15 -18.80 -9.88 59.56
N ALA C 16 -19.67 -10.75 59.07
CA ALA C 16 -20.96 -10.33 58.53
C ALA C 16 -21.96 -10.07 59.64
N ASP C 17 -21.65 -9.10 60.50
CA ASP C 17 -22.50 -8.78 61.63
C ASP C 17 -23.84 -8.19 61.20
N GLN C 18 -23.79 -7.08 60.46
CA GLN C 18 -25.00 -6.41 60.01
C GLN C 18 -25.81 -7.30 59.08
N GLU C 19 -25.12 -8.12 58.29
CA GLU C 19 -25.79 -9.04 57.39
C GLU C 19 -26.61 -10.07 58.17
N TYR C 20 -26.01 -10.62 59.22
CA TYR C 20 -26.70 -11.59 60.05
C TYR C 20 -27.81 -10.92 60.87
N SER C 21 -27.54 -9.72 61.35
CA SER C 21 -28.54 -8.95 62.09
C SER C 21 -29.77 -8.73 61.23
N ALA C 22 -29.54 -8.39 59.96
CA ALA C 22 -30.62 -8.20 59.00
C ALA C 22 -31.29 -9.54 58.71
N PHE C 23 -30.51 -10.62 58.77
CA PHE C 23 -31.02 -11.96 58.55
C PHE C 23 -31.97 -12.35 59.67
N ARG C 24 -31.65 -11.92 60.89
CA ARG C 24 -32.48 -12.20 62.05
C ARG C 24 -33.79 -11.42 61.99
N VAL C 25 -33.68 -10.12 61.71
CA VAL C 25 -34.85 -9.26 61.62
C VAL C 25 -35.83 -9.79 60.58
N GLY C 26 -35.30 -10.34 59.50
CA GLY C 26 -36.12 -10.92 58.45
C GLY C 26 -36.89 -12.13 58.95
N MET C 27 -36.22 -12.95 59.76
CA MET C 27 -36.85 -14.13 60.34
C MET C 27 -38.05 -13.74 61.19
N VAL C 28 -37.96 -12.58 61.83
CA VAL C 28 -39.01 -12.11 62.71
C VAL C 28 -40.16 -11.46 61.93
N GLN C 29 -39.81 -10.63 60.95
CA GLN C 29 -40.79 -9.89 60.18
C GLN C 29 -41.60 -10.80 59.25
N PHE C 30 -41.00 -11.91 58.85
CA PHE C 30 -41.66 -12.82 57.91
C PHE C 30 -41.95 -14.19 58.55
N SER C 31 -42.19 -14.18 59.85
CA SER C 31 -42.53 -15.40 60.57
C SER C 31 -44.05 -15.59 60.62
N THR C 32 -44.53 -16.75 60.18
CA THR C 32 -45.95 -17.03 60.16
C THR C 32 -46.27 -18.33 60.90
N SER C 33 -47.55 -18.53 61.20
CA SER C 33 -47.99 -19.72 61.91
C SER C 33 -48.07 -20.93 60.98
N GLU C 34 -48.24 -20.66 59.69
CA GLU C 34 -48.33 -21.73 58.69
C GLU C 34 -47.07 -22.59 58.69
N PHE C 35 -45.92 -21.95 58.87
CA PHE C 35 -44.64 -22.66 58.90
C PHE C 35 -43.52 -21.77 59.43
N ARG C 36 -42.54 -22.38 60.07
CA ARG C 36 -41.41 -21.65 60.62
C ARG C 36 -40.09 -22.13 60.01
N LEU C 37 -39.18 -21.19 59.76
CA LEU C 37 -37.89 -21.51 59.19
C LEU C 37 -36.84 -21.72 60.28
N THR C 38 -36.10 -22.82 60.17
CA THR C 38 -35.08 -23.18 61.15
C THR C 38 -33.68 -23.02 60.57
N PRO C 39 -33.06 -21.85 60.79
CA PRO C 39 -31.72 -21.55 60.26
C PRO C 39 -30.61 -22.26 61.04
N HIS C 40 -29.76 -22.98 60.32
CA HIS C 40 -28.58 -23.60 60.93
C HIS C 40 -27.34 -22.82 60.50
N ILE C 41 -26.89 -21.92 61.37
CA ILE C 41 -25.82 -20.98 61.03
C ILE C 41 -24.43 -21.60 61.13
N ASP C 42 -23.61 -21.35 60.11
CA ASP C 42 -22.23 -21.83 60.09
C ASP C 42 -21.28 -20.69 59.70
N ASN C 43 -20.53 -20.19 60.68
CA ASN C 43 -19.58 -19.12 60.43
C ASN C 43 -18.21 -19.63 60.01
N LEU C 44 -17.93 -19.57 58.71
CA LEU C 44 -16.65 -20.03 58.18
C LEU C 44 -16.01 -18.99 57.28
N GLU C 45 -14.71 -19.13 57.06
CA GLU C 45 -13.98 -18.25 56.15
C GLU C 45 -14.44 -18.50 54.72
N VAL C 46 -15.31 -17.63 54.22
CA VAL C 46 -15.93 -17.79 52.91
C VAL C 46 -14.90 -17.98 51.81
N ALA C 47 -13.73 -17.40 51.98
CA ALA C 47 -12.67 -17.49 50.97
C ALA C 47 -12.16 -18.90 50.81
N ASN C 48 -11.96 -19.60 51.93
CA ASN C 48 -11.45 -20.96 51.91
C ASN C 48 -12.41 -21.92 51.22
N SER C 49 -12.00 -22.44 50.06
CA SER C 49 -12.84 -23.35 49.29
C SER C 49 -13.12 -24.65 50.04
N PHE C 50 -12.10 -25.18 50.72
CA PHE C 50 -12.25 -26.41 51.47
C PHE C 50 -13.33 -26.29 52.55
N ALA C 51 -13.20 -25.26 53.37
CA ALA C 51 -14.15 -25.02 54.45
C ALA C 51 -15.58 -24.91 53.92
N VAL C 52 -15.73 -24.18 52.82
CA VAL C 52 -17.04 -24.01 52.20
C VAL C 52 -17.63 -25.35 51.77
N THR C 53 -16.77 -26.26 51.33
CA THR C 53 -17.20 -27.58 50.91
C THR C 53 -17.77 -28.36 52.10
N ASN C 54 -17.09 -28.29 53.23
CA ASN C 54 -17.55 -28.96 54.45
C ASN C 54 -18.87 -28.37 54.95
N ALA C 55 -18.92 -27.04 55.01
CA ALA C 55 -20.12 -26.35 55.49
C ALA C 55 -21.33 -26.69 54.63
N PHE C 56 -21.09 -26.97 53.35
CA PHE C 56 -22.16 -27.33 52.42
C PHE C 56 -22.61 -28.76 52.63
N CYS C 57 -21.66 -29.68 52.72
CA CYS C 57 -21.96 -31.09 52.92
C CYS C 57 -22.53 -31.33 54.31
N SER C 58 -22.13 -30.50 55.26
CA SER C 58 -22.62 -30.59 56.63
C SER C 58 -24.10 -30.20 56.68
N GLN C 59 -24.43 -29.08 56.05
CA GLN C 59 -25.81 -28.61 55.99
C GLN C 59 -26.65 -29.53 55.11
N PHE C 60 -25.98 -30.27 54.23
CA PHE C 60 -26.67 -31.19 53.33
C PHE C 60 -27.01 -32.50 54.03
N SER C 61 -26.11 -32.96 54.90
CA SER C 61 -26.33 -34.16 55.67
C SER C 61 -27.40 -33.91 56.73
N ARG C 62 -27.46 -32.69 57.23
CA ARG C 62 -28.47 -32.30 58.19
C ARG C 62 -29.84 -32.23 57.52
N GLY C 63 -29.86 -32.42 56.20
CA GLY C 63 -31.09 -32.45 55.44
C GLY C 63 -31.81 -31.11 55.39
N VAL C 64 -31.24 -30.16 54.68
CA VAL C 64 -31.87 -28.85 54.50
C VAL C 64 -32.60 -28.79 53.16
N TYR C 65 -33.56 -27.86 53.06
CA TYR C 65 -34.33 -27.70 51.84
C TYR C 65 -33.75 -26.62 50.95
N ALA C 66 -33.01 -25.70 51.57
CA ALA C 66 -32.39 -24.60 50.84
C ALA C 66 -31.24 -24.01 51.65
N ILE C 67 -30.31 -23.35 50.97
CA ILE C 67 -29.14 -22.78 51.64
C ILE C 67 -28.96 -21.30 51.28
N PHE C 68 -28.83 -20.47 52.31
CA PHE C 68 -28.53 -19.06 52.11
C PHE C 68 -27.15 -18.73 52.66
N GLY C 69 -26.30 -18.15 51.82
CA GLY C 69 -24.95 -17.81 52.23
C GLY C 69 -24.25 -16.86 51.28
N PHE C 70 -22.93 -16.83 51.36
CA PHE C 70 -22.11 -15.98 50.52
C PHE C 70 -20.95 -16.77 49.93
N TYR C 71 -20.38 -16.25 48.86
CA TYR C 71 -19.19 -16.87 48.26
C TYR C 71 -18.20 -15.83 47.76
N ASP C 72 -16.94 -16.24 47.63
CA ASP C 72 -15.89 -15.35 47.15
C ASP C 72 -15.54 -15.71 45.71
N LYS C 73 -14.67 -14.91 45.10
CA LYS C 73 -14.24 -15.18 43.73
C LYS C 73 -13.53 -16.52 43.62
N LYS C 74 -13.20 -17.11 44.78
CA LYS C 74 -12.48 -18.37 44.81
C LYS C 74 -13.39 -19.56 45.11
N SER C 75 -14.35 -19.35 46.02
CA SER C 75 -15.23 -20.43 46.44
C SER C 75 -16.52 -20.49 45.64
N VAL C 76 -16.76 -19.48 44.82
CA VAL C 76 -17.99 -19.39 44.05
C VAL C 76 -18.21 -20.64 43.18
N ASN C 77 -17.14 -21.14 42.58
CA ASN C 77 -17.24 -22.32 41.72
C ASN C 77 -17.65 -23.57 42.48
N THR C 78 -17.23 -23.67 43.73
CA THR C 78 -17.60 -24.80 44.58
C THR C 78 -19.11 -24.84 44.80
N ILE C 79 -19.67 -23.70 45.19
CA ILE C 79 -21.10 -23.58 45.44
C ILE C 79 -21.92 -23.88 44.19
N THR C 80 -21.67 -23.15 43.12
CA THR C 80 -22.41 -23.31 41.88
C THR C 80 -22.38 -24.74 41.38
N SER C 81 -21.27 -25.43 41.63
CA SER C 81 -21.09 -26.80 41.16
C SER C 81 -21.88 -27.80 41.98
N PHE C 82 -21.66 -27.79 43.29
CA PHE C 82 -22.36 -28.71 44.19
C PHE C 82 -23.87 -28.51 44.16
N CYS C 83 -24.31 -27.26 44.24
CA CYS C 83 -25.72 -26.94 44.22
C CYS C 83 -26.39 -27.39 42.92
N GLY C 84 -25.60 -27.45 41.85
CA GLY C 84 -26.10 -27.89 40.56
C GLY C 84 -26.18 -29.39 40.46
N THR C 85 -25.24 -30.07 41.10
CA THR C 85 -25.18 -31.52 41.08
C THR C 85 -26.19 -32.13 42.04
N LEU C 86 -26.25 -31.56 43.25
CA LEU C 86 -27.14 -32.09 44.29
C LEU C 86 -28.51 -31.44 44.24
N HIS C 87 -28.75 -30.63 43.21
CA HIS C 87 -30.04 -29.97 43.02
C HIS C 87 -30.47 -29.17 44.25
N VAL C 88 -29.49 -28.65 44.99
CA VAL C 88 -29.76 -27.84 46.16
C VAL C 88 -29.82 -26.36 45.78
N SER C 89 -30.84 -25.66 46.27
CA SER C 89 -31.01 -24.25 45.98
C SER C 89 -30.13 -23.39 46.89
N PHE C 90 -29.46 -22.40 46.29
CA PHE C 90 -28.55 -21.54 47.04
C PHE C 90 -28.87 -20.06 46.80
N ILE C 91 -29.39 -19.40 47.83
CA ILE C 91 -29.70 -17.98 47.76
C ILE C 91 -28.55 -17.16 48.33
N THR C 92 -28.10 -16.17 47.57
CA THR C 92 -26.95 -15.36 47.99
C THR C 92 -27.05 -13.92 47.53
N PRO C 93 -26.67 -12.98 48.41
CA PRO C 93 -26.62 -11.55 48.10
C PRO C 93 -25.31 -11.19 47.39
N SER C 94 -24.36 -12.11 47.37
CA SER C 94 -23.06 -11.88 46.76
C SER C 94 -23.17 -11.53 45.28
N PHE C 95 -22.03 -11.21 44.66
CA PHE C 95 -21.99 -10.84 43.25
C PHE C 95 -22.59 -11.93 42.37
N PRO C 96 -23.28 -11.52 41.30
CA PRO C 96 -23.90 -12.46 40.34
C PRO C 96 -22.86 -13.36 39.69
N THR C 97 -23.24 -14.59 39.40
CA THR C 97 -22.34 -15.54 38.76
C THR C 97 -22.13 -15.18 37.28
N ASP C 98 -20.90 -15.34 36.82
CA ASP C 98 -20.58 -15.04 35.42
C ASP C 98 -21.02 -16.18 34.50
N GLY C 99 -22.32 -16.28 34.27
CA GLY C 99 -22.86 -17.33 33.43
C GLY C 99 -24.28 -17.72 33.82
N THR C 100 -24.65 -18.95 33.47
CA THR C 100 -25.99 -19.45 33.78
C THR C 100 -25.92 -20.70 34.65
N HIS C 101 -25.73 -20.50 35.95
CA HIS C 101 -25.64 -21.62 36.88
C HIS C 101 -26.97 -21.88 37.58
N PRO C 102 -27.59 -23.04 37.30
CA PRO C 102 -28.88 -23.42 37.88
C PRO C 102 -28.80 -23.62 39.39
N PHE C 103 -29.96 -23.61 40.04
CA PHE C 103 -30.04 -23.81 41.48
C PHE C 103 -29.27 -22.74 42.28
N VAL C 104 -29.26 -21.53 41.74
CA VAL C 104 -28.62 -20.40 42.42
C VAL C 104 -29.48 -19.15 42.30
N ILE C 105 -29.89 -18.60 43.45
CA ILE C 105 -30.68 -17.38 43.46
C ILE C 105 -29.83 -16.19 43.91
N GLN C 106 -29.70 -15.20 43.04
CA GLN C 106 -28.83 -14.06 43.29
C GLN C 106 -29.61 -12.80 43.61
N MET C 107 -29.38 -12.25 44.81
CA MET C 107 -30.10 -11.07 45.27
C MET C 107 -29.54 -9.79 44.66
N ARG C 108 -28.27 -9.80 44.30
CA ARG C 108 -27.61 -8.62 43.76
C ARG C 108 -27.85 -8.50 42.26
N PRO C 109 -28.46 -7.38 41.83
CA PRO C 109 -28.69 -7.09 40.41
C PRO C 109 -27.38 -6.78 39.70
N ASP C 110 -27.35 -6.97 38.39
CA ASP C 110 -26.14 -6.72 37.61
C ASP C 110 -25.92 -5.22 37.42
N LEU C 111 -24.80 -4.73 37.91
CA LEU C 111 -24.47 -3.30 37.82
C LEU C 111 -23.79 -2.97 36.50
N LYS C 112 -23.24 -3.99 35.85
CA LYS C 112 -22.53 -3.81 34.59
C LYS C 112 -23.26 -2.89 33.62
N GLY C 113 -24.57 -3.09 33.50
CA GLY C 113 -25.38 -2.29 32.60
C GLY C 113 -25.49 -0.84 33.04
N ALA C 114 -25.82 -0.63 34.32
CA ALA C 114 -26.01 0.71 34.85
C ALA C 114 -24.72 1.54 34.77
N LEU C 115 -23.58 0.88 34.90
CA LEU C 115 -22.29 1.56 34.85
C LEU C 115 -22.02 2.10 33.45
N LEU C 116 -22.10 1.21 32.46
CA LEU C 116 -21.84 1.57 31.07
C LEU C 116 -22.74 2.72 30.61
N SER C 117 -23.98 2.72 31.08
CA SER C 117 -24.93 3.76 30.72
C SER C 117 -24.53 5.10 31.30
N LEU C 118 -24.03 5.07 32.54
CA LEU C 118 -23.62 6.30 33.22
C LEU C 118 -22.42 6.93 32.53
N ILE C 119 -21.50 6.10 32.06
CA ILE C 119 -20.31 6.59 31.38
C ILE C 119 -20.69 7.40 30.14
N GLU C 120 -21.62 6.87 29.35
CA GLU C 120 -22.08 7.56 28.15
C GLU C 120 -22.83 8.85 28.49
N TYR C 121 -23.54 8.85 29.62
CA TYR C 121 -24.28 10.02 30.05
C TYR C 121 -23.34 11.20 30.27
N TYR C 122 -22.25 10.97 31.00
CA TYR C 122 -21.25 12.01 31.24
C TYR C 122 -20.36 12.19 30.01
N GLN C 123 -20.58 11.35 29.00
CA GLN C 123 -19.83 11.42 27.76
C GLN C 123 -18.32 11.31 28.00
N TRP C 124 -17.91 10.20 28.60
CA TRP C 124 -16.50 9.95 28.89
C TRP C 124 -15.85 9.20 27.74
N ASP C 125 -14.64 9.63 27.37
CA ASP C 125 -13.89 8.97 26.31
C ASP C 125 -12.54 8.47 26.82
N LYS C 126 -12.05 9.09 27.88
CA LYS C 126 -10.80 8.68 28.50
C LYS C 126 -10.91 8.75 30.01
N PHE C 127 -10.82 7.60 30.66
CA PHE C 127 -10.95 7.53 32.11
C PHE C 127 -10.11 6.41 32.72
N ALA C 128 -9.82 6.54 34.01
CA ALA C 128 -9.08 5.52 34.73
C ALA C 128 -10.05 4.57 35.43
N TYR C 129 -9.74 3.28 35.40
CA TYR C 129 -10.63 2.27 35.99
C TYR C 129 -9.90 1.46 37.05
N LEU C 130 -9.98 1.92 38.29
CA LEU C 130 -9.38 1.20 39.42
C LEU C 130 -10.31 0.10 39.89
N TYR C 131 -9.89 -1.15 39.73
CA TYR C 131 -10.75 -2.28 40.03
C TYR C 131 -10.20 -3.18 41.14
N ASP C 132 -11.07 -4.00 41.70
CA ASP C 132 -10.68 -4.96 42.73
C ASP C 132 -11.13 -6.36 42.30
N SER C 133 -10.21 -7.29 42.28
CA SER C 133 -10.47 -8.64 41.77
C SER C 133 -11.32 -9.48 42.72
N ASP C 134 -11.88 -8.85 43.75
CA ASP C 134 -12.67 -9.57 44.74
C ASP C 134 -14.01 -10.05 44.20
N ARG C 135 -14.68 -9.21 43.41
CA ARG C 135 -15.99 -9.55 42.88
C ARG C 135 -15.91 -9.98 41.42
N GLY C 136 -14.75 -10.49 41.01
CA GLY C 136 -14.56 -10.96 39.65
C GLY C 136 -14.37 -9.83 38.66
N LEU C 137 -13.61 -10.09 37.61
CA LEU C 137 -13.35 -9.09 36.58
C LEU C 137 -14.48 -9.04 35.56
N SER C 138 -15.69 -9.37 36.01
CA SER C 138 -16.86 -9.37 35.14
C SER C 138 -17.17 -7.97 34.61
N THR C 139 -17.06 -6.97 35.49
CA THR C 139 -17.31 -5.58 35.13
C THR C 139 -16.12 -4.99 34.39
N LEU C 140 -14.92 -5.48 34.70
CA LEU C 140 -13.71 -5.02 34.03
C LEU C 140 -13.76 -5.40 32.56
N GLN C 141 -14.12 -6.64 32.27
CA GLN C 141 -14.27 -7.10 30.90
C GLN C 141 -15.35 -6.28 30.19
N ALA C 142 -16.37 -5.90 30.94
CA ALA C 142 -17.48 -5.13 30.39
C ALA C 142 -17.00 -3.80 29.81
N VAL C 143 -16.25 -3.04 30.61
CA VAL C 143 -15.78 -1.73 30.19
C VAL C 143 -14.68 -1.83 29.13
N LEU C 144 -13.89 -2.91 29.21
CA LEU C 144 -12.82 -3.12 28.24
C LEU C 144 -13.39 -3.48 26.86
N ASP C 145 -14.38 -4.36 26.84
CA ASP C 145 -15.02 -4.77 25.60
C ASP C 145 -15.77 -3.58 24.96
N SER C 146 -16.42 -2.79 25.80
CA SER C 146 -17.14 -1.63 25.34
C SER C 146 -16.19 -0.52 24.91
N ALA C 147 -14.97 -0.55 25.43
CA ALA C 147 -13.94 0.42 25.08
C ALA C 147 -13.52 0.25 23.63
N ALA C 148 -13.72 -0.96 23.11
CA ALA C 148 -13.39 -1.26 21.72
C ALA C 148 -14.45 -0.68 20.80
N GLU C 149 -15.72 -0.87 21.15
CA GLU C 149 -16.84 -0.39 20.36
C GLU C 149 -17.01 1.11 20.48
N LYS C 150 -17.21 1.58 21.71
CA LYS C 150 -17.44 3.00 21.96
C LYS C 150 -16.14 3.80 21.83
N LYS C 151 -15.04 3.10 21.59
CA LYS C 151 -13.74 3.75 21.42
C LYS C 151 -13.34 4.57 22.64
N TRP C 152 -13.00 3.90 23.73
CA TRP C 152 -12.53 4.57 24.93
C TRP C 152 -11.06 4.28 25.20
N GLN C 153 -10.39 5.19 25.89
CA GLN C 153 -9.01 4.97 26.32
C GLN C 153 -8.98 4.69 27.82
N VAL C 154 -9.30 3.44 28.18
CA VAL C 154 -9.39 3.06 29.58
C VAL C 154 -8.03 2.69 30.17
N THR C 155 -7.75 3.19 31.36
CA THR C 155 -6.53 2.87 32.07
C THR C 155 -6.84 1.99 33.27
N ALA C 156 -6.97 0.68 33.03
CA ALA C 156 -7.31 -0.27 34.07
C ALA C 156 -6.13 -0.55 34.99
N ILE C 157 -6.36 -0.46 36.29
CA ILE C 157 -5.32 -0.70 37.29
C ILE C 157 -5.85 -1.52 38.45
N ASN C 158 -5.27 -2.69 38.66
CA ASN C 158 -5.67 -3.56 39.77
C ASN C 158 -5.22 -2.99 41.11
N VAL C 159 -6.14 -2.31 41.80
CA VAL C 159 -5.85 -1.70 43.09
C VAL C 159 -6.11 -2.69 44.23
N GLY C 160 -6.18 -3.97 43.89
CA GLY C 160 -6.49 -5.00 44.86
C GLY C 160 -5.28 -5.63 45.54
N ASN C 161 -4.32 -6.07 44.74
CA ASN C 161 -3.14 -6.76 45.27
C ASN C 161 -2.19 -5.87 46.05
N ILE C 162 -2.68 -4.70 46.45
CA ILE C 162 -1.86 -3.76 47.21
C ILE C 162 -1.71 -4.20 48.67
N ASN C 163 -0.51 -4.61 49.05
CA ASN C 163 -0.24 -5.01 50.44
C ASN C 163 -0.47 -3.86 51.41
N ASN C 164 -1.34 -4.08 52.39
CA ASN C 164 -1.81 -3.01 53.27
C ASN C 164 -0.86 -2.53 54.39
N ASP C 165 0.22 -3.28 54.63
CA ASP C 165 1.21 -2.97 55.69
C ASP C 165 2.36 -2.11 55.17
N LYS C 166 2.06 -1.21 54.24
CA LYS C 166 3.06 -0.37 53.57
C LYS C 166 2.43 0.19 52.30
N LYS C 167 1.10 0.27 52.28
CA LYS C 167 0.39 0.74 51.09
C LYS C 167 0.30 2.26 51.00
N ASP C 168 1.42 2.90 50.63
CA ASP C 168 1.46 4.35 50.54
C ASP C 168 2.37 4.76 49.39
N GLU C 169 3.54 4.12 49.32
CA GLU C 169 4.46 4.33 48.20
C GLU C 169 3.86 3.70 46.94
N THR C 170 2.77 2.98 47.13
CA THR C 170 2.07 2.35 46.01
C THR C 170 1.01 3.28 45.44
N TYR C 171 0.30 3.98 46.32
CA TYR C 171 -0.70 4.96 45.91
C TYR C 171 -0.05 6.19 45.28
N ARG C 172 1.09 6.59 45.82
CA ARG C 172 1.85 7.71 45.27
C ARG C 172 2.34 7.36 43.87
N SER C 173 2.70 6.09 43.67
CA SER C 173 3.15 5.61 42.37
C SER C 173 1.96 5.26 41.49
N LEU C 174 0.77 5.24 42.09
CA LEU C 174 -0.45 4.94 41.36
C LEU C 174 -0.97 6.18 40.66
N PHE C 175 -1.05 7.29 41.39
CA PHE C 175 -1.51 8.55 40.82
C PHE C 175 -0.39 9.25 40.06
N GLN C 176 0.78 8.63 40.05
CA GLN C 176 1.90 9.13 39.26
C GLN C 176 1.71 8.69 37.81
N ASP C 177 1.14 7.51 37.63
CA ASP C 177 0.81 7.01 36.30
C ASP C 177 -0.49 7.64 35.81
N LEU C 178 -1.34 8.01 36.75
CA LEU C 178 -2.61 8.67 36.43
C LEU C 178 -2.39 10.16 36.20
N GLU C 179 -1.12 10.56 36.08
CA GLU C 179 -0.78 11.95 35.84
C GLU C 179 -0.04 12.10 34.51
N LEU C 180 0.48 10.99 34.00
CA LEU C 180 1.14 10.98 32.70
C LEU C 180 0.15 11.39 31.63
N LYS C 181 -1.09 10.95 31.77
CA LYS C 181 -2.16 11.30 30.85
C LYS C 181 -3.12 12.29 31.50
N LYS C 182 -2.71 12.83 32.64
CA LYS C 182 -3.52 13.80 33.38
C LYS C 182 -4.95 13.31 33.58
N GLU C 183 -5.08 12.08 34.05
CA GLU C 183 -6.40 11.49 34.30
C GLU C 183 -7.15 12.27 35.37
N ARG C 184 -8.34 12.75 35.02
CA ARG C 184 -9.16 13.51 35.96
C ARG C 184 -10.48 12.79 36.23
N ARG C 185 -10.71 11.70 35.51
CA ARG C 185 -11.95 10.93 35.66
C ARG C 185 -11.66 9.49 36.04
N VAL C 186 -11.98 9.14 37.29
CA VAL C 186 -11.67 7.82 37.82
C VAL C 186 -12.93 7.05 38.19
N ILE C 187 -12.91 5.74 37.92
CA ILE C 187 -14.01 4.86 38.30
C ILE C 187 -13.53 3.87 39.35
N LEU C 188 -14.10 3.96 40.55
CA LEU C 188 -13.70 3.07 41.64
C LEU C 188 -14.62 1.86 41.74
N ASP C 189 -14.13 0.72 41.24
CA ASP C 189 -14.87 -0.53 41.33
C ASP C 189 -14.34 -1.37 42.47
N CYS C 190 -14.75 -1.05 43.70
CA CYS C 190 -14.24 -1.72 44.88
C CYS C 190 -15.35 -1.94 45.91
N GLU C 191 -14.99 -2.60 47.00
CA GLU C 191 -15.91 -2.83 48.10
C GLU C 191 -16.03 -1.56 48.94
N ARG C 192 -17.01 -1.53 49.85
CA ARG C 192 -17.25 -0.36 50.68
C ARG C 192 -16.01 0.03 51.49
N ASP C 193 -15.11 -0.93 51.70
CA ASP C 193 -13.90 -0.69 52.48
C ASP C 193 -12.77 -0.13 51.63
N LYS C 194 -12.43 -0.84 50.56
CA LYS C 194 -11.36 -0.42 49.66
C LYS C 194 -11.64 0.96 49.08
N VAL C 195 -12.91 1.35 49.07
CA VAL C 195 -13.29 2.66 48.55
C VAL C 195 -12.90 3.77 49.52
N ASN C 196 -13.19 3.58 50.80
CA ASN C 196 -12.82 4.56 51.82
C ASN C 196 -11.32 4.78 51.89
N ASP C 197 -10.56 3.70 51.70
CA ASP C 197 -9.11 3.78 51.69
C ASP C 197 -8.63 4.69 50.55
N ILE C 198 -9.19 4.47 49.36
CA ILE C 198 -8.86 5.27 48.20
C ILE C 198 -9.30 6.73 48.38
N VAL C 199 -10.55 6.90 48.83
CA VAL C 199 -11.09 8.23 49.07
C VAL C 199 -10.22 9.03 50.04
N ASP C 200 -9.74 8.36 51.08
CA ASP C 200 -8.87 8.99 52.06
C ASP C 200 -7.55 9.42 51.42
N GLN C 201 -6.96 8.54 50.62
CA GLN C 201 -5.73 8.85 49.91
C GLN C 201 -5.94 10.00 48.95
N VAL C 202 -7.08 9.99 48.26
CA VAL C 202 -7.40 11.04 47.30
C VAL C 202 -7.41 12.42 47.95
N ILE C 203 -7.99 12.49 49.15
CA ILE C 203 -8.06 13.75 49.88
C ILE C 203 -6.67 14.19 50.34
N THR C 204 -5.85 13.22 50.75
CA THR C 204 -4.51 13.51 51.23
C THR C 204 -3.66 14.17 50.14
N ILE C 205 -3.66 13.57 48.95
CA ILE C 205 -2.89 14.10 47.83
C ILE C 205 -3.61 15.30 47.20
N GLY C 206 -4.84 15.54 47.63
CA GLY C 206 -5.59 16.70 47.19
C GLY C 206 -6.23 16.57 45.82
N LYS C 207 -6.41 15.33 45.36
CA LYS C 207 -7.05 15.08 44.08
C LYS C 207 -8.56 14.93 44.23
N HIS C 208 -9.13 15.71 45.15
CA HIS C 208 -10.57 15.68 45.39
C HIS C 208 -11.18 17.06 45.17
N VAL C 209 -10.41 17.95 44.54
CA VAL C 209 -10.85 19.30 44.27
C VAL C 209 -11.56 19.37 42.92
N LYS C 210 -12.10 20.54 42.60
CA LYS C 210 -12.81 20.74 41.34
C LYS C 210 -11.92 20.36 40.16
N GLY C 211 -12.48 19.57 39.24
CA GLY C 211 -11.74 19.11 38.08
C GLY C 211 -11.72 17.60 37.99
N TYR C 212 -11.82 16.95 39.14
CA TYR C 212 -11.84 15.50 39.19
C TYR C 212 -13.27 14.97 39.26
N HIS C 213 -13.48 13.78 38.71
CA HIS C 213 -14.79 13.15 38.71
C HIS C 213 -14.68 11.67 39.04
N TYR C 214 -15.24 11.27 40.17
CA TYR C 214 -15.16 9.87 40.60
C TYR C 214 -16.52 9.17 40.48
N ILE C 215 -16.47 7.88 40.16
CA ILE C 215 -17.67 7.07 40.07
C ILE C 215 -17.52 5.81 40.90
N ILE C 216 -18.29 5.71 41.98
CA ILE C 216 -18.25 4.54 42.85
C ILE C 216 -19.06 3.41 42.25
N ALA C 217 -18.36 2.42 41.70
CA ALA C 217 -19.01 1.31 41.00
C ALA C 217 -19.51 0.22 41.95
N ASN C 218 -20.49 0.57 42.77
CA ASN C 218 -21.15 -0.39 43.65
C ASN C 218 -22.60 0.01 43.92
N LEU C 219 -23.37 -0.91 44.48
CA LEU C 219 -24.79 -0.67 44.74
C LEU C 219 -25.00 0.05 46.07
N GLY C 220 -23.90 0.42 46.73
CA GLY C 220 -23.98 1.11 47.99
C GLY C 220 -23.25 2.44 47.99
N PHE C 221 -23.85 3.43 47.32
CA PHE C 221 -23.24 4.75 47.22
C PHE C 221 -23.27 5.50 48.54
N THR C 222 -24.38 5.39 49.25
CA THR C 222 -24.54 6.07 50.53
C THR C 222 -24.08 5.20 51.69
N ASP C 223 -23.59 4.01 51.38
CA ASP C 223 -23.12 3.09 52.41
C ASP C 223 -21.78 3.53 53.00
N GLY C 224 -21.00 4.26 52.22
CA GLY C 224 -19.72 4.74 52.68
C GLY C 224 -19.75 6.18 53.14
N ASP C 225 -18.67 6.62 53.77
CA ASP C 225 -18.57 8.00 54.25
C ASP C 225 -18.24 8.93 53.08
N LEU C 226 -19.12 9.88 52.83
CA LEU C 226 -18.93 10.82 51.73
C LEU C 226 -18.70 12.24 52.23
N LEU C 227 -18.94 12.47 53.52
CA LEU C 227 -18.77 13.78 54.12
C LEU C 227 -17.36 14.33 53.92
N LYS C 228 -16.41 13.44 53.64
CA LYS C 228 -15.02 13.84 53.47
C LYS C 228 -14.73 14.43 52.09
N ILE C 229 -15.15 13.72 51.04
CA ILE C 229 -14.98 14.22 49.67
C ILE C 229 -16.24 14.92 49.18
N GLN C 230 -17.01 15.46 50.11
CA GLN C 230 -18.26 16.12 49.78
C GLN C 230 -18.05 17.60 49.51
N PHE C 231 -17.15 18.22 50.28
CA PHE C 231 -16.89 19.64 50.15
C PHE C 231 -15.59 19.92 49.41
N GLY C 232 -14.95 18.85 48.94
CA GLY C 232 -13.69 18.98 48.22
C GLY C 232 -13.81 19.76 46.93
N GLY C 233 -14.87 19.49 46.18
CA GLY C 233 -15.11 20.16 44.92
C GLY C 233 -15.27 19.19 43.77
N ALA C 234 -14.55 18.08 43.83
CA ALA C 234 -14.62 17.06 42.79
C ALA C 234 -16.00 16.39 42.80
N GLU C 235 -16.58 16.23 41.62
CA GLU C 235 -17.88 15.61 41.49
C GLU C 235 -17.80 14.10 41.71
N VAL C 236 -18.69 13.58 42.55
CA VAL C 236 -18.73 12.15 42.84
C VAL C 236 -20.09 11.56 42.51
N SER C 237 -20.10 10.50 41.71
CA SER C 237 -21.33 9.82 41.34
C SER C 237 -21.28 8.36 41.76
N GLY C 238 -22.43 7.70 41.77
CA GLY C 238 -22.50 6.31 42.17
C GLY C 238 -23.86 5.69 41.95
N PHE C 239 -24.10 4.56 42.60
CA PHE C 239 -25.36 3.83 42.44
C PHE C 239 -25.95 3.44 43.80
N GLN C 240 -27.26 3.56 43.91
CA GLN C 240 -27.96 3.20 45.14
C GLN C 240 -29.11 2.24 44.85
N ILE C 241 -29.11 1.10 45.52
CA ILE C 241 -30.13 0.08 45.31
C ILE C 241 -31.20 0.16 46.40
N VAL C 242 -30.83 0.66 47.57
CA VAL C 242 -31.76 0.81 48.67
C VAL C 242 -32.31 2.23 48.71
N ASP C 243 -33.47 2.43 48.09
CA ASP C 243 -34.10 3.74 48.06
C ASP C 243 -34.74 4.08 49.40
N TYR C 244 -34.12 5.02 50.12
CA TYR C 244 -34.62 5.41 51.43
C TYR C 244 -35.83 6.35 51.32
N ASP C 245 -36.29 6.56 50.09
CA ASP C 245 -37.46 7.40 49.85
C ASP C 245 -38.73 6.57 49.75
N ASP C 246 -38.58 5.26 49.63
CA ASP C 246 -39.72 4.36 49.62
C ASP C 246 -40.31 4.24 51.02
N SER C 247 -41.62 4.37 51.12
CA SER C 247 -42.30 4.24 52.41
C SER C 247 -42.04 2.87 53.00
N LEU C 248 -41.76 1.89 52.14
CA LEU C 248 -41.45 0.54 52.58
C LEU C 248 -40.11 0.52 53.31
N VAL C 249 -39.10 1.09 52.68
CA VAL C 249 -37.76 1.16 53.29
C VAL C 249 -37.76 2.12 54.47
N SER C 250 -38.46 3.24 54.32
CA SER C 250 -38.54 4.24 55.37
C SER C 250 -39.11 3.65 56.66
N LYS C 251 -40.07 2.75 56.52
CA LYS C 251 -40.68 2.09 57.66
C LYS C 251 -39.71 1.09 58.29
N PHE C 252 -38.92 0.44 57.45
CA PHE C 252 -37.93 -0.52 57.92
C PHE C 252 -36.89 0.15 58.81
N ILE C 253 -36.40 1.30 58.35
CA ILE C 253 -35.39 2.06 59.09
C ILE C 253 -35.95 2.55 60.43
N GLU C 254 -37.23 2.91 60.45
CA GLU C 254 -37.87 3.38 61.67
C GLU C 254 -37.71 2.37 62.80
N ARG C 255 -37.73 1.08 62.46
CA ARG C 255 -37.59 0.03 63.45
C ARG C 255 -36.14 -0.45 63.56
N TRP C 256 -35.42 -0.36 62.45
CA TRP C 256 -34.03 -0.78 62.41
C TRP C 256 -33.13 0.15 63.23
N SER C 257 -33.30 1.45 63.03
CA SER C 257 -32.47 2.44 63.71
C SER C 257 -32.65 2.43 65.23
N THR C 258 -33.73 1.82 65.69
CA THR C 258 -34.04 1.80 67.12
C THR C 258 -33.57 0.52 67.81
N LEU C 259 -33.41 -0.55 67.02
CA LEU C 259 -32.99 -1.83 67.56
C LEU C 259 -31.73 -1.71 68.42
N GLU C 260 -31.65 -2.54 69.46
CA GLU C 260 -30.51 -2.52 70.37
C GLU C 260 -29.26 -3.01 69.64
N GLU C 261 -28.21 -2.19 69.68
CA GLU C 261 -26.96 -2.52 68.99
C GLU C 261 -26.22 -3.66 69.69
N LYS C 262 -26.62 -3.95 70.93
CA LYS C 262 -26.00 -5.03 71.69
C LYS C 262 -26.40 -6.39 71.11
N GLU C 263 -27.69 -6.62 70.97
CA GLU C 263 -28.21 -7.87 70.42
C GLU C 263 -28.07 -7.91 68.91
N TYR C 264 -28.28 -6.75 68.29
CA TYR C 264 -28.15 -6.63 66.83
C TYR C 264 -26.97 -5.75 66.46
N PRO C 265 -25.78 -6.37 66.29
CA PRO C 265 -24.54 -5.66 65.97
C PRO C 265 -24.67 -4.79 64.73
N GLY C 266 -24.15 -3.57 64.80
CA GLY C 266 -24.18 -2.65 63.68
C GLY C 266 -25.56 -2.49 63.07
N ALA C 267 -26.56 -2.29 63.92
CA ALA C 267 -27.93 -2.17 63.46
C ALA C 267 -28.62 -0.93 64.01
N HIS C 268 -27.86 -0.10 64.72
CA HIS C 268 -28.41 1.11 65.32
C HIS C 268 -28.08 2.34 64.49
N THR C 269 -28.36 2.26 63.19
CA THR C 269 -28.09 3.38 62.28
C THR C 269 -29.30 3.67 61.41
N ALA C 270 -29.28 4.82 60.73
CA ALA C 270 -30.37 5.23 59.87
C ALA C 270 -30.21 4.66 58.45
N THR C 271 -29.06 4.06 58.19
CA THR C 271 -28.77 3.47 56.89
C THR C 271 -28.44 1.99 57.01
N ILE C 272 -28.28 1.34 55.87
CA ILE C 272 -27.98 -0.09 55.84
C ILE C 272 -27.22 -0.47 54.58
N LYS C 273 -26.17 -1.27 54.73
CA LYS C 273 -25.38 -1.74 53.60
C LYS C 273 -26.25 -2.55 52.65
N TYR C 274 -26.03 -2.39 51.35
CA TYR C 274 -26.85 -3.07 50.35
C TYR C 274 -26.76 -4.58 50.48
N THR C 275 -25.62 -5.07 50.95
CA THR C 275 -25.43 -6.50 51.19
C THR C 275 -26.37 -6.98 52.29
N SER C 276 -26.53 -6.18 53.33
CA SER C 276 -27.41 -6.51 54.44
C SER C 276 -28.87 -6.41 54.02
N ALA C 277 -29.19 -5.38 53.23
CA ALA C 277 -30.54 -5.16 52.75
C ALA C 277 -31.01 -6.32 51.87
N LEU C 278 -30.08 -6.88 51.10
CA LEU C 278 -30.40 -8.02 50.25
C LEU C 278 -30.62 -9.27 51.07
N THR C 279 -29.89 -9.38 52.18
CA THR C 279 -30.07 -10.50 53.10
C THR C 279 -31.48 -10.52 53.65
N TYR C 280 -31.96 -9.35 54.07
CA TYR C 280 -33.32 -9.20 54.58
C TYR C 280 -34.34 -9.57 53.50
N ASP C 281 -34.10 -9.11 52.29
CA ASP C 281 -34.99 -9.40 51.17
C ASP C 281 -34.91 -10.87 50.78
N ALA C 282 -33.79 -11.52 51.10
CA ALA C 282 -33.60 -12.93 50.82
C ALA C 282 -34.55 -13.78 51.65
N VAL C 283 -34.68 -13.42 52.92
CA VAL C 283 -35.59 -14.12 53.82
C VAL C 283 -37.02 -14.07 53.29
N GLN C 284 -37.42 -12.90 52.81
CA GLN C 284 -38.77 -12.72 52.27
C GLN C 284 -39.00 -13.59 51.04
N VAL C 285 -37.98 -13.73 50.22
CA VAL C 285 -38.08 -14.56 49.01
C VAL C 285 -38.24 -16.04 49.37
N MET C 286 -37.47 -16.48 50.36
CA MET C 286 -37.52 -17.87 50.80
C MET C 286 -38.85 -18.20 51.47
N THR C 287 -39.43 -17.21 52.14
CA THR C 287 -40.73 -17.38 52.78
C THR C 287 -41.83 -17.53 51.75
N GLU C 288 -41.89 -16.58 50.81
CA GLU C 288 -42.90 -16.59 49.76
C GLU C 288 -42.77 -17.84 48.90
N ALA C 289 -41.56 -18.37 48.79
CA ALA C 289 -41.31 -19.54 47.98
C ALA C 289 -41.86 -20.81 48.64
N PHE C 290 -41.55 -20.99 49.92
CA PHE C 290 -42.02 -22.15 50.66
C PHE C 290 -43.53 -22.06 50.89
N ARG C 291 -44.07 -20.85 50.78
CA ARG C 291 -45.50 -20.62 50.97
C ARG C 291 -46.27 -20.97 49.71
N ASN C 292 -45.67 -20.68 48.56
CA ASN C 292 -46.29 -21.01 47.27
C ASN C 292 -46.26 -22.50 46.99
N LEU C 293 -45.51 -23.24 47.80
CA LEU C 293 -45.45 -24.69 47.68
C LEU C 293 -46.53 -25.36 48.51
N ARG C 294 -46.88 -24.73 49.63
CA ARG C 294 -47.94 -25.24 50.49
C ARG C 294 -49.30 -25.02 49.84
N LYS C 295 -49.49 -23.84 49.27
CA LYS C 295 -50.75 -23.49 48.62
C LYS C 295 -50.89 -24.20 47.27
N GLN C 296 -49.78 -24.74 46.77
CA GLN C 296 -49.80 -25.45 45.49
C GLN C 296 -49.94 -26.96 45.70
N ARG C 297 -50.09 -27.36 46.96
CA ARG C 297 -50.26 -28.77 47.30
C ARG C 297 -49.10 -29.61 46.78
N ILE C 298 -47.87 -29.17 47.08
CA ILE C 298 -46.68 -29.90 46.63
C ILE C 298 -45.88 -30.44 47.82
N GLU C 299 -45.84 -31.76 47.93
CA GLU C 299 -45.09 -32.41 49.00
C GLU C 299 -43.61 -32.52 48.65
N ILE C 300 -42.75 -32.03 49.53
CA ILE C 300 -41.31 -32.04 49.30
C ILE C 300 -40.55 -32.46 50.54
N SER C 301 -41.28 -32.61 51.64
CA SER C 301 -40.67 -32.85 52.95
C SER C 301 -39.82 -34.11 52.99
N ARG C 302 -38.80 -34.10 53.84
CA ARG C 302 -37.92 -35.24 54.03
C ARG C 302 -37.34 -35.25 55.45
N ARG C 303 -36.26 -35.98 55.64
CA ARG C 303 -35.62 -36.07 56.95
C ARG C 303 -34.14 -35.71 56.86
N GLY C 304 -33.44 -35.80 58.00
CA GLY C 304 -32.03 -35.50 58.05
C GLY C 304 -31.17 -36.70 57.70
N ASN C 305 -31.49 -37.35 56.59
CA ASN C 305 -30.74 -38.51 56.14
C ASN C 305 -30.49 -38.51 54.63
N ALA C 306 -30.31 -37.32 54.08
CA ALA C 306 -29.93 -37.16 52.68
C ALA C 306 -28.66 -37.94 52.38
N GLY C 307 -27.88 -38.22 53.42
CA GLY C 307 -26.65 -38.97 53.28
C GLY C 307 -25.45 -38.08 53.00
N ASP C 308 -24.29 -38.69 52.79
CA ASP C 308 -23.07 -37.96 52.51
C ASP C 308 -23.15 -37.35 51.11
N CYS C 309 -22.74 -36.08 51.00
CA CYS C 309 -22.79 -35.37 49.72
C CYS C 309 -21.82 -35.95 48.70
N LEU C 310 -20.78 -36.61 49.19
CA LEU C 310 -19.78 -37.23 48.31
C LEU C 310 -20.25 -38.59 47.81
N ALA C 311 -21.49 -38.95 48.15
CA ALA C 311 -22.04 -40.23 47.73
C ALA C 311 -21.88 -40.44 46.23
N ASN C 312 -21.36 -41.61 45.86
CA ASN C 312 -21.12 -41.94 44.46
C ASN C 312 -21.74 -43.29 44.10
N PRO C 313 -22.62 -43.32 43.09
CA PRO C 313 -23.04 -42.14 42.32
C PRO C 313 -23.91 -41.19 43.13
N ALA C 314 -23.80 -39.89 42.84
CA ALA C 314 -24.59 -38.88 43.52
C ALA C 314 -25.98 -38.76 42.91
N VAL C 315 -27.00 -39.04 43.70
CA VAL C 315 -28.38 -38.98 43.22
C VAL C 315 -29.11 -37.75 43.77
N PRO C 316 -29.54 -36.85 42.87
CA PRO C 316 -30.27 -35.64 43.22
C PRO C 316 -31.70 -35.95 43.64
N TRP C 317 -32.13 -35.45 44.79
CA TRP C 317 -33.50 -35.66 45.25
C TRP C 317 -34.47 -34.80 44.46
N GLY C 318 -35.42 -35.45 43.79
CA GLY C 318 -36.35 -34.78 42.90
C GLY C 318 -37.11 -33.62 43.51
N GLN C 319 -37.25 -33.63 44.83
CA GLN C 319 -37.99 -32.57 45.53
C GLN C 319 -37.28 -31.22 45.40
N GLY C 320 -36.01 -31.25 45.00
CA GLY C 320 -35.23 -30.03 44.86
C GLY C 320 -35.61 -29.24 43.63
N VAL C 321 -36.03 -29.93 42.58
CA VAL C 321 -36.43 -29.29 41.33
C VAL C 321 -37.60 -28.36 41.55
N GLU C 322 -38.49 -28.73 42.45
CA GLU C 322 -39.68 -27.94 42.76
C GLU C 322 -39.33 -26.72 43.61
N ILE C 323 -38.39 -26.90 44.52
CA ILE C 323 -37.95 -25.81 45.39
C ILE C 323 -37.33 -24.69 44.58
N GLU C 324 -36.69 -25.05 43.47
CA GLU C 324 -36.08 -24.07 42.58
C GLU C 324 -37.16 -23.29 41.82
N ARG C 325 -38.11 -24.02 41.25
CA ARG C 325 -39.20 -23.40 40.50
C ARG C 325 -40.07 -22.52 41.39
N ALA C 326 -39.91 -22.68 42.71
CA ALA C 326 -40.64 -21.88 43.67
C ALA C 326 -39.96 -20.54 43.91
N LEU C 327 -38.70 -20.60 44.30
CA LEU C 327 -37.91 -19.40 44.57
C LEU C 327 -37.83 -18.50 43.33
N LYS C 328 -37.61 -19.12 42.18
CA LYS C 328 -37.47 -18.38 40.93
C LYS C 328 -38.80 -17.78 40.47
N GLN C 329 -39.90 -18.30 41.01
CA GLN C 329 -41.23 -17.81 40.64
C GLN C 329 -41.68 -16.70 41.57
N VAL C 330 -40.98 -16.54 42.69
CA VAL C 330 -41.32 -15.51 43.68
C VAL C 330 -41.25 -14.12 43.07
N GLN C 331 -42.16 -13.25 43.51
CA GLN C 331 -42.15 -11.85 43.07
C GLN C 331 -42.84 -10.96 44.08
N VAL C 332 -42.05 -10.39 44.99
CA VAL C 332 -42.57 -9.51 46.02
C VAL C 332 -41.84 -8.17 46.01
N GLU C 333 -42.23 -7.27 46.92
CA GLU C 333 -41.62 -5.96 47.02
C GLU C 333 -40.73 -5.89 48.26
N GLY C 334 -39.46 -5.50 48.07
CA GLY C 334 -38.52 -5.45 49.17
C GLY C 334 -37.76 -4.12 49.22
N LEU C 335 -36.73 -4.09 50.06
CA LEU C 335 -35.91 -2.89 50.21
C LEU C 335 -35.20 -2.53 48.92
N SER C 336 -34.86 -3.55 48.14
CA SER C 336 -34.13 -3.34 46.88
C SER C 336 -35.10 -3.29 45.69
N GLY C 337 -36.21 -2.58 45.86
CA GLY C 337 -37.18 -2.41 44.80
C GLY C 337 -37.91 -3.69 44.44
N ASN C 338 -38.51 -3.71 43.26
CA ASN C 338 -39.25 -4.88 42.80
C ASN C 338 -38.34 -6.09 42.58
N ILE C 339 -38.66 -7.19 43.25
CA ILE C 339 -37.86 -8.40 43.15
C ILE C 339 -38.49 -9.43 42.20
N LYS C 340 -37.77 -9.74 41.12
CA LYS C 340 -38.23 -10.74 40.16
C LYS C 340 -37.04 -11.53 39.64
N PHE C 341 -37.29 -12.75 39.16
CA PHE C 341 -36.21 -13.61 38.68
C PHE C 341 -36.54 -14.24 37.33
N ASP C 342 -35.49 -14.71 36.65
CA ASP C 342 -35.67 -15.45 35.41
C ASP C 342 -35.43 -16.94 35.67
N GLN C 343 -35.40 -17.73 34.60
CA GLN C 343 -35.24 -19.17 34.73
C GLN C 343 -33.89 -19.56 35.35
N ASN C 344 -32.93 -18.64 35.28
CA ASN C 344 -31.59 -18.93 35.80
C ASN C 344 -31.41 -18.54 37.26
N GLY C 345 -31.87 -17.35 37.62
CA GLY C 345 -31.75 -16.87 38.99
C GLY C 345 -31.34 -15.41 39.06
N LYS C 346 -30.92 -14.87 37.93
CA LYS C 346 -30.54 -13.46 37.86
C LYS C 346 -31.77 -12.57 37.95
N ARG C 347 -31.69 -11.52 38.77
CA ARG C 347 -32.82 -10.63 38.96
C ARG C 347 -33.16 -9.85 37.70
N ILE C 348 -34.45 -9.58 37.51
CA ILE C 348 -34.92 -8.84 36.34
C ILE C 348 -35.97 -7.82 36.76
N ASN C 349 -36.31 -6.93 35.83
CA ASN C 349 -37.29 -5.88 36.09
C ASN C 349 -36.99 -5.12 37.38
N TYR C 350 -35.73 -4.77 37.56
CA TYR C 350 -35.29 -4.04 38.75
C TYR C 350 -34.95 -2.60 38.42
N THR C 351 -34.66 -1.81 39.45
CA THR C 351 -34.35 -0.39 39.26
C THR C 351 -33.16 0.03 40.12
N ILE C 352 -32.19 0.66 39.47
CA ILE C 352 -31.00 1.17 40.16
C ILE C 352 -30.91 2.68 40.03
N ASN C 353 -31.06 3.38 41.14
CA ASN C 353 -31.02 4.84 41.14
C ASN C 353 -29.60 5.39 40.95
N ILE C 354 -29.46 6.30 39.99
CA ILE C 354 -28.18 6.97 39.76
C ILE C 354 -28.04 8.16 40.70
N MET C 355 -26.93 8.21 41.42
CA MET C 355 -26.73 9.22 42.46
C MET C 355 -25.58 10.16 42.12
N GLU C 356 -25.72 11.42 42.53
CA GLU C 356 -24.66 12.40 42.43
C GLU C 356 -24.48 13.08 43.79
N LEU C 357 -23.24 13.39 44.14
CA LEU C 357 -22.94 14.03 45.42
C LEU C 357 -22.82 15.54 45.28
N LYS C 358 -23.80 16.25 45.82
CA LYS C 358 -23.80 17.71 45.78
C LYS C 358 -23.33 18.29 47.11
N THR C 359 -23.47 19.60 47.27
CA THR C 359 -23.05 20.28 48.49
C THR C 359 -23.94 19.90 49.67
N ASN C 360 -25.24 19.81 49.43
CA ASN C 360 -26.19 19.49 50.49
C ASN C 360 -26.23 17.99 50.79
N GLY C 361 -25.50 17.21 49.99
CA GLY C 361 -25.47 15.77 50.17
C GLY C 361 -25.88 15.03 48.91
N PRO C 362 -25.91 13.68 48.99
CA PRO C 362 -26.31 12.82 47.87
C PRO C 362 -27.68 13.20 47.33
N ARG C 363 -27.90 12.96 46.04
CA ARG C 363 -29.16 13.30 45.41
C ARG C 363 -29.40 12.46 44.15
N LYS C 364 -30.56 11.83 44.08
CA LYS C 364 -30.92 11.00 42.94
C LYS C 364 -31.20 11.85 41.71
N ILE C 365 -30.47 11.60 40.64
CA ILE C 365 -30.65 12.36 39.40
C ILE C 365 -31.39 11.54 38.35
N GLY C 366 -31.72 10.30 38.70
CA GLY C 366 -32.43 9.41 37.80
C GLY C 366 -32.28 7.96 38.19
N TYR C 367 -32.77 7.06 37.33
CA TYR C 367 -32.69 5.63 37.59
C TYR C 367 -32.27 4.87 36.34
N TRP C 368 -32.04 3.56 36.50
CA TRP C 368 -31.65 2.72 35.38
C TRP C 368 -32.49 1.45 35.33
N SER C 369 -33.21 1.26 34.24
CA SER C 369 -34.01 0.06 34.04
C SER C 369 -33.35 -0.84 32.99
N GLU C 370 -33.46 -2.15 33.19
CA GLU C 370 -32.87 -3.10 32.25
C GLU C 370 -33.52 -2.99 30.87
N VAL C 371 -34.65 -2.30 30.81
CA VAL C 371 -35.41 -2.18 29.56
C VAL C 371 -35.48 -0.75 29.05
N ASP C 372 -35.24 0.21 29.95
CA ASP C 372 -35.33 1.62 29.60
C ASP C 372 -33.99 2.33 29.70
N LYS C 373 -32.94 1.58 30.02
CA LYS C 373 -31.62 2.17 30.23
C LYS C 373 -31.70 3.26 31.28
N MET C 374 -30.95 4.35 31.07
CA MET C 374 -30.96 5.46 32.01
C MET C 374 -32.08 6.46 31.73
N VAL C 375 -32.76 6.88 32.78
CA VAL C 375 -33.83 7.87 32.67
C VAL C 375 -33.73 8.90 33.79
N LEU C 376 -33.47 10.15 33.42
CA LEU C 376 -33.30 11.21 34.40
C LEU C 376 -34.62 11.72 34.95
N THR C 377 -34.63 12.02 36.24
CA THR C 377 -35.81 12.60 36.90
C THR C 377 -35.57 14.09 37.15
N GLU C 378 -36.28 14.93 36.43
CA GLU C 378 -36.10 16.37 36.52
C GLU C 378 -36.45 16.92 37.90
N LYS C 393 -25.49 43.20 37.33
CA LYS C 393 -24.25 42.45 37.16
C LYS C 393 -23.13 43.34 36.60
N THR C 394 -22.26 43.85 37.50
CA THR C 394 -21.12 44.68 37.08
C THR C 394 -20.13 43.82 36.28
N VAL C 395 -19.88 44.23 35.04
CA VAL C 395 -18.98 43.53 34.14
C VAL C 395 -17.50 43.69 34.48
N VAL C 396 -16.81 42.59 34.76
CA VAL C 396 -15.36 42.60 35.03
C VAL C 396 -14.62 42.62 33.70
N VAL C 397 -13.95 43.73 33.42
CA VAL C 397 -13.19 43.88 32.19
C VAL C 397 -11.73 43.58 32.42
N THR C 398 -11.16 42.65 31.65
CA THR C 398 -9.73 42.39 31.80
C THR C 398 -9.00 43.18 30.70
N THR C 399 -7.93 43.86 31.10
CA THR C 399 -7.18 44.63 30.14
C THR C 399 -5.71 44.56 30.49
N ILE C 400 -4.88 45.24 29.71
CA ILE C 400 -3.44 45.18 29.91
C ILE C 400 -2.82 46.60 29.80
N LEU C 401 -1.90 46.91 30.71
CA LEU C 401 -1.23 48.21 30.69
C LEU C 401 -0.24 48.17 29.51
N GLU C 402 -0.70 48.74 28.39
CA GLU C 402 0.05 48.76 27.14
C GLU C 402 -0.28 50.11 26.51
N SER C 403 0.73 50.95 26.32
CA SER C 403 0.51 52.26 25.74
C SER C 403 0.25 52.18 24.24
N PRO C 404 -0.67 53.02 23.73
CA PRO C 404 -1.47 54.01 24.45
C PRO C 404 -2.90 53.50 24.72
N TYR C 405 -3.04 52.18 24.80
CA TYR C 405 -4.36 51.58 25.04
C TYR C 405 -4.80 51.77 26.48
N VAL C 406 -3.98 51.34 27.43
CA VAL C 406 -4.29 51.51 28.84
C VAL C 406 -3.00 51.96 29.51
N MET C 407 -3.07 53.12 30.13
CA MET C 407 -1.93 53.70 30.84
C MET C 407 -2.47 54.35 32.11
N MET C 408 -1.66 54.36 33.17
CA MET C 408 -2.07 55.02 34.40
C MET C 408 -1.95 56.55 34.20
N LYS C 409 -3.00 57.28 34.58
CA LYS C 409 -3.02 58.75 34.47
C LYS C 409 -1.89 59.33 35.35
N LYS C 410 -1.44 60.54 35.00
CA LYS C 410 -0.39 61.18 35.76
C LYS C 410 -0.70 61.28 37.25
N ASN C 411 -1.95 61.61 37.56
CA ASN C 411 -2.42 61.79 38.92
C ASN C 411 -3.17 60.60 39.53
N HIS C 412 -2.86 59.38 39.11
CA HIS C 412 -3.55 58.19 39.62
C HIS C 412 -3.65 58.01 41.13
N GLU C 413 -2.67 58.53 41.86
CA GLU C 413 -2.64 58.42 43.31
C GLU C 413 -3.93 58.85 44.00
N MET C 414 -4.46 60.01 43.61
CA MET C 414 -5.67 60.50 44.21
C MET C 414 -6.94 60.07 43.48
N LEU C 415 -6.82 59.07 42.59
CA LEU C 415 -7.97 58.58 41.81
C LEU C 415 -8.37 57.15 42.19
N GLU C 416 -9.64 56.82 41.96
CA GLU C 416 -10.12 55.49 42.30
C GLU C 416 -10.84 54.74 41.18
N GLY C 417 -10.73 53.42 41.20
CA GLY C 417 -11.39 52.59 40.22
C GLY C 417 -11.03 52.85 38.76
N ASN C 418 -12.05 52.91 37.90
CA ASN C 418 -11.84 53.14 36.48
C ASN C 418 -11.23 54.50 36.19
N GLU C 419 -11.25 55.39 37.17
CA GLU C 419 -10.70 56.73 36.98
C GLU C 419 -9.18 56.81 36.93
N ARG C 420 -8.50 55.78 37.43
CA ARG C 420 -7.05 55.75 37.45
C ARG C 420 -6.40 55.54 36.09
N TYR C 421 -7.19 55.15 35.11
CA TYR C 421 -6.68 54.82 33.78
C TYR C 421 -7.11 55.74 32.66
N GLU C 422 -6.36 55.66 31.57
CA GLU C 422 -6.64 56.46 30.38
C GLU C 422 -6.02 55.79 29.18
N GLY C 423 -6.57 56.07 28.00
CA GLY C 423 -6.03 55.46 26.81
C GLY C 423 -7.12 55.09 25.83
N TYR C 424 -6.72 54.56 24.69
CA TYR C 424 -7.65 54.17 23.63
C TYR C 424 -8.70 53.16 24.14
N CYS C 425 -8.25 52.10 24.79
CA CYS C 425 -9.15 51.07 25.33
C CYS C 425 -10.00 51.54 26.53
N VAL C 426 -9.53 52.55 27.27
CA VAL C 426 -10.32 53.08 28.36
C VAL C 426 -11.54 53.81 27.74
N ASP C 427 -11.31 54.62 26.69
CA ASP C 427 -12.41 55.32 26.04
C ASP C 427 -13.33 54.34 25.31
N LEU C 428 -12.72 53.28 24.75
CA LEU C 428 -13.47 52.26 24.03
C LEU C 428 -14.41 51.51 24.98
N ALA C 429 -13.92 51.14 26.16
CA ALA C 429 -14.70 50.43 27.18
C ALA C 429 -15.93 51.28 27.58
N ALA C 430 -15.69 52.56 27.86
CA ALA C 430 -16.73 53.51 28.23
C ALA C 430 -17.81 53.56 27.14
N GLU C 431 -17.34 53.60 25.90
CA GLU C 431 -18.20 53.65 24.73
C GLU C 431 -19.04 52.39 24.49
N ILE C 432 -18.42 51.22 24.48
CA ILE C 432 -19.21 50.02 24.26
C ILE C 432 -20.15 49.77 25.45
N ALA C 433 -19.70 50.11 26.68
CA ALA C 433 -20.53 49.92 27.87
C ALA C 433 -21.74 50.84 27.80
N LYS C 434 -21.57 51.98 27.13
CA LYS C 434 -22.64 52.96 26.96
C LYS C 434 -23.69 52.38 26.01
N HIS C 435 -23.23 51.87 24.87
CA HIS C 435 -24.11 51.27 23.86
C HIS C 435 -24.73 49.95 24.26
N CYS C 436 -24.04 49.17 25.10
CA CYS C 436 -24.55 47.88 25.54
C CYS C 436 -25.28 47.96 26.91
N GLY C 437 -25.36 49.16 27.45
CA GLY C 437 -26.03 49.36 28.71
C GLY C 437 -25.56 48.58 29.93
N PHE C 438 -24.25 48.52 30.16
CA PHE C 438 -23.74 47.83 31.34
C PHE C 438 -22.73 48.66 32.12
N LYS C 439 -22.61 48.35 33.41
CA LYS C 439 -21.65 49.01 34.30
C LYS C 439 -20.46 48.03 34.33
N TYR C 440 -19.27 48.54 34.55
CA TYR C 440 -18.08 47.70 34.54
C TYR C 440 -16.95 48.19 35.41
N LYS C 441 -15.99 47.30 35.63
CA LYS C 441 -14.80 47.61 36.39
C LYS C 441 -13.60 47.13 35.57
N LEU C 442 -12.68 48.05 35.29
CA LEU C 442 -11.45 47.72 34.57
C LEU C 442 -10.47 47.03 35.54
N THR C 443 -9.92 45.90 35.11
CA THR C 443 -8.95 45.17 35.93
C THR C 443 -7.79 44.81 35.01
N ILE C 444 -6.58 44.93 35.54
CA ILE C 444 -5.39 44.63 34.75
C ILE C 444 -5.08 43.14 34.90
N VAL C 445 -4.91 42.46 33.77
CA VAL C 445 -4.63 41.03 33.76
C VAL C 445 -3.52 40.70 34.78
N GLY C 446 -3.85 39.81 35.71
CA GLY C 446 -2.93 39.45 36.78
C GLY C 446 -1.54 39.07 36.36
N ASP C 447 -1.42 38.28 35.31
CA ASP C 447 -0.09 37.83 34.88
C ASP C 447 0.59 38.71 33.82
N GLY C 448 -0.06 39.83 33.46
CA GLY C 448 0.49 40.76 32.48
C GLY C 448 0.66 40.29 31.05
N LYS C 449 -0.02 39.19 30.71
CA LYS C 449 0.08 38.61 29.37
C LYS C 449 -1.20 38.71 28.52
N TYR C 450 -1.01 38.55 27.22
CA TYR C 450 -2.10 38.60 26.26
C TYR C 450 -2.80 37.23 26.29
N GLY C 451 -2.04 36.18 26.02
CA GLY C 451 -2.63 34.86 26.08
C GLY C 451 -2.06 33.82 25.16
N ALA C 452 -1.58 32.74 25.76
CA ALA C 452 -1.05 31.63 25.00
C ALA C 452 -1.34 30.34 25.79
N ARG C 453 -1.40 29.23 25.08
CA ARG C 453 -1.68 27.94 25.67
C ARG C 453 -0.40 27.13 25.92
N ASP C 454 -0.17 26.77 27.17
CA ASP C 454 1.00 25.97 27.53
C ASP C 454 0.87 24.61 26.84
N ALA C 455 1.83 24.24 26.01
CA ALA C 455 1.79 22.94 25.30
C ALA C 455 1.78 21.69 26.21
N ASP C 456 2.35 21.84 27.40
CA ASP C 456 2.40 20.75 28.36
C ASP C 456 1.11 20.58 29.16
N THR C 457 0.68 21.63 29.86
CA THR C 457 -0.55 21.58 30.68
C THR C 457 -1.84 21.85 29.91
N LYS C 458 -1.72 22.59 28.80
CA LYS C 458 -2.85 22.97 27.95
C LYS C 458 -3.65 24.12 28.56
N ILE C 459 -3.11 24.72 29.63
CA ILE C 459 -3.73 25.85 30.34
C ILE C 459 -3.41 27.20 29.68
N TRP C 460 -4.45 28.00 29.48
CA TRP C 460 -4.30 29.32 28.88
C TRP C 460 -3.95 30.36 29.94
N ASN C 461 -3.01 31.25 29.61
CA ASN C 461 -2.61 32.30 30.52
C ASN C 461 -3.12 33.61 29.93
N GLY C 462 -2.73 34.72 30.54
CA GLY C 462 -3.12 36.03 30.05
C GLY C 462 -4.60 36.33 30.12
N MET C 463 -4.99 37.36 29.36
CA MET C 463 -6.39 37.77 29.29
C MET C 463 -7.27 36.64 28.75
N VAL C 464 -6.72 35.84 27.83
CA VAL C 464 -7.45 34.70 27.27
C VAL C 464 -7.82 33.73 28.39
N GLY C 465 -6.83 33.43 29.22
CA GLY C 465 -7.01 32.54 30.36
C GLY C 465 -8.03 33.08 31.37
N GLU C 466 -7.99 34.38 31.62
CA GLU C 466 -8.96 34.96 32.56
C GLU C 466 -10.39 34.84 32.04
N LEU C 467 -10.55 34.86 30.72
CA LEU C 467 -11.85 34.72 30.06
C LEU C 467 -12.28 33.25 30.05
N VAL C 468 -11.33 32.40 29.66
CA VAL C 468 -11.52 30.95 29.57
C VAL C 468 -11.90 30.32 30.92
N TYR C 469 -11.28 30.83 32.01
CA TYR C 469 -11.57 30.29 33.33
C TYR C 469 -12.55 31.10 34.14
N GLY C 470 -13.28 32.02 33.50
CA GLY C 470 -14.30 32.81 34.15
C GLY C 470 -13.87 33.83 35.18
N LYS C 471 -12.64 34.32 35.10
CA LYS C 471 -12.15 35.33 36.03
C LYS C 471 -12.54 36.74 35.53
N ALA C 472 -12.79 36.84 34.23
CA ALA C 472 -13.18 38.11 33.60
C ALA C 472 -14.32 37.84 32.63
N ASP C 473 -15.16 38.87 32.43
CA ASP C 473 -16.33 38.75 31.54
C ASP C 473 -16.08 39.22 30.10
N ILE C 474 -15.09 40.08 29.94
CA ILE C 474 -14.79 40.65 28.63
C ILE C 474 -13.37 41.21 28.63
N ALA C 475 -12.67 41.07 27.52
CA ALA C 475 -11.33 41.63 27.44
C ALA C 475 -11.42 42.74 26.41
N ILE C 476 -11.09 43.95 26.86
CA ILE C 476 -11.07 45.14 26.00
C ILE C 476 -9.57 45.57 26.05
N ALA C 477 -8.81 45.10 25.06
CA ALA C 477 -7.37 45.35 24.99
C ALA C 477 -6.90 45.14 23.54
N PRO C 478 -5.61 45.46 23.23
CA PRO C 478 -5.10 45.24 21.86
C PRO C 478 -4.84 43.74 21.69
N LEU C 479 -5.93 42.96 21.73
CA LEU C 479 -5.91 41.49 21.64
C LEU C 479 -6.21 41.01 20.21
N THR C 480 -5.23 40.34 19.63
CA THR C 480 -5.27 39.85 18.26
C THR C 480 -6.16 38.64 18.00
N ILE C 481 -7.07 38.80 17.05
CA ILE C 481 -7.97 37.75 16.65
C ILE C 481 -7.13 36.70 15.93
N THR C 482 -7.06 35.51 16.51
CA THR C 482 -6.30 34.41 15.94
C THR C 482 -7.15 33.14 15.95
N LEU C 483 -6.75 32.18 15.12
CA LEU C 483 -7.44 30.90 15.00
C LEU C 483 -7.45 30.11 16.32
N VAL C 484 -6.30 29.99 16.99
CA VAL C 484 -6.24 29.23 18.24
C VAL C 484 -7.08 29.83 19.33
N ARG C 485 -7.11 31.15 19.42
CA ARG C 485 -7.93 31.81 20.43
C ARG C 485 -9.42 31.70 20.08
N GLU C 486 -9.73 31.90 18.81
CA GLU C 486 -11.11 31.82 18.32
C GLU C 486 -11.72 30.44 18.65
N GLU C 487 -10.89 29.46 18.92
CA GLU C 487 -11.36 28.12 19.26
C GLU C 487 -11.84 28.02 20.72
N VAL C 488 -11.36 28.93 21.58
CA VAL C 488 -11.73 28.92 22.99
C VAL C 488 -12.50 30.15 23.49
N ILE C 489 -12.47 31.24 22.73
CA ILE C 489 -13.17 32.47 23.11
C ILE C 489 -13.80 33.11 21.87
N ASP C 490 -14.70 34.06 22.10
CA ASP C 490 -15.36 34.77 21.02
C ASP C 490 -14.72 36.12 20.81
N PHE C 491 -14.67 36.57 19.56
CA PHE C 491 -14.11 37.88 19.24
C PHE C 491 -15.12 38.67 18.45
N SER C 492 -15.20 39.96 18.71
CA SER C 492 -16.08 40.82 17.93
C SER C 492 -15.30 41.11 16.64
N LYS C 493 -15.97 41.77 15.70
CA LYS C 493 -15.33 42.16 14.45
C LYS C 493 -14.21 43.12 14.90
N PRO C 494 -13.10 43.22 14.13
CA PRO C 494 -12.00 44.12 14.52
C PRO C 494 -12.31 45.59 14.76
N PHE C 495 -11.78 46.15 15.84
CA PHE C 495 -11.98 47.58 16.15
C PHE C 495 -10.75 48.36 15.65
N MET C 496 -9.71 47.62 15.30
CA MET C 496 -8.47 48.18 14.78
C MET C 496 -7.69 47.20 13.90
N SER C 497 -7.22 47.69 12.76
CA SER C 497 -6.44 46.87 11.82
C SER C 497 -4.94 47.04 12.12
N LEU C 498 -4.15 46.01 11.84
CA LEU C 498 -2.73 46.10 12.10
C LEU C 498 -1.95 44.93 11.44
N GLY C 499 -0.63 44.96 11.62
CA GLY C 499 0.20 43.89 11.10
C GLY C 499 1.54 43.89 11.83
N ILE C 500 2.24 42.77 11.83
CA ILE C 500 3.56 42.67 12.48
C ILE C 500 4.55 43.58 11.71
N SER C 501 5.41 44.28 12.44
CA SER C 501 6.34 45.22 11.83
C SER C 501 7.67 45.17 12.54
N ILE C 502 8.65 45.91 12.01
CA ILE C 502 9.98 45.94 12.63
C ILE C 502 10.29 47.31 13.23
N MET C 503 10.86 47.30 14.42
CA MET C 503 11.26 48.53 15.09
C MET C 503 12.78 48.49 15.20
N ILE C 504 13.43 49.47 14.59
CA ILE C 504 14.92 49.58 14.66
C ILE C 504 15.39 50.79 15.45
N LYS C 505 16.60 50.74 15.91
CA LYS C 505 17.15 51.94 16.50
C LYS C 505 17.55 52.79 15.31
N LYS C 506 17.20 54.03 15.34
CA LYS C 506 17.54 54.87 14.24
C LYS C 506 18.93 54.62 13.61
N PRO C 632 21.31 49.32 10.08
CA PRO C 632 21.30 48.69 8.71
C PRO C 632 20.20 47.68 8.36
N ILE C 633 18.94 47.92 8.68
CA ILE C 633 17.93 46.93 8.35
C ILE C 633 16.77 47.65 7.71
N GLU C 634 16.33 47.12 6.56
CA GLU C 634 15.23 47.71 5.82
C GLU C 634 13.99 46.82 5.76
N SER C 635 14.11 45.55 6.15
CA SER C 635 12.96 44.66 6.12
C SER C 635 13.21 43.32 6.77
N ALA C 636 12.19 42.47 6.80
CA ALA C 636 12.30 41.13 7.41
C ALA C 636 13.41 40.35 6.75
N GLU C 637 13.46 40.40 5.41
CA GLU C 637 14.49 39.72 4.64
C GLU C 637 15.91 40.11 5.14
N ASP C 638 16.12 41.38 5.47
CA ASP C 638 17.43 41.85 5.95
C ASP C 638 17.83 41.25 7.28
N LEU C 639 16.87 41.09 8.18
CA LEU C 639 17.14 40.48 9.51
C LEU C 639 17.57 39.01 9.34
N SER C 640 16.91 38.31 8.41
CA SER C 640 17.17 36.90 8.13
C SER C 640 18.46 36.60 7.36
N LYS C 641 19.21 37.62 6.98
CA LYS C 641 20.46 37.47 6.23
C LYS C 641 21.73 37.82 7.02
N GLN C 642 21.57 38.25 8.27
CA GLN C 642 22.71 38.61 9.09
C GLN C 642 22.57 38.11 10.51
N THR C 643 23.69 38.07 11.23
CA THR C 643 23.70 37.61 12.61
C THR C 643 24.20 38.65 13.57
N GLU C 644 24.69 39.78 13.03
CA GLU C 644 25.22 40.89 13.82
C GLU C 644 24.14 41.56 14.66
N ILE C 645 22.98 41.77 14.05
CA ILE C 645 21.85 42.41 14.73
C ILE C 645 20.88 41.35 15.25
N ALA C 646 20.68 41.35 16.57
CA ALA C 646 19.77 40.42 17.23
C ALA C 646 18.32 40.91 17.12
N TYR C 647 17.38 39.98 17.10
CA TYR C 647 15.96 40.35 17.00
C TYR C 647 15.06 39.31 17.63
N GLY C 648 13.96 39.79 18.22
CA GLY C 648 13.02 38.88 18.88
C GLY C 648 11.62 39.48 18.98
N THR C 649 10.73 38.80 19.71
CA THR C 649 9.36 39.27 19.89
C THR C 649 8.92 39.17 21.35
N LEU C 650 7.65 39.51 21.58
CA LEU C 650 7.03 39.45 22.88
C LEU C 650 6.67 38.02 23.20
N ASP C 651 6.84 37.64 24.46
CA ASP C 651 6.47 36.30 24.91
C ASP C 651 4.93 36.24 25.10
N SER C 652 4.36 35.04 24.92
CA SER C 652 2.92 34.83 25.10
C SER C 652 1.97 35.66 24.24
N GLY C 653 2.42 36.06 23.06
CA GLY C 653 1.55 36.82 22.20
C GLY C 653 1.39 36.18 20.84
N SER C 654 0.61 36.84 19.99
CA SER C 654 0.36 36.36 18.64
C SER C 654 1.54 36.55 17.70
N THR C 655 2.40 37.55 17.94
CA THR C 655 3.57 37.76 17.08
C THR C 655 4.54 36.58 17.18
N LYS C 656 4.74 36.08 18.40
CA LYS C 656 5.65 34.94 18.59
C LYS C 656 5.07 33.69 17.90
N GLU C 657 3.75 33.55 17.96
CA GLU C 657 3.06 32.42 17.34
C GLU C 657 3.15 32.51 15.82
N PHE C 658 3.02 33.72 15.30
CA PHE C 658 3.11 33.93 13.86
C PHE C 658 4.40 33.31 13.31
N PHE C 659 5.51 33.57 13.99
CA PHE C 659 6.79 33.04 13.55
C PHE C 659 6.97 31.54 13.83
N ARG C 660 6.29 31.04 14.87
CA ARG C 660 6.36 29.63 15.23
C ARG C 660 5.60 28.78 14.21
N ARG C 661 4.50 29.31 13.73
CA ARG C 661 3.65 28.63 12.76
C ARG C 661 3.84 29.14 11.31
N SER C 662 5.03 29.64 10.98
CA SER C 662 5.26 30.18 9.64
C SER C 662 6.13 29.34 8.72
N LYS C 663 5.56 29.01 7.56
CA LYS C 663 6.26 28.22 6.56
C LYS C 663 6.98 29.07 5.53
N ILE C 664 6.60 30.35 5.45
CA ILE C 664 7.22 31.30 4.53
C ILE C 664 8.72 31.31 4.85
N ALA C 665 9.53 30.85 3.90
CA ALA C 665 11.01 30.76 4.01
C ALA C 665 11.74 31.73 4.93
N VAL C 666 11.51 33.03 4.76
CA VAL C 666 12.17 34.05 5.57
C VAL C 666 11.69 34.02 7.01
N PHE C 667 10.38 33.92 7.20
CA PHE C 667 9.79 33.87 8.55
C PHE C 667 10.13 32.56 9.28
N ASP C 668 10.24 31.46 8.52
CA ASP C 668 10.61 30.17 9.09
C ASP C 668 12.05 30.28 9.56
N LYS C 669 12.90 30.86 8.70
CA LYS C 669 14.31 31.04 8.97
C LYS C 669 14.57 31.99 10.16
N MET C 670 13.72 33.01 10.29
CA MET C 670 13.85 33.95 11.40
C MET C 670 13.52 33.29 12.73
N TRP C 671 12.48 32.45 12.73
CA TRP C 671 12.04 31.72 13.92
C TRP C 671 13.11 30.74 14.38
N THR C 672 13.73 30.05 13.44
CA THR C 672 14.76 29.09 13.78
C THR C 672 15.91 29.82 14.49
N TYR C 673 16.22 31.03 14.05
CA TYR C 673 17.25 31.79 14.71
C TYR C 673 16.77 32.25 16.09
N MET C 674 15.54 32.76 16.17
CA MET C 674 15.00 33.26 17.43
C MET C 674 14.81 32.18 18.48
N ARG C 675 14.15 31.08 18.07
CA ARG C 675 13.87 29.92 18.93
C ARG C 675 15.11 29.49 19.68
N SER C 676 16.20 29.33 18.93
CA SER C 676 17.47 28.89 19.48
C SER C 676 18.38 29.98 20.04
N ALA C 677 18.02 31.25 19.85
CA ALA C 677 18.82 32.37 20.33
C ALA C 677 19.28 32.30 21.78
N GLU C 678 20.53 32.72 22.04
CA GLU C 678 21.11 32.70 23.39
C GLU C 678 22.14 33.83 23.57
N PRO C 679 21.86 34.82 24.44
CA PRO C 679 20.71 35.03 25.32
C PRO C 679 19.39 35.21 24.59
N SER C 680 18.31 34.98 25.31
CA SER C 680 16.95 35.08 24.78
C SER C 680 16.64 36.43 24.15
N VAL C 681 16.05 36.38 22.96
CA VAL C 681 15.68 37.59 22.24
C VAL C 681 14.21 37.93 22.48
N PHE C 682 13.55 37.10 23.30
CA PHE C 682 12.16 37.32 23.66
C PHE C 682 12.07 38.19 24.91
N VAL C 683 10.96 38.94 25.02
CA VAL C 683 10.72 39.87 26.13
C VAL C 683 9.37 39.67 26.82
N ARG C 684 9.31 40.05 28.09
CA ARG C 684 8.09 39.90 28.89
C ARG C 684 6.99 40.91 28.54
N THR C 685 7.39 42.12 28.19
CA THR C 685 6.44 43.17 27.83
C THR C 685 6.98 43.96 26.64
N THR C 686 6.08 44.68 26.00
CA THR C 686 6.43 45.54 24.88
C THR C 686 7.46 46.57 25.37
N ALA C 687 7.21 47.17 26.54
CA ALA C 687 8.11 48.16 27.12
C ALA C 687 9.53 47.64 27.18
N GLU C 688 9.67 46.36 27.54
CA GLU C 688 10.98 45.70 27.64
C GLU C 688 11.65 45.55 26.26
N GLY C 689 10.85 45.26 25.25
CA GLY C 689 11.40 45.15 23.90
C GLY C 689 11.88 46.49 23.41
N VAL C 690 11.07 47.54 23.60
CA VAL C 690 11.39 48.90 23.18
C VAL C 690 12.64 49.43 23.88
N ALA C 691 12.73 49.20 25.19
CA ALA C 691 13.90 49.63 25.98
C ALA C 691 15.17 48.94 25.50
N ARG C 692 15.04 47.66 25.16
CA ARG C 692 16.17 46.87 24.68
C ARG C 692 16.69 47.39 23.33
N VAL C 693 15.80 47.71 22.41
CA VAL C 693 16.18 48.28 21.12
C VAL C 693 16.96 49.59 21.37
N ARG C 694 16.41 50.43 22.25
CA ARG C 694 16.99 51.73 22.59
C ARG C 694 18.37 51.72 23.23
N LYS C 695 18.66 50.73 24.06
CA LYS C 695 19.95 50.65 24.73
C LYS C 695 20.96 49.76 24.03
N SER C 696 20.52 49.06 22.99
CA SER C 696 21.39 48.14 22.26
C SER C 696 22.30 48.71 21.19
N LYS C 697 22.37 50.04 21.10
CA LYS C 697 23.23 50.71 20.13
C LYS C 697 22.98 50.18 18.72
N GLY C 698 21.73 49.88 18.42
CA GLY C 698 21.38 49.37 17.12
C GLY C 698 21.66 47.89 16.89
N LYS C 699 22.05 47.16 17.94
CA LYS C 699 22.34 45.73 17.81
C LYS C 699 21.16 44.80 18.08
N TYR C 700 19.98 45.39 18.30
CA TYR C 700 18.76 44.64 18.57
C TYR C 700 17.56 45.31 17.89
N ALA C 701 16.84 44.53 17.08
CA ALA C 701 15.63 45.01 16.40
C ALA C 701 14.46 44.28 17.06
N TYR C 702 13.32 44.95 17.14
CA TYR C 702 12.18 44.35 17.79
C TYR C 702 11.00 44.17 16.86
N LEU C 703 10.43 42.97 16.87
CA LEU C 703 9.28 42.66 16.03
C LEU C 703 8.03 42.81 16.91
N LEU C 704 7.16 43.73 16.49
CA LEU C 704 5.93 44.04 17.21
C LEU C 704 4.88 44.57 16.25
N GLU C 705 3.65 44.73 16.74
CA GLU C 705 2.55 45.21 15.89
C GLU C 705 2.69 46.67 15.50
N SER C 706 2.37 46.95 14.23
CA SER C 706 2.42 48.27 13.60
C SER C 706 1.83 49.39 14.47
N THR C 707 0.71 49.10 15.11
CA THR C 707 0.03 50.02 16.00
C THR C 707 0.94 50.52 17.14
N MET C 708 1.58 49.58 17.82
CA MET C 708 2.43 49.93 18.95
C MET C 708 3.74 50.54 18.49
N ASN C 709 4.21 50.08 17.32
CA ASN C 709 5.46 50.54 16.72
C ASN C 709 5.36 52.02 16.34
N GLU C 710 4.29 52.38 15.64
CA GLU C 710 4.04 53.74 15.19
C GLU C 710 3.72 54.70 16.32
N TYR C 711 3.26 54.17 17.45
CA TYR C 711 2.97 54.99 18.62
C TYR C 711 4.29 55.43 19.25
N ILE C 712 5.17 54.45 19.46
CA ILE C 712 6.49 54.67 20.07
C ILE C 712 7.36 55.54 19.18
N GLU C 713 7.17 55.38 17.87
CA GLU C 713 7.91 56.14 16.87
C GLU C 713 7.67 57.64 17.04
N GLN C 714 6.47 57.98 17.54
CA GLN C 714 6.07 59.36 17.77
C GLN C 714 6.18 59.82 19.23
N ARG C 715 7.06 59.17 19.98
CA ARG C 715 7.27 59.51 21.39
C ARG C 715 8.75 59.70 21.70
N LYS C 716 9.06 60.68 22.57
CA LYS C 716 10.44 60.96 22.98
C LYS C 716 10.99 59.69 23.63
N PRO C 717 12.32 59.44 23.53
CA PRO C 717 13.35 60.26 22.86
C PRO C 717 13.43 60.26 21.34
N CYS C 718 12.33 59.90 20.66
CA CYS C 718 12.29 59.89 19.19
C CYS C 718 13.50 59.22 18.57
N ASP C 719 13.93 58.12 19.17
CA ASP C 719 15.10 57.40 18.70
C ASP C 719 14.82 56.07 18.03
N THR C 720 13.56 55.82 17.71
CA THR C 720 13.20 54.59 17.03
C THR C 720 12.38 54.87 15.79
N MET C 721 12.25 53.85 14.96
CA MET C 721 11.55 53.99 13.71
C MET C 721 11.05 52.63 13.18
N LYS C 722 9.87 52.64 12.56
CA LYS C 722 9.27 51.47 11.93
C LYS C 722 9.91 51.36 10.54
N VAL C 723 10.39 50.17 10.17
CA VAL C 723 10.99 49.99 8.85
C VAL C 723 10.28 48.92 8.05
N GLY C 724 10.10 49.19 6.76
CA GLY C 724 9.45 48.24 5.88
C GLY C 724 7.95 48.21 6.08
N GLY C 725 7.30 47.32 5.36
CA GLY C 725 5.86 47.22 5.47
C GLY C 725 5.51 46.17 6.50
N ASN C 726 4.20 45.98 6.69
CA ASN C 726 3.70 44.99 7.63
C ASN C 726 3.93 43.59 7.09
N LEU C 727 4.14 42.67 8.01
CA LEU C 727 4.38 41.28 7.65
C LEU C 727 3.07 40.52 7.39
N ASP C 728 1.97 41.09 7.87
CA ASP C 728 0.65 40.49 7.70
C ASP C 728 -0.45 41.51 7.96
N SER C 729 -1.71 41.08 7.78
CA SER C 729 -2.85 41.96 8.01
C SER C 729 -3.80 41.26 8.94
N LYS C 730 -3.91 41.77 10.16
CA LYS C 730 -4.82 41.18 11.11
C LYS C 730 -5.61 42.29 11.80
N GLY C 731 -6.24 41.94 12.91
CA GLY C 731 -7.03 42.90 13.63
C GLY C 731 -7.20 42.54 15.10
N TYR C 732 -7.52 43.55 15.91
CA TYR C 732 -7.77 43.33 17.30
C TYR C 732 -9.27 43.24 17.49
N GLY C 733 -9.73 42.38 18.38
CA GLY C 733 -11.15 42.28 18.63
C GLY C 733 -11.45 42.27 20.13
N ILE C 734 -12.68 42.64 20.48
CA ILE C 734 -13.11 42.61 21.88
C ILE C 734 -13.50 41.14 22.08
N ALA C 735 -12.94 40.52 23.12
CA ALA C 735 -13.17 39.11 23.42
C ALA C 735 -14.07 38.80 24.62
N THR C 736 -14.86 37.75 24.47
CA THR C 736 -15.76 37.34 25.53
C THR C 736 -15.71 35.82 25.62
N PRO C 737 -16.08 35.26 26.79
CA PRO C 737 -16.04 33.80 26.89
C PRO C 737 -17.09 33.19 25.92
N LYS C 738 -16.81 32.00 25.41
CA LYS C 738 -17.72 31.31 24.51
C LYS C 738 -19.13 31.22 25.13
N GLY C 739 -20.15 31.56 24.33
CA GLY C 739 -21.52 31.50 24.81
C GLY C 739 -21.95 32.64 25.74
N SER C 740 -21.14 33.70 25.77
CA SER C 740 -21.42 34.87 26.59
C SER C 740 -22.63 35.67 26.07
N SER C 741 -23.46 36.14 27.00
CA SER C 741 -24.65 36.93 26.68
C SER C 741 -24.26 38.31 26.10
N LEU C 742 -23.04 38.76 26.43
CA LEU C 742 -22.51 40.04 25.97
C LEU C 742 -21.99 40.04 24.54
N GLY C 743 -21.54 38.88 24.07
CA GLY C 743 -20.98 38.74 22.75
C GLY C 743 -21.71 39.44 21.63
N ASN C 744 -22.98 39.10 21.46
CA ASN C 744 -23.77 39.70 20.40
C ASN C 744 -23.80 41.22 20.42
N PRO C 745 -24.18 41.78 21.57
CA PRO C 745 -24.28 43.22 21.70
C PRO C 745 -23.00 43.99 21.46
N VAL C 746 -21.88 43.47 21.96
CA VAL C 746 -20.58 44.16 21.80
C VAL C 746 -20.11 44.17 20.36
N ASN C 747 -20.38 43.08 19.64
CA ASN C 747 -19.98 43.00 18.27
C ASN C 747 -20.66 44.09 17.43
N LEU C 748 -21.96 44.26 17.64
CA LEU C 748 -22.75 45.26 16.93
C LEU C 748 -22.32 46.66 17.36
N ALA C 749 -21.91 46.79 18.62
CA ALA C 749 -21.44 48.06 19.14
C ALA C 749 -20.13 48.46 18.44
N VAL C 750 -19.23 47.51 18.26
CA VAL C 750 -17.97 47.77 17.57
C VAL C 750 -18.29 48.30 16.18
N LEU C 751 -19.19 47.60 15.45
CA LEU C 751 -19.57 48.02 14.10
C LEU C 751 -20.17 49.44 14.08
N LYS C 752 -21.01 49.75 15.07
CA LYS C 752 -21.61 51.08 15.17
C LYS C 752 -20.55 52.17 15.36
N LEU C 753 -19.63 51.92 16.29
CA LEU C 753 -18.57 52.85 16.61
C LEU C 753 -17.64 53.10 15.43
N ASN C 754 -17.36 52.04 14.65
CA ASN C 754 -16.48 52.21 13.50
C ASN C 754 -17.18 53.06 12.46
N GLU C 755 -18.44 52.77 12.23
CA GLU C 755 -19.23 53.53 11.26
C GLU C 755 -19.51 54.99 11.65
N GLN C 756 -19.75 55.24 12.95
CA GLN C 756 -19.99 56.61 13.46
C GLN C 756 -18.71 57.48 13.33
N GLY C 757 -17.58 56.84 13.10
CA GLY C 757 -16.31 57.54 12.97
C GLY C 757 -15.51 57.64 14.28
N LEU C 758 -16.07 57.09 15.35
CA LEU C 758 -15.44 57.13 16.67
C LEU C 758 -14.08 56.43 16.80
N LEU C 759 -13.94 55.24 16.23
CA LEU C 759 -12.67 54.49 16.30
C LEU C 759 -11.55 55.30 15.69
N ASP C 760 -11.83 55.94 14.55
CA ASP C 760 -10.83 56.77 13.87
C ASP C 760 -10.48 57.99 14.71
N LYS C 761 -11.50 58.56 15.34
CA LYS C 761 -11.33 59.71 16.22
C LYS C 761 -10.43 59.34 17.41
N LEU C 762 -10.71 58.21 18.06
CA LEU C 762 -9.90 57.77 19.20
C LEU C 762 -8.47 57.45 18.78
N LYS C 763 -8.31 56.88 17.59
CA LYS C 763 -7.00 56.52 17.05
C LYS C 763 -6.11 57.77 16.90
N ASN C 764 -6.65 58.82 16.28
CA ASN C 764 -5.90 60.07 16.10
C ASN C 764 -5.66 60.78 17.41
N LYS C 765 -6.62 60.67 18.33
CA LYS C 765 -6.54 61.29 19.64
C LYS C 765 -5.33 60.79 20.43
N TRP C 766 -5.19 59.46 20.53
CA TRP C 766 -4.11 58.82 21.29
C TRP C 766 -2.78 58.62 20.58
N TRP C 767 -2.80 58.58 19.26
CA TRP C 767 -1.57 58.37 18.50
C TRP C 767 -0.88 59.65 18.02
N TYR C 768 -1.64 60.53 17.33
CA TYR C 768 -1.01 61.69 16.73
C TYR C 768 -1.28 63.05 17.38
N ASP C 769 -2.43 63.30 18.01
CA ASP C 769 -2.64 64.58 18.68
C ASP C 769 -1.70 64.64 19.88
N LYS C 770 -1.25 63.47 20.31
CA LYS C 770 -0.32 63.37 21.42
C LYS C 770 1.12 63.11 20.97
N GLY C 771 1.34 63.05 19.66
CA GLY C 771 2.68 62.83 19.13
C GLY C 771 3.64 63.94 19.55
N GLU C 772 4.81 63.56 20.02
CA GLU C 772 5.81 64.54 20.46
C GLU C 772 7.14 64.55 19.69
N CYS C 773 7.07 64.16 18.42
CA CYS C 773 8.26 64.15 17.57
C CYS C 773 8.04 65.04 16.33
N ASN D 4 8.39 -52.68 46.19
CA ASN D 4 8.08 -51.28 46.46
C ASN D 4 7.00 -50.76 45.52
N SER D 5 5.76 -50.70 46.00
CA SER D 5 4.64 -50.24 45.19
C SER D 5 4.12 -48.89 45.67
N ILE D 6 4.37 -47.84 44.89
CA ILE D 6 3.92 -46.50 45.23
C ILE D 6 2.67 -46.11 44.44
N GLN D 7 1.53 -46.08 45.12
CA GLN D 7 0.26 -45.74 44.47
C GLN D 7 0.09 -44.24 44.34
N ILE D 8 -0.24 -43.80 43.13
CA ILE D 8 -0.48 -42.39 42.86
C ILE D 8 -1.78 -42.19 42.10
N GLY D 9 -2.32 -40.98 42.17
CA GLY D 9 -3.57 -40.66 41.50
C GLY D 9 -3.34 -39.96 40.16
N GLY D 10 -4.26 -40.16 39.23
CA GLY D 10 -4.17 -39.56 37.92
C GLY D 10 -5.48 -38.97 37.45
N LEU D 11 -5.59 -37.65 37.46
CA LEU D 11 -6.81 -36.97 37.05
C LEU D 11 -6.65 -36.41 35.64
N PHE D 12 -7.10 -37.18 34.65
CA PHE D 12 -7.02 -36.77 33.25
C PHE D 12 -8.38 -36.36 32.69
N PRO D 13 -8.49 -35.11 32.23
CA PRO D 13 -9.72 -34.61 31.61
C PRO D 13 -10.05 -35.38 30.33
N ARG D 14 -11.32 -35.73 30.15
CA ARG D 14 -11.74 -36.45 28.96
C ARG D 14 -11.31 -35.71 27.70
N GLY D 15 -10.45 -36.36 26.90
CA GLY D 15 -9.95 -35.76 25.68
C GLY D 15 -8.44 -35.60 25.70
N ALA D 16 -7.85 -35.80 26.87
CA ALA D 16 -6.40 -35.70 27.03
C ALA D 16 -5.71 -36.98 26.55
N ASP D 17 -5.87 -37.28 25.27
CA ASP D 17 -5.32 -38.51 24.69
C ASP D 17 -3.79 -38.47 24.66
N GLN D 18 -3.23 -37.47 23.97
CA GLN D 18 -1.79 -37.35 23.85
C GLN D 18 -1.14 -37.15 25.21
N GLU D 19 -1.82 -36.45 26.10
CA GLU D 19 -1.31 -36.22 27.45
C GLU D 19 -1.17 -37.54 28.20
N TYR D 20 -2.18 -38.40 28.10
CA TYR D 20 -2.14 -39.69 28.76
C TYR D 20 -1.15 -40.62 28.08
N SER D 21 -1.08 -40.54 26.75
CA SER D 21 -0.12 -41.33 26.00
C SER D 21 1.30 -41.00 26.44
N ALA D 22 1.57 -39.71 26.62
CA ALA D 22 2.85 -39.26 27.11
C ALA D 22 3.06 -39.69 28.56
N PHE D 23 1.95 -39.77 29.29
CA PHE D 23 1.99 -40.20 30.69
C PHE D 23 2.39 -41.67 30.76
N ARG D 24 1.92 -42.46 29.80
CA ARG D 24 2.23 -43.88 29.75
C ARG D 24 3.69 -44.09 29.37
N VAL D 25 4.14 -43.41 28.33
CA VAL D 25 5.52 -43.52 27.87
C VAL D 25 6.49 -43.17 28.99
N GLY D 26 6.12 -42.21 29.81
CA GLY D 26 6.94 -41.81 30.95
C GLY D 26 7.05 -42.92 31.98
N MET D 27 5.93 -43.62 32.20
CA MET D 27 5.91 -44.74 33.13
C MET D 27 6.88 -45.83 32.70
N VAL D 28 7.04 -45.97 31.39
CA VAL D 28 7.91 -47.00 30.83
C VAL D 28 9.38 -46.58 30.84
N GLN D 29 9.63 -45.34 30.45
CA GLN D 29 11.00 -44.82 30.36
C GLN D 29 11.64 -44.62 31.72
N PHE D 30 10.82 -44.38 32.74
CA PHE D 30 11.34 -44.13 34.08
C PHE D 30 10.94 -45.22 35.07
N SER D 31 10.79 -46.44 34.57
CA SER D 31 10.46 -47.58 35.42
C SER D 31 11.74 -48.28 35.89
N THR D 32 11.85 -48.45 37.20
CA THR D 32 13.03 -49.08 37.79
C THR D 32 12.65 -50.26 38.68
N SER D 33 13.64 -51.08 39.02
CA SER D 33 13.41 -52.25 39.86
C SER D 33 13.30 -51.86 41.33
N GLU D 34 13.89 -50.72 41.69
CA GLU D 34 13.87 -50.25 43.06
C GLU D 34 12.44 -50.01 43.54
N PHE D 35 11.60 -49.50 42.64
CA PHE D 35 10.20 -49.25 42.97
C PHE D 35 9.38 -49.00 41.71
N ARG D 36 8.10 -49.34 41.76
CA ARG D 36 7.20 -49.15 40.63
C ARG D 36 6.02 -48.25 41.02
N LEU D 37 5.62 -47.38 40.09
CA LEU D 37 4.51 -46.47 40.33
C LEU D 37 3.20 -47.07 39.84
N THR D 38 2.17 -47.04 40.68
CA THR D 38 0.87 -47.58 40.34
C THR D 38 -0.16 -46.47 40.15
N PRO D 39 -0.36 -46.06 38.89
CA PRO D 39 -1.30 -44.98 38.55
C PRO D 39 -2.76 -45.43 38.60
N HIS D 40 -3.58 -44.71 39.34
CA HIS D 40 -5.02 -44.96 39.36
C HIS D 40 -5.73 -43.86 38.58
N ILE D 41 -6.04 -44.14 37.32
CA ILE D 41 -6.56 -43.14 36.41
C ILE D 41 -8.06 -42.86 36.60
N ASP D 42 -8.41 -41.59 36.63
CA ASP D 42 -9.81 -41.17 36.74
C ASP D 42 -10.15 -40.11 35.70
N ASN D 43 -10.91 -40.50 34.69
CA ASN D 43 -11.30 -39.58 33.63
C ASN D 43 -12.59 -38.83 33.96
N LEU D 44 -12.46 -37.58 34.39
CA LEU D 44 -13.61 -36.76 34.74
C LEU D 44 -13.56 -35.40 34.06
N GLU D 45 -14.71 -34.73 33.99
CA GLU D 45 -14.80 -33.39 33.44
C GLU D 45 -14.08 -32.42 34.36
N VAL D 46 -12.85 -32.06 33.99
CA VAL D 46 -12.00 -31.23 34.83
C VAL D 46 -12.68 -29.92 35.24
N ALA D 47 -13.57 -29.42 34.38
CA ALA D 47 -14.26 -28.16 34.65
C ALA D 47 -15.18 -28.26 35.86
N ASN D 48 -15.92 -29.37 35.95
CA ASN D 48 -16.85 -29.59 37.04
C ASN D 48 -16.15 -29.68 38.39
N SER D 49 -16.38 -28.68 39.24
CA SER D 49 -15.74 -28.62 40.55
C SER D 49 -16.17 -29.79 41.44
N PHE D 50 -17.44 -30.14 41.40
CA PHE D 50 -17.97 -31.24 42.20
C PHE D 50 -17.26 -32.55 41.87
N ALA D 51 -17.23 -32.89 40.59
CA ALA D 51 -16.60 -34.13 40.14
C ALA D 51 -15.14 -34.20 40.58
N VAL D 52 -14.44 -33.08 40.44
CA VAL D 52 -13.04 -33.01 40.84
C VAL D 52 -12.88 -33.29 42.33
N THR D 53 -13.85 -32.86 43.12
CA THR D 53 -13.82 -33.07 44.57
C THR D 53 -13.92 -34.56 44.88
N ASN D 54 -14.82 -35.26 44.18
CA ASN D 54 -14.99 -36.69 44.36
C ASN D 54 -13.75 -37.47 43.92
N ALA D 55 -13.22 -37.13 42.74
CA ALA D 55 -12.04 -37.80 42.21
C ALA D 55 -10.85 -37.64 43.14
N PHE D 56 -10.81 -36.52 43.87
CA PHE D 56 -9.72 -36.26 44.80
C PHE D 56 -9.90 -37.08 46.08
N CYS D 57 -11.10 -37.05 46.64
CA CYS D 57 -11.39 -37.80 47.86
C CYS D 57 -11.35 -39.30 47.61
N SER D 58 -11.68 -39.70 46.39
CA SER D 58 -11.65 -41.11 45.99
C SER D 58 -10.21 -41.60 45.96
N GLN D 59 -9.34 -40.83 45.32
CA GLN D 59 -7.92 -41.18 45.24
C GLN D 59 -7.26 -41.04 46.60
N PHE D 60 -7.87 -40.25 47.48
CA PHE D 60 -7.34 -40.04 48.82
C PHE D 60 -7.71 -41.19 49.74
N SER D 61 -8.91 -41.72 49.58
CA SER D 61 -9.36 -42.87 50.37
C SER D 61 -8.61 -44.13 49.94
N ARG D 62 -8.26 -44.18 48.67
CA ARG D 62 -7.48 -45.31 48.14
C ARG D 62 -6.05 -45.24 48.67
N GLY D 63 -5.74 -44.17 49.40
CA GLY D 63 -4.44 -44.00 50.02
C GLY D 63 -3.31 -43.83 49.02
N VAL D 64 -3.28 -42.68 48.35
CA VAL D 64 -2.19 -42.37 47.43
C VAL D 64 -1.15 -41.49 48.11
N TYR D 65 0.06 -41.48 47.54
CA TYR D 65 1.15 -40.68 48.10
C TYR D 65 1.27 -39.34 47.38
N ALA D 66 0.78 -39.30 46.14
CA ALA D 66 0.81 -38.07 45.35
C ALA D 66 -0.23 -38.13 44.23
N ILE D 67 -0.63 -36.97 43.74
CA ILE D 67 -1.66 -36.91 42.69
C ILE D 67 -1.19 -36.06 41.51
N PHE D 68 -1.28 -36.64 40.31
CA PHE D 68 -0.99 -35.90 39.09
C PHE D 68 -2.26 -35.72 38.27
N GLY D 69 -2.58 -34.48 37.92
CA GLY D 69 -3.77 -34.21 37.14
C GLY D 69 -3.79 -32.81 36.55
N PHE D 70 -4.99 -32.34 36.20
CA PHE D 70 -5.17 -31.03 35.63
C PHE D 70 -6.32 -30.31 36.31
N TYR D 71 -6.36 -28.99 36.19
CA TYR D 71 -7.47 -28.20 36.71
C TYR D 71 -7.84 -27.05 35.78
N ASP D 72 -9.07 -26.56 35.92
CA ASP D 72 -9.56 -25.46 35.11
C ASP D 72 -9.60 -24.20 35.96
N LYS D 73 -9.92 -23.07 35.33
CA LYS D 73 -10.03 -21.80 36.03
C LYS D 73 -11.11 -21.85 37.11
N LYS D 74 -11.92 -22.90 37.06
CA LYS D 74 -13.04 -23.06 37.99
C LYS D 74 -12.73 -24.05 39.11
N SER D 75 -12.07 -25.14 38.76
CA SER D 75 -11.78 -26.20 39.73
C SER D 75 -10.42 -26.04 40.41
N VAL D 76 -9.62 -25.10 39.92
CA VAL D 76 -8.28 -24.89 40.44
C VAL D 76 -8.29 -24.62 41.96
N ASN D 77 -9.26 -23.83 42.41
CA ASN D 77 -9.36 -23.51 43.82
C ASN D 77 -9.64 -24.72 44.70
N THR D 78 -10.41 -25.67 44.16
CA THR D 78 -10.72 -26.90 44.88
C THR D 78 -9.44 -27.69 45.16
N ILE D 79 -8.65 -27.89 44.12
CA ILE D 79 -7.40 -28.63 44.23
C ILE D 79 -6.43 -27.98 45.21
N THR D 80 -6.09 -26.72 44.94
CA THR D 80 -5.14 -26.00 45.78
C THR D 80 -5.56 -26.00 47.25
N SER D 81 -6.86 -25.99 47.50
CA SER D 81 -7.38 -25.93 48.86
C SER D 81 -7.25 -27.28 49.57
N PHE D 82 -7.81 -28.33 48.96
CA PHE D 82 -7.77 -29.66 49.54
C PHE D 82 -6.34 -30.16 49.72
N CYS D 83 -5.53 -30.02 48.67
CA CYS D 83 -4.14 -30.46 48.72
C CYS D 83 -3.35 -29.74 49.81
N GLY D 84 -3.78 -28.52 50.14
CA GLY D 84 -3.13 -27.75 51.17
C GLY D 84 -3.59 -28.16 52.56
N THR D 85 -4.85 -28.56 52.68
CA THR D 85 -5.41 -28.98 53.95
C THR D 85 -4.99 -30.40 54.30
N LEU D 86 -5.06 -31.29 53.31
CA LEU D 86 -4.75 -32.70 53.53
C LEU D 86 -3.27 -33.00 53.28
N HIS D 87 -2.49 -31.95 53.06
CA HIS D 87 -1.06 -32.09 52.85
C HIS D 87 -0.73 -33.06 51.72
N VAL D 88 -1.62 -33.15 50.74
CA VAL D 88 -1.41 -34.01 49.59
C VAL D 88 -0.71 -33.24 48.47
N SER D 89 0.31 -33.85 47.88
CA SER D 89 1.05 -33.23 46.79
C SER D 89 0.31 -33.38 45.46
N PHE D 90 0.24 -32.30 44.69
CA PHE D 90 -0.46 -32.30 43.42
C PHE D 90 0.42 -31.77 42.29
N ILE D 91 0.84 -32.65 41.39
CA ILE D 91 1.64 -32.27 40.24
C ILE D 91 0.75 -32.05 39.02
N THR D 92 0.90 -30.90 38.37
CA THR D 92 0.06 -30.55 37.22
C THR D 92 0.80 -29.74 36.17
N PRO D 93 0.55 -30.05 34.90
CA PRO D 93 1.10 -29.32 33.76
C PRO D 93 0.26 -28.07 33.44
N SER D 94 -0.91 -27.98 34.06
CA SER D 94 -1.81 -26.86 33.81
C SER D 94 -1.18 -25.51 34.16
N PHE D 95 -1.91 -24.44 33.90
CA PHE D 95 -1.43 -23.09 34.15
C PHE D 95 -1.05 -22.90 35.61
N PRO D 96 0.02 -22.13 35.86
CA PRO D 96 0.50 -21.84 37.22
C PRO D 96 -0.57 -21.15 38.06
N THR D 97 -0.60 -21.43 39.36
CA THR D 97 -1.56 -20.82 40.26
C THR D 97 -1.20 -19.36 40.52
N ASP D 98 -2.23 -18.51 40.58
CA ASP D 98 -2.02 -17.09 40.84
C ASP D 98 -1.79 -16.83 42.32
N GLY D 99 -0.60 -17.17 42.80
CA GLY D 99 -0.25 -16.99 44.20
C GLY D 99 0.75 -18.01 44.69
N THR D 100 0.75 -18.25 46.00
CA THR D 100 1.67 -19.20 46.61
C THR D 100 0.93 -20.32 47.33
N HIS D 101 0.46 -21.31 46.56
CA HIS D 101 -0.28 -22.42 47.14
C HIS D 101 0.62 -23.63 47.35
N PRO D 102 0.84 -24.00 48.63
CA PRO D 102 1.69 -25.13 49.02
C PRO D 102 1.13 -26.46 48.53
N PHE D 103 1.98 -27.48 48.50
CA PHE D 103 1.58 -28.82 48.08
C PHE D 103 1.07 -28.86 46.65
N VAL D 104 1.63 -28.02 45.80
CA VAL D 104 1.29 -28.00 44.39
C VAL D 104 2.54 -27.84 43.52
N ILE D 105 2.77 -28.81 42.65
CA ILE D 105 3.91 -28.75 41.74
C ILE D 105 3.45 -28.44 40.32
N GLN D 106 3.94 -27.31 39.79
CA GLN D 106 3.50 -26.83 38.49
C GLN D 106 4.56 -27.02 37.41
N MET D 107 4.23 -27.79 36.39
CA MET D 107 5.16 -28.10 35.31
C MET D 107 5.30 -26.95 34.31
N ARG D 108 4.25 -26.14 34.19
CA ARG D 108 4.25 -25.04 33.24
C ARG D 108 4.91 -23.80 33.82
N PRO D 109 5.97 -23.33 33.16
CA PRO D 109 6.68 -22.10 33.55
C PRO D 109 5.82 -20.87 33.29
N ASP D 110 6.08 -19.78 34.01
CA ASP D 110 5.31 -18.55 33.84
C ASP D 110 5.71 -17.83 32.56
N LEU D 111 4.74 -17.66 31.66
CA LEU D 111 4.99 -17.01 30.37
C LEU D 111 4.87 -15.49 30.48
N LYS D 112 4.20 -15.04 31.54
CA LYS D 112 3.97 -13.61 31.76
C LYS D 112 5.22 -12.78 31.51
N GLY D 113 6.35 -13.24 32.03
CA GLY D 113 7.61 -12.54 31.88
C GLY D 113 8.11 -12.50 30.46
N ALA D 114 8.12 -13.67 29.81
CA ALA D 114 8.61 -13.78 28.44
C ALA D 114 7.80 -12.94 27.47
N LEU D 115 6.50 -12.81 27.74
CA LEU D 115 5.61 -12.05 26.87
C LEU D 115 5.96 -10.56 26.94
N LEU D 116 5.98 -10.02 28.15
CA LEU D 116 6.26 -8.60 28.36
C LEU D 116 7.60 -8.21 27.75
N SER D 117 8.59 -9.09 27.83
CA SER D 117 9.91 -8.83 27.28
C SER D 117 9.86 -8.76 25.75
N LEU D 118 9.07 -9.63 25.15
CA LEU D 118 8.95 -9.68 23.69
C LEU D 118 8.30 -8.40 23.16
N ILE D 119 7.32 -7.90 23.89
CA ILE D 119 6.62 -6.68 23.48
C ILE D 119 7.58 -5.51 23.38
N GLU D 120 8.45 -5.37 24.38
CA GLU D 120 9.43 -4.29 24.39
C GLU D 120 10.46 -4.47 23.28
N TYR D 121 10.79 -5.72 22.97
CA TYR D 121 11.75 -6.02 21.91
C TYR D 121 11.27 -5.47 20.57
N TYR D 122 10.02 -5.75 20.22
CA TYR D 122 9.44 -5.23 18.99
C TYR D 122 9.06 -3.76 19.15
N GLN D 123 9.22 -3.23 20.36
CA GLN D 123 8.92 -1.85 20.66
C GLN D 123 7.47 -1.50 20.31
N TRP D 124 6.54 -2.20 20.94
CA TRP D 124 5.11 -1.98 20.73
C TRP D 124 4.58 -0.97 21.74
N ASP D 125 3.76 -0.03 21.25
CA ASP D 125 3.15 0.97 22.11
C ASP D 125 1.62 0.91 22.02
N LYS D 126 1.12 0.38 20.93
CA LYS D 126 -0.32 0.21 20.73
C LYS D 126 -0.62 -1.12 20.05
N PHE D 127 -1.29 -2.00 20.78
CA PHE D 127 -1.59 -3.34 20.26
C PHE D 127 -2.91 -3.87 20.80
N ALA D 128 -3.49 -4.83 20.08
CA ALA D 128 -4.71 -5.49 20.51
C ALA D 128 -4.38 -6.77 21.26
N TYR D 129 -5.10 -7.03 22.34
CA TYR D 129 -4.84 -8.20 23.16
C TYR D 129 -6.08 -9.08 23.28
N LEU D 130 -6.19 -10.05 22.37
CA LEU D 130 -7.29 -11.00 22.39
C LEU D 130 -6.98 -12.12 23.36
N TYR D 131 -7.76 -12.22 24.43
CA TYR D 131 -7.48 -13.18 25.50
C TYR D 131 -8.61 -14.20 25.69
N ASP D 132 -8.28 -15.29 26.37
CA ASP D 132 -9.25 -16.33 26.69
C ASP D 132 -9.23 -16.56 28.19
N SER D 133 -10.39 -16.48 28.83
CA SER D 133 -10.49 -16.57 30.28
C SER D 133 -10.30 -17.99 30.81
N ASP D 134 -9.86 -18.89 29.95
CA ASP D 134 -9.69 -20.29 30.33
C ASP D 134 -8.52 -20.51 31.29
N ARG D 135 -7.41 -19.83 31.03
CA ARG D 135 -6.21 -19.99 31.84
C ARG D 135 -6.03 -18.84 32.83
N GLY D 136 -7.14 -18.19 33.18
CA GLY D 136 -7.11 -17.09 34.13
C GLY D 136 -6.58 -15.81 33.51
N LEU D 137 -7.07 -14.67 34.02
CA LEU D 137 -6.65 -13.37 33.52
C LEU D 137 -5.35 -12.92 34.16
N SER D 138 -4.51 -13.88 34.52
CA SER D 138 -3.22 -13.59 35.15
C SER D 138 -2.31 -12.83 34.20
N THR D 139 -2.29 -13.23 32.94
CA THR D 139 -1.46 -12.57 31.93
C THR D 139 -2.12 -11.28 31.44
N LEU D 140 -3.44 -11.23 31.48
CA LEU D 140 -4.17 -10.03 31.10
C LEU D 140 -3.85 -8.89 32.05
N GLN D 141 -3.89 -9.18 33.36
CA GLN D 141 -3.54 -8.19 34.36
C GLN D 141 -2.10 -7.75 34.19
N ALA D 142 -1.26 -8.69 33.76
CA ALA D 142 0.17 -8.40 33.56
C ALA D 142 0.38 -7.30 32.53
N VAL D 143 -0.24 -7.45 31.36
CA VAL D 143 -0.08 -6.49 30.28
C VAL D 143 -0.81 -5.18 30.57
N LEU D 144 -1.91 -5.26 31.32
CA LEU D 144 -2.67 -4.07 31.68
C LEU D 144 -1.92 -3.22 32.70
N ASP D 145 -1.34 -3.88 33.69
CA ASP D 145 -0.57 -3.18 34.72
C ASP D 145 0.69 -2.56 34.12
N SER D 146 1.33 -3.29 33.21
CA SER D 146 2.52 -2.81 32.54
C SER D 146 2.18 -1.71 31.55
N ALA D 147 0.94 -1.70 31.08
CA ALA D 147 0.47 -0.69 30.14
C ALA D 147 0.43 0.68 30.82
N ALA D 148 0.32 0.68 32.14
CA ALA D 148 0.31 1.91 32.91
C ALA D 148 1.72 2.47 33.03
N GLU D 149 2.68 1.60 33.33
CA GLU D 149 4.07 2.00 33.50
C GLU D 149 4.73 2.31 32.16
N LYS D 150 4.74 1.31 31.28
CA LYS D 150 5.37 1.45 29.97
C LYS D 150 4.55 2.33 29.04
N LYS D 151 3.37 2.75 29.50
CA LYS D 151 2.49 3.61 28.72
C LYS D 151 2.10 2.98 27.39
N TRP D 152 1.24 1.97 27.45
CA TRP D 152 0.74 1.32 26.24
C TRP D 152 -0.75 1.57 26.07
N GLN D 153 -1.21 1.54 24.82
CA GLN D 153 -2.63 1.63 24.52
C GLN D 153 -3.18 0.27 24.13
N VAL D 154 -3.44 -0.57 25.14
CA VAL D 154 -3.89 -1.94 24.91
C VAL D 154 -5.39 -2.02 24.69
N THR D 155 -5.79 -2.78 23.67
CA THR D 155 -7.19 -3.01 23.39
C THR D 155 -7.56 -4.45 23.74
N ALA D 156 -7.85 -4.70 25.01
CA ALA D 156 -8.18 -6.04 25.48
C ALA D 156 -9.59 -6.46 25.06
N ILE D 157 -9.71 -7.65 24.50
CA ILE D 157 -11.00 -8.16 24.06
C ILE D 157 -11.14 -9.64 24.40
N ASN D 158 -12.14 -9.96 25.21
CA ASN D 158 -12.40 -11.35 25.60
C ASN D 158 -12.96 -12.15 24.43
N VAL D 159 -12.09 -12.89 23.75
CA VAL D 159 -12.49 -13.70 22.60
C VAL D 159 -12.94 -15.09 23.05
N GLY D 160 -13.24 -15.22 24.34
CA GLY D 160 -13.60 -16.52 24.91
C GLY D 160 -15.08 -16.82 24.90
N ASN D 161 -15.88 -15.89 25.40
CA ASN D 161 -17.33 -16.10 25.53
C ASN D 161 -18.07 -16.12 24.20
N ILE D 162 -17.33 -16.28 23.11
CA ILE D 162 -17.93 -16.33 21.78
C ILE D 162 -18.62 -17.66 21.52
N ASN D 163 -19.95 -17.64 21.44
CA ASN D 163 -20.71 -18.85 21.15
C ASN D 163 -20.36 -19.44 19.79
N ASN D 164 -19.94 -20.68 19.76
CA ASN D 164 -19.38 -21.30 18.55
C ASN D 164 -20.36 -21.73 17.45
N ASP D 165 -21.66 -21.76 17.76
CA ASP D 165 -22.73 -22.19 16.83
C ASP D 165 -23.31 -21.02 16.03
N LYS D 166 -22.46 -20.05 15.70
CA LYS D 166 -22.86 -18.81 15.03
C LYS D 166 -21.74 -17.78 15.21
N LYS D 167 -20.52 -18.26 15.44
CA LYS D 167 -19.39 -17.37 15.70
C LYS D 167 -18.75 -16.84 14.41
N ASP D 168 -19.41 -15.88 13.76
CA ASP D 168 -18.90 -15.34 12.51
C ASP D 168 -19.25 -13.85 12.43
N GLU D 169 -20.50 -13.53 12.75
CA GLU D 169 -20.93 -12.14 12.86
C GLU D 169 -20.29 -11.49 14.06
N THR D 170 -19.61 -12.31 14.87
CA THR D 170 -18.90 -11.82 16.05
C THR D 170 -17.47 -11.44 15.69
N TYR D 171 -16.84 -12.26 14.86
CA TYR D 171 -15.47 -12.00 14.40
C TYR D 171 -15.45 -10.81 13.46
N ARG D 172 -16.46 -10.70 12.62
CA ARG D 172 -16.58 -9.57 11.70
C ARG D 172 -16.76 -8.27 12.48
N SER D 173 -17.48 -8.37 13.60
CA SER D 173 -17.69 -7.22 14.47
C SER D 173 -16.51 -7.04 15.42
N LEU D 174 -15.63 -8.04 15.45
CA LEU D 174 -14.44 -7.99 16.29
C LEU D 174 -13.34 -7.18 15.62
N PHE D 175 -13.08 -7.50 14.35
CA PHE D 175 -12.05 -6.80 13.59
C PHE D 175 -12.59 -5.47 13.05
N GLN D 176 -13.86 -5.20 13.32
CA GLN D 176 -14.46 -3.92 12.98
C GLN D 176 -14.04 -2.88 14.01
N ASP D 177 -13.90 -3.32 15.26
CA ASP D 177 -13.43 -2.46 16.34
C ASP D 177 -11.91 -2.35 16.28
N LEU D 178 -11.27 -3.39 15.74
CA LEU D 178 -9.82 -3.39 15.58
C LEU D 178 -9.41 -2.65 14.32
N GLU D 179 -10.36 -1.92 13.74
CA GLU D 179 -10.09 -1.14 12.54
C GLU D 179 -10.35 0.34 12.80
N LEU D 180 -11.07 0.64 13.89
CA LEU D 180 -11.30 2.02 14.29
C LEU D 180 -9.97 2.69 14.61
N LYS D 181 -9.07 1.93 15.21
CA LYS D 181 -7.73 2.42 15.53
C LYS D 181 -6.70 1.79 14.60
N LYS D 182 -7.19 1.14 13.55
CA LYS D 182 -6.32 0.49 12.57
C LYS D 182 -5.28 -0.41 13.23
N GLU D 183 -5.73 -1.24 14.15
CA GLU D 183 -4.83 -2.16 14.84
C GLU D 183 -4.18 -3.14 13.87
N ARG D 184 -2.85 -3.16 13.86
CA ARG D 184 -2.11 -4.06 12.99
C ARG D 184 -1.26 -5.03 13.80
N ARG D 185 -1.26 -4.85 15.12
CA ARG D 185 -0.46 -5.71 15.99
C ARG D 185 -1.35 -6.39 17.03
N VAL D 186 -1.53 -7.70 16.89
CA VAL D 186 -2.44 -8.45 17.75
C VAL D 186 -1.69 -9.51 18.56
N ILE D 187 -2.09 -9.67 19.81
CA ILE D 187 -1.53 -10.72 20.68
C ILE D 187 -2.61 -11.75 20.99
N LEU D 188 -2.41 -12.98 20.54
CA LEU D 188 -3.37 -14.04 20.76
C LEU D 188 -3.03 -14.87 21.99
N ASP D 189 -3.72 -14.61 23.09
CA ASP D 189 -3.53 -15.37 24.33
C ASP D 189 -4.64 -16.41 24.46
N CYS D 190 -4.49 -17.52 23.75
CA CYS D 190 -5.51 -18.56 23.73
C CYS D 190 -4.89 -19.96 23.74
N GLU D 191 -5.76 -20.97 23.77
CA GLU D 191 -5.32 -22.36 23.71
C GLU D 191 -4.98 -22.72 22.27
N ARG D 192 -4.36 -23.87 22.08
CA ARG D 192 -3.95 -24.32 20.75
C ARG D 192 -5.14 -24.42 19.80
N ASP D 193 -6.34 -24.54 20.35
CA ASP D 193 -7.55 -24.67 19.54
C ASP D 193 -8.13 -23.31 19.16
N LYS D 194 -8.38 -22.47 20.16
CA LYS D 194 -8.94 -21.14 19.92
C LYS D 194 -8.04 -20.31 19.03
N VAL D 195 -6.76 -20.67 18.96
CA VAL D 195 -5.81 -19.97 18.11
C VAL D 195 -6.03 -20.29 16.64
N ASN D 196 -6.18 -21.58 16.34
CA ASN D 196 -6.45 -22.01 14.96
C ASN D 196 -7.73 -21.41 14.41
N ASP D 197 -8.75 -21.28 15.26
CA ASP D 197 -10.00 -20.68 14.87
C ASP D 197 -9.79 -19.22 14.46
N ILE D 198 -9.03 -18.49 15.27
CA ILE D 198 -8.72 -17.09 14.98
C ILE D 198 -7.86 -16.97 13.73
N VAL D 199 -6.81 -17.79 13.66
CA VAL D 199 -5.91 -17.79 12.51
C VAL D 199 -6.68 -18.03 11.22
N ASP D 200 -7.62 -18.96 11.26
CA ASP D 200 -8.45 -19.25 10.09
C ASP D 200 -9.29 -18.05 9.69
N GLN D 201 -9.91 -17.41 10.67
CA GLN D 201 -10.71 -16.21 10.43
C GLN D 201 -9.84 -15.09 9.86
N VAL D 202 -8.64 -14.94 10.41
CA VAL D 202 -7.70 -13.93 9.98
C VAL D 202 -7.39 -14.06 8.49
N ILE D 203 -7.17 -15.29 8.05
CA ILE D 203 -6.86 -15.55 6.64
C ILE D 203 -8.07 -15.27 5.76
N THR D 204 -9.25 -15.60 6.26
CA THR D 204 -10.48 -15.40 5.50
C THR D 204 -10.71 -13.92 5.19
N ILE D 205 -10.59 -13.08 6.22
CA ILE D 205 -10.78 -11.64 6.05
C ILE D 205 -9.54 -11.00 5.43
N GLY D 206 -8.46 -11.78 5.30
CA GLY D 206 -7.26 -11.33 4.64
C GLY D 206 -6.36 -10.44 5.48
N LYS D 207 -6.52 -10.51 6.79
CA LYS D 207 -5.68 -9.74 7.70
C LYS D 207 -4.42 -10.51 8.09
N HIS D 208 -3.89 -11.29 7.16
CA HIS D 208 -2.69 -12.07 7.40
C HIS D 208 -1.60 -11.69 6.42
N VAL D 209 -1.79 -10.57 5.73
CA VAL D 209 -0.83 -10.08 4.76
C VAL D 209 0.20 -9.17 5.43
N LYS D 210 1.19 -8.74 4.65
CA LYS D 210 2.24 -7.86 5.17
C LYS D 210 1.65 -6.62 5.81
N GLY D 211 2.11 -6.30 7.01
CA GLY D 211 1.62 -5.14 7.74
C GLY D 211 1.09 -5.53 9.10
N TYR D 212 0.61 -6.77 9.21
CA TYR D 212 0.09 -7.28 10.47
C TYR D 212 1.15 -8.07 11.23
N HIS D 213 1.07 -8.06 12.54
CA HIS D 213 2.02 -8.77 13.38
C HIS D 213 1.30 -9.48 14.53
N TYR D 214 1.34 -10.80 14.53
CA TYR D 214 0.66 -11.58 15.55
C TYR D 214 1.63 -12.23 16.52
N ILE D 215 1.22 -12.33 17.78
CA ILE D 215 2.04 -12.99 18.80
C ILE D 215 1.21 -14.05 19.53
N ILE D 216 1.56 -15.31 19.33
CA ILE D 216 0.87 -16.41 19.98
C ILE D 216 1.35 -16.57 21.41
N ALA D 217 0.52 -16.13 22.36
CA ALA D 217 0.90 -16.14 23.77
C ALA D 217 0.69 -17.50 24.43
N ASN D 218 1.47 -18.48 23.99
CA ASN D 218 1.46 -19.80 24.62
C ASN D 218 2.82 -20.49 24.48
N LEU D 219 3.02 -21.57 25.22
CA LEU D 219 4.30 -22.28 25.21
C LEU D 219 4.38 -23.28 24.07
N GLY D 220 3.36 -23.30 23.22
CA GLY D 220 3.32 -24.21 22.09
C GLY D 220 3.16 -23.50 20.76
N PHE D 221 4.22 -22.84 20.30
CA PHE D 221 4.18 -22.09 19.06
C PHE D 221 4.11 -23.00 17.85
N THR D 222 4.86 -24.10 17.89
CA THR D 222 4.90 -25.05 16.78
C THR D 222 3.85 -26.15 16.95
N ASP D 223 3.07 -26.05 18.02
CA ASP D 223 2.04 -27.05 18.31
C ASP D 223 0.85 -26.90 17.37
N GLY D 224 0.63 -25.68 16.88
CA GLY D 224 -0.48 -25.42 15.98
C GLY D 224 -0.05 -25.38 14.53
N ASP D 225 -1.04 -25.36 13.63
CA ASP D 225 -0.76 -25.29 12.20
C ASP D 225 -0.41 -23.86 11.79
N LEU D 226 0.80 -23.68 11.26
CA LEU D 226 1.27 -22.37 10.86
C LEU D 226 1.43 -22.26 9.34
N LEU D 227 1.37 -23.40 8.66
CA LEU D 227 1.52 -23.44 7.21
C LEU D 227 0.52 -22.53 6.50
N LYS D 228 -0.57 -22.20 7.19
CA LYS D 228 -1.62 -21.38 6.59
C LYS D 228 -1.28 -19.89 6.60
N ILE D 229 -0.87 -19.37 7.76
CA ILE D 229 -0.47 -17.97 7.86
C ILE D 229 1.04 -17.81 7.73
N GLN D 230 1.67 -18.76 7.05
CA GLN D 230 3.11 -18.75 6.87
C GLN D 230 3.54 -17.97 5.64
N PHE D 231 2.74 -18.08 4.57
CA PHE D 231 3.05 -17.42 3.31
C PHE D 231 2.20 -16.18 3.10
N GLY D 232 1.37 -15.87 4.09
CA GLY D 232 0.49 -14.71 4.01
C GLY D 232 1.23 -13.40 3.89
N GLY D 233 2.30 -13.26 4.69
CA GLY D 233 3.10 -12.04 4.67
C GLY D 233 3.21 -11.42 6.05
N ALA D 234 2.15 -11.54 6.84
CA ALA D 234 2.15 -11.00 8.20
C ALA D 234 3.13 -11.76 9.08
N GLU D 235 3.91 -11.01 9.84
CA GLU D 235 4.89 -11.62 10.75
C GLU D 235 4.21 -12.25 11.96
N VAL D 236 4.59 -13.48 12.26
CA VAL D 236 4.02 -14.19 13.40
C VAL D 236 5.12 -14.64 14.36
N SER D 237 4.96 -14.29 15.63
CA SER D 237 5.92 -14.66 16.65
C SER D 237 5.24 -15.46 17.75
N GLY D 238 6.02 -16.14 18.58
CA GLY D 238 5.47 -16.95 19.66
C GLY D 238 6.53 -17.49 20.59
N PHE D 239 6.16 -18.51 21.37
CA PHE D 239 7.07 -19.10 22.35
C PHE D 239 7.08 -20.62 22.26
N GLN D 240 8.26 -21.20 22.39
CA GLN D 240 8.41 -22.66 22.35
C GLN D 240 9.17 -23.15 23.57
N ILE D 241 8.57 -24.09 24.29
CA ILE D 241 9.18 -24.64 25.49
C ILE D 241 9.86 -25.97 25.21
N VAL D 242 9.38 -26.67 24.19
CA VAL D 242 9.95 -27.95 23.79
C VAL D 242 10.95 -27.75 22.66
N ASP D 243 12.23 -27.62 23.00
CA ASP D 243 13.27 -27.41 22.00
C ASP D 243 13.59 -28.71 21.28
N TYR D 244 13.18 -28.80 20.02
CA TYR D 244 13.39 -30.01 19.23
C TYR D 244 14.84 -30.09 18.73
N ASP D 245 15.67 -29.14 19.16
CA ASP D 245 17.08 -29.14 18.78
C ASP D 245 17.95 -29.82 19.84
N ASP D 246 17.37 -30.06 21.01
CA ASP D 246 18.07 -30.80 22.06
C ASP D 246 18.16 -32.27 21.70
N SER D 247 19.35 -32.83 21.83
CA SER D 247 19.56 -34.25 21.56
C SER D 247 18.66 -35.10 22.45
N LEU D 248 18.31 -34.55 23.61
CA LEU D 248 17.42 -35.23 24.55
C LEU D 248 16.02 -35.35 23.95
N VAL D 249 15.49 -34.22 23.49
CA VAL D 249 14.17 -34.20 22.88
C VAL D 249 14.18 -34.91 21.53
N SER D 250 15.25 -34.70 20.77
CA SER D 250 15.38 -35.33 19.47
C SER D 250 15.32 -36.85 19.57
N LYS D 251 15.89 -37.39 20.63
CA LYS D 251 15.88 -38.83 20.87
C LYS D 251 14.49 -39.31 21.26
N PHE D 252 13.78 -38.48 22.02
CA PHE D 252 12.42 -38.79 22.44
C PHE D 252 11.50 -38.94 21.23
N ILE D 253 11.60 -37.98 20.31
CA ILE D 253 10.77 -37.99 19.11
C ILE D 253 11.07 -39.21 18.24
N GLU D 254 12.33 -39.61 18.20
CA GLU D 254 12.74 -40.77 17.42
C GLU D 254 11.92 -42.00 17.79
N ARG D 255 11.57 -42.11 19.06
CA ARG D 255 10.79 -43.25 19.54
C ARG D 255 9.29 -42.93 19.59
N TRP D 256 8.99 -41.65 19.81
CA TRP D 256 7.61 -41.21 19.90
C TRP D 256 6.92 -41.27 18.54
N SER D 257 7.59 -40.76 17.51
CA SER D 257 7.02 -40.70 16.17
C SER D 257 6.76 -42.08 15.58
N THR D 258 7.37 -43.10 16.17
CA THR D 258 7.25 -44.47 15.65
C THR D 258 6.18 -45.27 16.38
N LEU D 259 5.87 -44.87 17.61
CA LEU D 259 4.88 -45.57 18.42
C LEU D 259 3.57 -45.78 17.67
N GLU D 260 2.92 -46.91 17.94
CA GLU D 260 1.65 -47.23 17.29
C GLU D 260 0.55 -46.27 17.74
N GLU D 261 -0.09 -45.62 16.78
CA GLU D 261 -1.14 -44.64 17.08
C GLU D 261 -2.40 -45.31 17.62
N LYS D 262 -2.49 -46.63 17.44
CA LYS D 262 -3.63 -47.38 17.93
C LYS D 262 -3.61 -47.48 19.45
N GLU D 263 -2.49 -47.93 20.01
CA GLU D 263 -2.34 -48.06 21.45
C GLU D 263 -2.05 -46.71 22.09
N TYR D 264 -1.29 -45.88 21.39
CA TYR D 264 -0.95 -44.55 21.87
C TYR D 264 -1.59 -43.48 20.98
N PRO D 265 -2.81 -43.06 21.34
CA PRO D 265 -3.58 -42.08 20.57
C PRO D 265 -2.81 -40.77 20.36
N GLY D 266 -2.85 -40.25 19.14
CA GLY D 266 -2.19 -39.01 18.82
C GLY D 266 -0.74 -38.97 19.24
N ALA D 267 -0.02 -40.04 18.93
CA ALA D 267 1.39 -40.14 19.33
C ALA D 267 2.30 -40.50 18.15
N HIS D 268 1.71 -40.55 16.95
CA HIS D 268 2.48 -40.91 15.76
C HIS D 268 2.85 -39.68 14.95
N THR D 269 3.43 -38.68 15.63
CA THR D 269 3.85 -37.44 14.98
C THR D 269 5.28 -37.07 15.36
N ALA D 270 5.85 -36.12 14.63
CA ALA D 270 7.21 -35.67 14.89
C ALA D 270 7.26 -34.58 15.94
N THR D 271 6.08 -34.08 16.32
CA THR D 271 5.98 -33.02 17.32
C THR D 271 5.12 -33.47 18.51
N ILE D 272 5.06 -32.62 19.53
CA ILE D 272 4.28 -32.93 20.72
C ILE D 272 3.82 -31.65 21.44
N LYS D 273 2.55 -31.63 21.83
CA LYS D 273 2.00 -30.49 22.55
C LYS D 273 2.75 -30.27 23.85
N TYR D 274 2.96 -29.01 24.21
CA TYR D 274 3.73 -28.68 25.40
C TYR D 274 3.07 -29.24 26.66
N THR D 275 1.75 -29.35 26.63
CA THR D 275 1.00 -29.92 27.74
C THR D 275 1.37 -31.40 27.93
N SER D 276 1.50 -32.11 26.81
CA SER D 276 1.86 -33.52 26.83
C SER D 276 3.32 -33.70 27.25
N ALA D 277 4.19 -32.82 26.74
CA ALA D 277 5.60 -32.87 27.05
C ALA D 277 5.85 -32.67 28.55
N LEU D 278 5.05 -31.80 29.16
CA LEU D 278 5.14 -31.54 30.59
C LEU D 278 4.67 -32.75 31.39
N THR D 279 3.68 -33.45 30.86
CA THR D 279 3.17 -34.67 31.50
C THR D 279 4.27 -35.71 31.59
N TYR D 280 5.00 -35.88 30.50
CA TYR D 280 6.13 -36.82 30.45
C TYR D 280 7.20 -36.41 31.45
N ASP D 281 7.49 -35.12 31.51
CA ASP D 281 8.49 -34.60 32.44
C ASP D 281 8.00 -34.69 33.88
N ALA D 282 6.68 -34.73 34.05
CA ALA D 282 6.08 -34.85 35.38
C ALA D 282 6.39 -36.22 35.98
N VAL D 283 6.29 -37.25 35.15
CA VAL D 283 6.59 -38.61 35.60
C VAL D 283 8.03 -38.71 36.10
N GLN D 284 8.95 -38.07 35.37
CA GLN D 284 10.36 -38.08 35.73
C GLN D 284 10.59 -37.40 37.07
N VAL D 285 9.85 -36.33 37.32
CA VAL D 285 9.98 -35.58 38.57
C VAL D 285 9.49 -36.42 39.75
N MET D 286 8.39 -37.11 39.55
CA MET D 286 7.80 -37.94 40.60
C MET D 286 8.69 -39.15 40.90
N THR D 287 9.38 -39.63 39.88
CA THR D 287 10.29 -40.77 40.05
C THR D 287 11.52 -40.35 40.85
N GLU D 288 12.16 -39.27 40.43
CA GLU D 288 13.34 -38.77 41.11
C GLU D 288 13.04 -38.36 42.55
N ALA D 289 11.78 -37.97 42.79
CA ALA D 289 11.36 -37.53 44.11
C ALA D 289 11.22 -38.71 45.06
N PHE D 290 10.52 -39.75 44.61
CA PHE D 290 10.32 -40.94 45.42
C PHE D 290 11.64 -41.73 45.57
N ARG D 291 12.58 -41.45 44.67
CA ARG D 291 13.88 -42.10 44.72
C ARG D 291 14.80 -41.44 45.73
N ASN D 292 14.69 -40.11 45.83
CA ASN D 292 15.47 -39.35 46.80
C ASN D 292 14.99 -39.56 48.22
N LEU D 293 13.82 -40.19 48.36
CA LEU D 293 13.29 -40.53 49.68
C LEU D 293 13.78 -41.88 50.15
N ARG D 294 14.02 -42.79 49.20
CA ARG D 294 14.53 -44.11 49.52
C ARG D 294 16.01 -44.02 49.90
N LYS D 295 16.76 -43.23 49.15
CA LYS D 295 18.19 -43.05 49.40
C LYS D 295 18.44 -42.16 50.62
N GLN D 296 17.40 -41.47 51.07
CA GLN D 296 17.50 -40.59 52.22
C GLN D 296 17.03 -41.31 53.49
N ARG D 297 16.67 -42.58 53.35
CA ARG D 297 16.22 -43.38 54.48
C ARG D 297 15.02 -42.74 55.19
N ILE D 298 14.01 -42.37 54.42
CA ILE D 298 12.81 -41.76 54.97
C ILE D 298 11.58 -42.64 54.76
N GLU D 299 11.03 -43.13 55.87
CA GLU D 299 9.84 -43.96 55.82
C GLU D 299 8.58 -43.11 55.75
N ILE D 300 7.75 -43.38 54.74
CA ILE D 300 6.52 -42.61 54.52
C ILE D 300 5.32 -43.51 54.28
N SER D 301 5.52 -44.82 54.36
CA SER D 301 4.43 -45.77 54.21
C SER D 301 3.31 -45.47 55.21
N ARG D 302 2.09 -45.32 54.69
CA ARG D 302 0.94 -45.00 55.52
C ARG D 302 0.65 -46.12 56.53
N ARG D 303 0.22 -45.72 57.72
CA ARG D 303 -0.10 -46.68 58.78
C ARG D 303 -1.42 -47.39 58.51
N GLY D 304 -2.26 -46.77 57.70
CA GLY D 304 -3.55 -47.34 57.35
C GLY D 304 -4.37 -46.42 56.47
N ASN D 305 -5.66 -46.73 56.32
CA ASN D 305 -6.55 -45.91 55.51
C ASN D 305 -6.54 -44.45 55.97
N ALA D 306 -6.63 -43.54 55.02
CA ALA D 306 -6.56 -42.11 55.32
C ALA D 306 -7.88 -41.59 55.86
N GLY D 307 -8.97 -42.26 55.51
CA GLY D 307 -10.29 -41.87 55.95
C GLY D 307 -10.95 -40.87 55.02
N ASP D 308 -12.14 -40.43 55.39
CA ASP D 308 -12.88 -39.46 54.58
C ASP D 308 -12.20 -38.10 54.62
N CYS D 309 -12.08 -37.46 53.45
CA CYS D 309 -11.41 -36.17 53.36
C CYS D 309 -12.18 -35.07 54.07
N LEU D 310 -13.49 -35.28 54.22
CA LEU D 310 -14.34 -34.30 54.91
C LEU D 310 -14.26 -34.46 56.42
N ALA D 311 -13.38 -35.35 56.88
CA ALA D 311 -13.22 -35.60 58.30
C ALA D 311 -13.01 -34.30 59.07
N ASN D 312 -13.79 -34.11 60.13
CA ASN D 312 -13.70 -32.90 60.94
C ASN D 312 -13.55 -33.23 62.43
N PRO D 313 -12.48 -32.73 63.05
CA PRO D 313 -11.46 -31.88 62.43
C PRO D 313 -10.59 -32.64 61.45
N ALA D 314 -10.14 -31.95 60.40
CA ALA D 314 -9.27 -32.56 59.39
C ALA D 314 -7.83 -32.55 59.85
N VAL D 315 -7.23 -33.73 60.00
CA VAL D 315 -5.85 -33.85 60.44
C VAL D 315 -4.93 -34.24 59.30
N PRO D 316 -3.96 -33.37 58.97
CA PRO D 316 -2.98 -33.61 57.91
C PRO D 316 -1.93 -34.63 58.34
N TRP D 317 -1.72 -35.66 57.52
CA TRP D 317 -0.71 -36.66 57.83
C TRP D 317 0.70 -36.11 57.60
N GLY D 318 1.50 -36.10 58.66
CA GLY D 318 2.82 -35.51 58.63
C GLY D 318 3.73 -35.99 57.52
N GLN D 319 3.48 -37.19 57.03
CA GLN D 319 4.30 -37.78 55.98
C GLN D 319 4.20 -36.99 54.67
N GLY D 320 3.17 -36.15 54.58
CA GLY D 320 2.96 -35.34 53.39
C GLY D 320 3.94 -34.19 53.27
N VAL D 321 4.36 -33.65 54.41
CA VAL D 321 5.29 -32.54 54.44
C VAL D 321 6.62 -32.92 53.78
N GLU D 322 7.01 -34.17 53.94
CA GLU D 322 8.26 -34.67 53.38
C GLU D 322 8.14 -34.91 51.88
N ILE D 323 6.97 -35.37 51.45
CA ILE D 323 6.73 -35.63 50.03
C ILE D 323 6.80 -34.34 49.24
N GLU D 324 6.43 -33.23 49.86
CA GLU D 324 6.50 -31.93 49.23
C GLU D 324 7.95 -31.48 49.08
N ARG D 325 8.70 -31.57 50.17
CA ARG D 325 10.10 -31.18 50.17
C ARG D 325 10.93 -32.03 49.22
N ALA D 326 10.35 -33.15 48.79
CA ALA D 326 11.03 -34.04 47.86
C ALA D 326 10.82 -33.58 46.42
N LEU D 327 9.56 -33.43 46.03
CA LEU D 327 9.21 -32.99 44.68
C LEU D 327 9.81 -31.63 44.37
N LYS D 328 9.73 -30.71 45.34
CA LYS D 328 10.23 -29.36 45.17
C LYS D 328 11.75 -29.31 45.11
N GLN D 329 12.39 -30.37 45.61
CA GLN D 329 13.85 -30.45 45.62
C GLN D 329 14.39 -31.09 44.35
N VAL D 330 13.50 -31.74 43.60
CA VAL D 330 13.88 -32.42 42.37
C VAL D 330 14.50 -31.45 41.36
N GLN D 331 15.48 -31.93 40.61
CA GLN D 331 16.11 -31.14 39.57
C GLN D 331 16.74 -32.03 38.50
N VAL D 332 15.98 -32.33 37.45
CA VAL D 332 16.46 -33.17 36.37
C VAL D 332 16.29 -32.47 35.02
N GLU D 333 16.69 -33.14 33.95
CA GLU D 333 16.58 -32.59 32.61
C GLU D 333 15.46 -33.29 31.85
N GLY D 334 14.54 -32.50 31.30
CA GLY D 334 13.41 -33.06 30.58
C GLY D 334 13.18 -32.40 29.23
N LEU D 335 12.04 -32.71 28.62
CA LEU D 335 11.69 -32.16 27.31
C LEU D 335 11.55 -30.64 27.36
N SER D 336 11.12 -30.13 28.52
CA SER D 336 10.92 -28.69 28.68
C SER D 336 12.12 -28.03 29.32
N GLY D 337 13.32 -28.41 28.88
CA GLY D 337 14.55 -27.82 29.38
C GLY D 337 14.84 -28.20 30.82
N ASN D 338 15.71 -27.42 31.46
CA ASN D 338 16.08 -27.67 32.84
C ASN D 338 14.91 -27.47 33.81
N ILE D 339 14.62 -28.50 34.59
CA ILE D 339 13.49 -28.45 35.51
C ILE D 339 13.96 -28.19 36.94
N LYS D 340 13.52 -27.07 37.50
CA LYS D 340 13.84 -26.71 38.88
C LYS D 340 12.65 -26.01 39.53
N PHE D 341 12.58 -26.07 40.86
CA PHE D 341 11.46 -25.48 41.58
C PHE D 341 11.91 -24.63 42.76
N ASP D 342 11.01 -23.76 43.22
CA ASP D 342 11.26 -22.98 44.42
C ASP D 342 10.44 -23.55 45.58
N GLN D 343 10.44 -22.84 46.71
CA GLN D 343 9.75 -23.32 47.91
C GLN D 343 8.24 -23.44 47.69
N ASN D 344 7.72 -22.73 46.69
CA ASN D 344 6.29 -22.72 46.43
C ASN D 344 5.84 -23.81 45.46
N GLY D 345 6.57 -23.94 44.36
CA GLY D 345 6.25 -24.95 43.35
C GLY D 345 6.38 -24.40 41.93
N LYS D 346 6.52 -23.09 41.82
CA LYS D 346 6.70 -22.46 40.52
C LYS D 346 8.10 -22.77 39.97
N ARG D 347 8.16 -23.12 38.69
CA ARG D 347 9.42 -23.48 38.06
C ARG D 347 10.37 -22.29 37.97
N ILE D 348 11.66 -22.55 38.11
CA ILE D 348 12.68 -21.52 38.03
C ILE D 348 13.86 -21.99 37.19
N ASN D 349 14.74 -21.06 36.85
CA ASN D 349 15.91 -21.36 36.03
C ASN D 349 15.54 -22.13 34.76
N TYR D 350 14.49 -21.67 34.09
CA TYR D 350 14.02 -22.33 32.87
C TYR D 350 14.33 -21.47 31.65
N THR D 351 14.05 -22.01 30.47
CA THR D 351 14.35 -21.30 29.22
C THR D 351 13.19 -21.43 28.23
N ILE D 352 12.73 -20.29 27.72
CA ILE D 352 11.67 -20.27 26.73
C ILE D 352 12.16 -19.66 25.42
N ASN D 353 12.22 -20.48 24.38
CA ASN D 353 12.70 -20.03 23.08
C ASN D 353 11.70 -19.13 22.36
N ILE D 354 12.18 -17.97 21.91
CA ILE D 354 11.34 -17.06 21.14
C ILE D 354 11.37 -17.47 19.66
N MET D 355 10.18 -17.64 19.08
CA MET D 355 10.08 -18.14 17.72
C MET D 355 9.48 -17.12 16.75
N GLU D 356 9.95 -17.15 15.51
CA GLU D 356 9.38 -16.35 14.44
C GLU D 356 9.06 -17.24 13.24
N LEU D 357 7.97 -16.95 12.56
CA LEU D 357 7.57 -17.76 11.40
C LEU D 357 8.04 -17.15 10.09
N LYS D 358 9.01 -17.79 9.46
CA LYS D 358 9.53 -17.32 8.19
C LYS D 358 8.94 -18.12 7.02
N THR D 359 9.49 -17.92 5.83
CA THR D 359 9.00 -18.60 4.64
C THR D 359 9.32 -20.10 4.68
N ASN D 360 10.51 -20.44 5.15
CA ASN D 360 10.94 -21.83 5.23
C ASN D 360 10.36 -22.55 6.44
N GLY D 361 9.67 -21.81 7.30
CA GLY D 361 9.06 -22.36 8.49
C GLY D 361 9.52 -21.67 9.75
N PRO D 362 9.05 -22.14 10.91
CA PRO D 362 9.42 -21.59 12.22
C PRO D 362 10.93 -21.56 12.42
N ARG D 363 11.41 -20.60 13.20
CA ARG D 363 12.85 -20.46 13.44
C ARG D 363 13.11 -19.72 14.75
N LYS D 364 13.94 -20.31 15.60
CA LYS D 364 14.29 -19.72 16.88
C LYS D 364 15.20 -18.51 16.68
N ILE D 365 14.77 -17.35 17.18
CA ILE D 365 15.55 -16.13 17.05
C ILE D 365 16.22 -15.76 18.37
N GLY D 366 15.97 -16.56 19.40
CA GLY D 366 16.55 -16.33 20.71
C GLY D 366 15.80 -17.05 21.80
N TYR D 367 16.15 -16.76 23.05
CA TYR D 367 15.49 -17.39 24.20
C TYR D 367 15.21 -16.37 25.29
N TRP D 368 14.50 -16.81 26.33
CA TRP D 368 14.18 -15.93 27.44
C TRP D 368 14.47 -16.61 28.77
N SER D 369 15.36 -16.00 29.55
CA SER D 369 15.70 -16.50 30.87
C SER D 369 15.10 -15.61 31.95
N GLU D 370 14.67 -16.20 33.05
CA GLU D 370 14.08 -15.44 34.15
C GLU D 370 15.10 -14.47 34.76
N VAL D 371 16.36 -14.66 34.43
CA VAL D 371 17.43 -13.85 35.00
C VAL D 371 18.16 -13.01 33.95
N ASP D 372 18.02 -13.40 32.69
CA ASP D 372 18.72 -12.71 31.61
C ASP D 372 17.75 -12.06 30.63
N LYS D 373 16.45 -12.13 30.93
CA LYS D 373 15.43 -11.62 30.04
C LYS D 373 15.58 -12.24 28.65
N MET D 374 15.38 -11.43 27.61
CA MET D 374 15.50 -11.90 26.24
C MET D 374 16.93 -11.81 25.73
N VAL D 375 17.39 -12.88 25.06
CA VAL D 375 18.72 -12.91 24.48
C VAL D 375 18.69 -13.53 23.09
N LEU D 376 19.06 -12.75 22.08
CA LEU D 376 18.97 -13.19 20.68
C LEU D 376 20.05 -14.21 20.30
N THR D 377 19.65 -15.18 19.48
CA THR D 377 20.58 -16.17 18.95
C THR D 377 20.95 -15.84 17.51
N GLU D 378 22.20 -15.44 17.30
CA GLU D 378 22.62 -14.89 16.02
C GLU D 378 22.79 -15.93 14.91
N ASP D 379 21.85 -15.92 13.97
CA ASP D 379 21.97 -16.69 12.73
C ASP D 379 21.70 -15.74 11.57
N LYS D 393 33.41 -1.88 -3.13
CA LYS D 393 31.96 -1.59 -2.86
C LYS D 393 31.79 -0.09 -2.61
N THR D 394 32.21 0.36 -1.43
CA THR D 394 32.13 1.77 -1.13
C THR D 394 33.21 2.51 -1.93
N VAL D 395 32.77 3.48 -2.73
CA VAL D 395 33.65 4.30 -3.58
C VAL D 395 34.47 5.33 -2.75
N VAL D 396 35.79 5.21 -2.75
CA VAL D 396 36.63 6.16 -2.03
C VAL D 396 36.80 7.40 -2.91
N VAL D 397 36.36 8.54 -2.39
CA VAL D 397 36.42 9.79 -3.12
C VAL D 397 37.56 10.64 -2.61
N THR D 398 38.48 11.00 -3.49
CA THR D 398 39.57 11.88 -3.09
C THR D 398 39.17 13.31 -3.44
N THR D 399 39.35 14.20 -2.47
CA THR D 399 39.03 15.60 -2.69
C THR D 399 40.06 16.52 -1.99
N ILE D 400 39.84 17.83 -2.03
CA ILE D 400 40.80 18.76 -1.45
C ILE D 400 40.09 19.87 -0.65
N LEU D 401 40.68 20.24 0.49
CA LEU D 401 40.12 21.31 1.32
C LEU D 401 40.45 22.61 0.62
N GLU D 402 39.51 23.07 -0.19
CA GLU D 402 39.66 24.28 -1.00
C GLU D 402 38.29 24.92 -0.92
N SER D 403 38.19 26.09 -0.27
CA SER D 403 36.89 26.77 -0.16
C SER D 403 36.46 27.38 -1.48
N PRO D 404 35.14 27.34 -1.80
CA PRO D 404 34.01 26.79 -1.03
C PRO D 404 33.65 25.36 -1.44
N TYR D 405 34.57 24.71 -2.14
CA TYR D 405 34.34 23.36 -2.65
C TYR D 405 34.19 22.32 -1.53
N VAL D 406 35.18 22.27 -0.65
CA VAL D 406 35.20 21.36 0.48
C VAL D 406 35.84 22.14 1.61
N MET D 407 35.13 22.18 2.73
CA MET D 407 35.54 22.91 3.91
C MET D 407 35.11 22.10 5.11
N MET D 408 35.83 22.28 6.19
CA MET D 408 35.47 21.58 7.41
C MET D 408 34.23 22.22 8.01
N LYS D 409 33.25 21.41 8.34
CA LYS D 409 32.02 21.90 8.94
C LYS D 409 32.30 22.45 10.35
N LYS D 410 31.49 23.42 10.77
CA LYS D 410 31.63 24.07 12.07
C LYS D 410 31.95 23.14 13.23
N ASN D 411 31.08 22.17 13.51
CA ASN D 411 31.30 21.27 14.62
C ASN D 411 31.66 19.87 14.17
N HIS D 412 32.48 19.80 13.11
CA HIS D 412 32.92 18.52 12.54
C HIS D 412 33.48 17.49 13.53
N GLU D 413 34.09 17.96 14.63
CA GLU D 413 34.64 17.06 15.65
C GLU D 413 33.59 16.20 16.31
N MET D 414 32.36 16.67 16.22
CA MET D 414 31.19 15.99 16.78
C MET D 414 30.41 15.18 15.74
N LEU D 415 30.84 15.24 14.47
CA LEU D 415 30.18 14.52 13.37
C LEU D 415 31.04 13.35 12.86
N GLU D 416 30.48 12.51 12.00
CA GLU D 416 31.27 11.39 11.48
C GLU D 416 31.22 11.27 9.98
N GLY D 417 32.26 10.62 9.46
CA GLY D 417 32.38 10.37 8.04
C GLY D 417 32.20 11.55 7.10
N ASN D 418 31.28 11.38 6.15
CA ASN D 418 31.00 12.40 5.16
C ASN D 418 30.37 13.66 5.74
N GLU D 419 29.69 13.50 6.88
CA GLU D 419 29.00 14.61 7.53
C GLU D 419 29.94 15.65 8.13
N ARG D 420 31.24 15.35 8.15
CA ARG D 420 32.20 16.29 8.67
C ARG D 420 32.46 17.47 7.72
N TYR D 421 32.14 17.29 6.45
CA TYR D 421 32.44 18.31 5.44
C TYR D 421 31.21 18.94 4.84
N GLU D 422 31.43 20.09 4.21
CA GLU D 422 30.39 20.84 3.52
C GLU D 422 31.03 21.64 2.37
N GLY D 423 30.23 21.97 1.37
CA GLY D 423 30.75 22.73 0.24
C GLY D 423 30.12 22.34 -1.07
N TYR D 424 30.50 23.05 -2.14
CA TYR D 424 29.97 22.77 -3.46
C TYR D 424 30.24 21.30 -3.88
N CYS D 425 31.47 20.84 -3.68
CA CYS D 425 31.85 19.49 -4.06
C CYS D 425 31.26 18.42 -3.15
N VAL D 426 30.92 18.81 -1.93
CA VAL D 426 30.29 17.88 -1.00
C VAL D 426 28.84 17.67 -1.50
N ASP D 427 28.16 18.78 -1.87
CA ASP D 427 26.79 18.68 -2.41
C ASP D 427 26.83 17.90 -3.73
N LEU D 428 27.85 18.16 -4.56
CA LEU D 428 27.95 17.47 -5.85
C LEU D 428 28.23 15.95 -5.72
N ALA D 429 29.10 15.56 -4.76
CA ALA D 429 29.46 14.16 -4.49
C ALA D 429 28.22 13.38 -4.10
N ALA D 430 27.42 13.99 -3.22
CA ALA D 430 26.19 13.40 -2.75
C ALA D 430 25.25 13.13 -3.93
N GLU D 431 25.17 14.07 -4.87
CA GLU D 431 24.31 13.93 -6.05
C GLU D 431 24.82 12.92 -7.10
N ILE D 432 26.10 12.99 -7.47
CA ILE D 432 26.69 12.08 -8.44
C ILE D 432 26.53 10.66 -7.91
N ALA D 433 26.68 10.48 -6.61
CA ALA D 433 26.54 9.17 -5.98
C ALA D 433 25.10 8.65 -6.06
N LYS D 434 24.12 9.51 -5.79
CA LYS D 434 22.71 9.15 -5.83
C LYS D 434 22.37 8.67 -7.23
N HIS D 435 22.74 9.48 -8.20
CA HIS D 435 22.47 9.23 -9.60
C HIS D 435 23.20 8.06 -10.18
N CYS D 436 24.41 7.79 -9.69
CA CYS D 436 25.16 6.66 -10.20
C CYS D 436 24.88 5.39 -9.43
N GLY D 437 24.17 5.54 -8.31
CA GLY D 437 23.80 4.41 -7.49
C GLY D 437 24.92 3.81 -6.66
N PHE D 438 25.78 4.67 -6.07
CA PHE D 438 26.84 4.11 -5.22
C PHE D 438 27.01 4.77 -3.87
N LYS D 439 27.59 4.00 -2.96
CA LYS D 439 27.87 4.51 -1.61
C LYS D 439 29.33 4.95 -1.70
N TYR D 440 29.68 6.01 -0.97
CA TYR D 440 31.02 6.56 -1.02
C TYR D 440 31.55 7.09 0.31
N LYS D 441 32.85 7.32 0.32
CA LYS D 441 33.53 7.85 1.48
C LYS D 441 34.44 8.97 1.02
N LEU D 442 34.21 10.16 1.56
CA LEU D 442 35.04 11.33 1.25
C LEU D 442 36.38 11.24 1.98
N THR D 443 37.46 11.49 1.25
CA THR D 443 38.82 11.47 1.78
C THR D 443 39.56 12.71 1.25
N ILE D 444 40.27 13.40 2.12
CA ILE D 444 41.03 14.59 1.73
C ILE D 444 42.39 14.09 1.26
N VAL D 445 42.82 14.51 0.08
CA VAL D 445 44.11 14.11 -0.49
C VAL D 445 45.24 14.33 0.53
N GLY D 446 46.00 13.28 0.81
CA GLY D 446 47.06 13.35 1.81
C GLY D 446 48.09 14.44 1.66
N ASP D 447 48.59 14.66 0.45
CA ASP D 447 49.58 15.70 0.32
C ASP D 447 49.01 17.10 0.08
N GLY D 448 47.68 17.21 0.10
CA GLY D 448 47.02 18.48 -0.13
C GLY D 448 47.29 19.13 -1.49
N LYS D 449 47.60 18.34 -2.50
CA LYS D 449 47.87 18.90 -3.83
C LYS D 449 46.83 18.47 -4.89
N TYR D 450 46.85 19.16 -6.02
CA TYR D 450 45.93 18.84 -7.12
C TYR D 450 46.47 17.67 -7.95
N GLY D 451 47.71 17.78 -8.41
CA GLY D 451 48.28 16.70 -9.18
C GLY D 451 49.27 17.11 -10.23
N ALA D 452 50.51 16.66 -10.07
CA ALA D 452 51.57 16.94 -11.03
C ALA D 452 52.55 15.76 -11.10
N ARG D 453 53.15 15.58 -12.26
CA ARG D 453 54.14 14.52 -12.44
C ARG D 453 55.47 15.16 -12.13
N ASP D 454 56.29 14.48 -11.32
CA ASP D 454 57.57 14.99 -10.92
C ASP D 454 58.53 14.64 -12.01
N ALA D 455 59.08 15.67 -12.60
CA ALA D 455 60.01 15.49 -13.67
C ALA D 455 61.17 14.56 -13.31
N ASP D 456 61.76 14.60 -12.13
CA ASP D 456 62.87 13.69 -11.95
C ASP D 456 62.46 12.21 -11.66
N THR D 457 61.47 12.12 -10.78
CA THR D 457 60.92 10.92 -10.12
C THR D 457 59.82 10.13 -10.81
N LYS D 458 59.20 10.86 -11.72
CA LYS D 458 58.11 10.44 -12.60
C LYS D 458 56.81 10.06 -11.89
N ILE D 459 56.78 10.31 -10.59
CA ILE D 459 55.63 10.00 -9.77
C ILE D 459 54.58 11.12 -9.83
N TRP D 460 53.31 10.73 -9.83
CA TRP D 460 52.19 11.67 -9.85
C TRP D 460 51.79 11.93 -8.40
N ASN D 461 51.68 13.21 -8.05
CA ASN D 461 51.29 13.56 -6.70
C ASN D 461 49.83 14.05 -6.69
N GLY D 462 49.37 14.49 -5.52
CA GLY D 462 48.02 15.04 -5.41
C GLY D 462 46.90 14.06 -5.68
N MET D 463 45.71 14.61 -5.95
CA MET D 463 44.55 13.79 -6.22
C MET D 463 44.76 12.87 -7.42
N VAL D 464 45.42 13.39 -8.44
CA VAL D 464 45.72 12.65 -9.66
C VAL D 464 46.49 11.39 -9.29
N GLY D 465 47.51 11.55 -8.44
CA GLY D 465 48.32 10.42 -7.99
C GLY D 465 47.49 9.39 -7.25
N GLU D 466 46.57 9.84 -6.39
CA GLU D 466 45.74 8.89 -5.66
C GLU D 466 44.88 8.04 -6.60
N LEU D 467 44.51 8.61 -7.74
CA LEU D 467 43.71 7.90 -8.75
C LEU D 467 44.64 6.97 -9.57
N VAL D 468 45.79 7.49 -9.96
CA VAL D 468 46.77 6.73 -10.76
C VAL D 468 47.30 5.47 -10.08
N TYR D 469 47.54 5.59 -8.77
CA TYR D 469 48.09 4.49 -8.00
C TYR D 469 47.01 3.69 -7.30
N GLY D 470 45.76 4.01 -7.61
CA GLY D 470 44.65 3.28 -7.05
C GLY D 470 44.29 3.48 -5.61
N LYS D 471 44.72 4.58 -5.01
CA LYS D 471 44.38 4.86 -3.63
C LYS D 471 42.92 5.36 -3.51
N ALA D 472 42.41 5.96 -4.59
CA ALA D 472 41.03 6.45 -4.62
C ALA D 472 40.38 6.00 -5.90
N ASP D 473 39.05 5.96 -5.89
CA ASP D 473 38.26 5.53 -7.04
C ASP D 473 37.75 6.68 -7.90
N ILE D 474 37.65 7.86 -7.31
CA ILE D 474 37.13 9.01 -8.02
C ILE D 474 37.58 10.28 -7.30
N ALA D 475 37.77 11.35 -8.07
CA ALA D 475 38.18 12.64 -7.53
C ALA D 475 37.07 13.60 -7.89
N ILE D 476 36.45 14.17 -6.87
CA ILE D 476 35.38 15.14 -7.05
C ILE D 476 35.94 16.40 -6.37
N ALA D 477 36.58 17.21 -7.22
CA ALA D 477 37.28 18.43 -6.82
C ALA D 477 37.41 19.47 -7.97
N PRO D 478 37.85 20.71 -7.65
CA PRO D 478 38.03 21.74 -8.69
C PRO D 478 39.34 21.37 -9.44
N LEU D 479 39.32 20.18 -10.05
CA LEU D 479 40.45 19.61 -10.76
C LEU D 479 40.31 19.91 -12.27
N THR D 480 41.24 20.72 -12.75
CA THR D 480 41.25 21.14 -14.14
C THR D 480 41.54 20.02 -15.14
N ILE D 481 40.71 19.96 -16.19
CA ILE D 481 40.89 18.99 -17.28
C ILE D 481 42.06 19.50 -18.11
N THR D 482 43.18 18.77 -18.11
CA THR D 482 44.33 19.16 -18.92
C THR D 482 44.77 17.97 -19.77
N LEU D 483 45.55 18.23 -20.81
CA LEU D 483 46.05 17.17 -21.69
C LEU D 483 46.97 16.15 -20.95
N VAL D 484 47.95 16.63 -20.17
CA VAL D 484 48.85 15.72 -19.47
C VAL D 484 48.16 14.84 -18.44
N ARG D 485 47.05 15.34 -17.87
CA ARG D 485 46.30 14.54 -16.92
C ARG D 485 45.40 13.55 -17.66
N GLU D 486 44.76 14.00 -18.73
CA GLU D 486 43.87 13.12 -19.48
C GLU D 486 44.58 11.93 -20.12
N GLU D 487 45.91 12.00 -20.18
CA GLU D 487 46.73 10.92 -20.72
C GLU D 487 46.86 9.81 -19.69
N VAL D 488 46.57 10.12 -18.42
CA VAL D 488 46.71 9.10 -17.40
C VAL D 488 45.45 8.79 -16.62
N ILE D 489 44.47 9.70 -16.65
CA ILE D 489 43.20 9.48 -15.96
C ILE D 489 42.04 9.90 -16.89
N ASP D 490 40.83 9.51 -16.55
CA ASP D 490 39.67 9.91 -17.34
C ASP D 490 38.96 11.07 -16.64
N PHE D 491 38.37 11.95 -17.44
CA PHE D 491 37.61 13.10 -16.93
C PHE D 491 36.23 13.12 -17.57
N SER D 492 35.22 13.50 -16.79
CA SER D 492 33.87 13.66 -17.33
C SER D 492 33.92 14.98 -18.09
N LYS D 493 32.84 15.32 -18.80
CA LYS D 493 32.76 16.62 -19.46
C LYS D 493 32.78 17.60 -18.27
N PRO D 494 33.16 18.85 -18.50
CA PRO D 494 33.18 19.80 -17.37
C PRO D 494 31.91 20.08 -16.56
N PHE D 495 32.05 20.13 -15.23
CA PHE D 495 30.93 20.48 -14.37
C PHE D 495 30.99 21.98 -14.03
N MET D 496 32.09 22.64 -14.38
CA MET D 496 32.26 24.08 -14.12
C MET D 496 33.25 24.66 -15.14
N SER D 497 32.92 25.84 -15.69
CA SER D 497 33.74 26.49 -16.71
C SER D 497 34.50 27.64 -16.02
N LEU D 498 35.79 27.79 -16.34
CA LEU D 498 36.60 28.82 -15.71
C LEU D 498 37.78 29.25 -16.57
N GLY D 499 38.60 30.11 -16.00
CA GLY D 499 39.80 30.57 -16.69
C GLY D 499 40.71 31.25 -15.68
N ILE D 500 42.00 31.31 -15.98
CA ILE D 500 42.96 31.95 -15.11
C ILE D 500 42.64 33.46 -15.09
N SER D 501 42.76 34.08 -13.93
CA SER D 501 42.49 35.51 -13.82
C SER D 501 43.45 36.12 -12.81
N ILE D 502 43.31 37.41 -12.56
CA ILE D 502 44.15 38.14 -11.61
C ILE D 502 43.40 38.64 -10.37
N MET D 503 43.97 38.37 -9.19
CA MET D 503 43.40 38.83 -7.94
C MET D 503 44.31 39.90 -7.38
N ILE D 504 43.76 41.10 -7.18
CA ILE D 504 44.51 42.19 -6.58
C ILE D 504 43.85 42.65 -5.27
N LYS D 505 44.68 43.29 -4.47
CA LYS D 505 44.21 43.95 -3.28
C LYS D 505 43.55 45.21 -3.82
N LYS D 506 42.35 45.59 -3.37
CA LYS D 506 41.68 46.77 -3.94
C LYS D 506 42.59 47.99 -3.97
N PRO D 632 47.27 49.32 -8.78
CA PRO D 632 47.33 49.90 -10.14
C PRO D 632 47.62 48.85 -11.21
N ILE D 633 46.75 47.85 -11.32
CA ILE D 633 46.88 46.76 -12.29
C ILE D 633 45.52 46.48 -12.90
N GLU D 634 45.44 46.50 -14.23
CA GLU D 634 44.18 46.21 -14.90
C GLU D 634 44.22 44.95 -15.76
N SER D 635 45.41 44.40 -15.99
CA SER D 635 45.56 43.22 -16.84
C SER D 635 46.91 42.49 -16.67
N ALA D 636 47.07 41.38 -17.40
CA ALA D 636 48.29 40.58 -17.36
C ALA D 636 49.39 41.37 -18.05
N GLU D 637 49.04 42.11 -19.11
CA GLU D 637 50.02 42.93 -19.80
C GLU D 637 50.61 43.92 -18.78
N ASP D 638 49.75 44.51 -17.95
CA ASP D 638 50.19 45.44 -16.91
C ASP D 638 51.20 44.79 -15.95
N LEU D 639 50.92 43.57 -15.51
CA LEU D 639 51.83 42.86 -14.60
C LEU D 639 53.21 42.63 -15.20
N SER D 640 53.22 42.17 -16.45
CA SER D 640 54.45 41.90 -17.18
C SER D 640 55.31 43.15 -17.40
N LYS D 641 54.67 44.28 -17.71
CA LYS D 641 55.36 45.53 -17.98
C LYS D 641 55.91 46.28 -16.76
N GLN D 642 55.96 45.62 -15.59
CA GLN D 642 56.44 46.30 -14.39
C GLN D 642 57.06 45.34 -13.36
N THR D 643 57.70 45.92 -12.35
CA THR D 643 58.35 45.11 -11.34
C THR D 643 57.99 45.41 -9.90
N GLU D 644 57.38 46.56 -9.61
CA GLU D 644 57.04 46.94 -8.22
C GLU D 644 56.15 45.92 -7.54
N ILE D 645 55.11 45.51 -8.25
CA ILE D 645 54.14 44.54 -7.75
C ILE D 645 54.55 43.14 -8.16
N ALA D 646 54.79 42.30 -7.15
CA ALA D 646 55.15 40.90 -7.39
C ALA D 646 53.84 40.12 -7.69
N TYR D 647 53.98 38.97 -8.34
CA TYR D 647 52.83 38.14 -8.68
C TYR D 647 53.25 36.68 -8.87
N GLY D 648 52.40 35.77 -8.41
CA GLY D 648 52.68 34.34 -8.50
C GLY D 648 51.43 33.48 -8.64
N THR D 649 51.64 32.16 -8.66
CA THR D 649 50.56 31.21 -8.83
C THR D 649 50.62 30.13 -7.76
N LEU D 650 49.67 29.19 -7.78
CA LEU D 650 49.67 28.06 -6.85
C LEU D 650 50.82 27.17 -7.32
N ASP D 651 51.70 26.87 -6.38
CA ASP D 651 52.90 26.07 -6.60
C ASP D 651 52.76 24.87 -7.54
N SER D 652 51.80 23.99 -7.26
CA SER D 652 51.59 22.81 -8.09
C SER D 652 50.18 22.90 -8.62
N GLY D 653 50.03 22.98 -9.93
CA GLY D 653 48.70 23.08 -10.49
C GLY D 653 48.69 23.47 -11.95
N SER D 654 47.49 23.57 -12.49
CA SER D 654 47.30 23.91 -13.89
C SER D 654 47.65 25.35 -14.25
N THR D 655 47.49 26.28 -13.32
CA THR D 655 47.82 27.68 -13.60
C THR D 655 49.34 27.82 -13.82
N LYS D 656 50.11 27.23 -12.89
CA LYS D 656 51.57 27.20 -12.92
C LYS D 656 52.10 26.65 -14.25
N GLU D 657 51.48 25.57 -14.74
CA GLU D 657 51.85 24.95 -16.01
C GLU D 657 51.46 25.82 -17.19
N PHE D 658 50.34 26.54 -17.07
CA PHE D 658 49.91 27.40 -18.17
C PHE D 658 51.00 28.39 -18.53
N PHE D 659 51.63 28.98 -17.52
CA PHE D 659 52.72 29.93 -17.72
C PHE D 659 54.00 29.22 -18.14
N ARG D 660 54.30 28.08 -17.52
CA ARG D 660 55.51 27.33 -17.86
C ARG D 660 55.58 26.90 -19.34
N ARG D 661 54.42 26.67 -19.96
CA ARG D 661 54.35 26.23 -21.36
C ARG D 661 53.85 27.27 -22.38
N SER D 662 53.53 28.48 -21.94
CA SER D 662 53.01 29.52 -22.83
C SER D 662 53.96 30.08 -23.91
N LYS D 663 53.46 30.10 -25.14
CA LYS D 663 54.20 30.62 -26.28
C LYS D 663 53.86 32.08 -26.53
N ILE D 664 52.79 32.54 -25.89
CA ILE D 664 52.34 33.93 -25.99
C ILE D 664 53.37 34.81 -25.26
N ALA D 665 53.77 35.90 -25.92
CA ALA D 665 54.77 36.82 -25.39
C ALA D 665 54.58 37.37 -23.98
N VAL D 666 53.37 37.86 -23.69
CA VAL D 666 53.06 38.41 -22.38
C VAL D 666 53.17 37.37 -21.28
N PHE D 667 52.68 36.16 -21.54
CA PHE D 667 52.72 35.10 -20.54
C PHE D 667 54.12 34.50 -20.38
N ASP D 668 54.90 34.48 -21.45
CA ASP D 668 56.27 33.96 -21.39
C ASP D 668 57.10 34.89 -20.52
N LYS D 669 56.87 36.19 -20.69
CA LYS D 669 57.56 37.24 -19.93
C LYS D 669 57.19 37.10 -18.45
N MET D 670 55.89 36.90 -18.18
CA MET D 670 55.43 36.73 -16.81
C MET D 670 56.03 35.49 -16.15
N TRP D 671 56.12 34.39 -16.91
CA TRP D 671 56.70 33.14 -16.44
C TRP D 671 58.19 33.28 -16.13
N THR D 672 58.90 33.93 -17.05
CA THR D 672 60.35 34.16 -16.90
C THR D 672 60.63 34.88 -15.58
N TYR D 673 59.86 35.93 -15.31
CA TYR D 673 60.01 36.65 -14.05
C TYR D 673 59.65 35.73 -12.87
N MET D 674 58.46 35.12 -12.92
CA MET D 674 58.00 34.26 -11.83
C MET D 674 58.92 33.12 -11.46
N ARG D 675 59.48 32.44 -12.44
CA ARG D 675 60.35 31.32 -12.13
C ARG D 675 61.67 31.74 -11.50
N SER D 676 62.16 32.94 -11.85
CA SER D 676 63.42 33.42 -11.29
C SER D 676 63.27 34.35 -10.08
N ALA D 677 62.05 34.76 -9.76
CA ALA D 677 61.79 35.66 -8.63
C ALA D 677 62.18 35.09 -7.27
N GLU D 678 62.78 35.93 -6.44
CA GLU D 678 63.19 35.53 -5.10
C GLU D 678 62.88 36.67 -4.13
N PRO D 679 62.24 36.36 -2.98
CA PRO D 679 61.82 35.01 -2.59
C PRO D 679 60.73 34.51 -3.53
N SER D 680 60.37 33.24 -3.41
CA SER D 680 59.37 32.64 -4.27
C SER D 680 58.04 33.37 -4.29
N VAL D 681 57.47 33.41 -5.49
CA VAL D 681 56.18 34.04 -5.69
C VAL D 681 55.07 32.99 -5.72
N PHE D 682 55.45 31.69 -5.67
CA PHE D 682 54.47 30.60 -5.69
C PHE D 682 54.07 30.22 -4.25
N VAL D 683 52.83 29.79 -4.07
CA VAL D 683 52.32 29.43 -2.74
C VAL D 683 51.86 27.98 -2.68
N ARG D 684 51.85 27.40 -1.48
CA ARG D 684 51.43 26.01 -1.30
C ARG D 684 49.93 25.78 -1.49
N THR D 685 49.12 26.75 -1.06
CA THR D 685 47.65 26.64 -1.17
C THR D 685 47.04 27.95 -1.62
N THR D 686 45.81 27.88 -2.11
CA THR D 686 45.11 29.08 -2.56
C THR D 686 45.00 30.10 -1.41
N ALA D 687 44.62 29.61 -0.22
CA ALA D 687 44.47 30.46 0.97
C ALA D 687 45.74 31.23 1.25
N GLU D 688 46.88 30.57 1.07
CA GLU D 688 48.18 31.19 1.29
C GLU D 688 48.37 32.35 0.31
N GLY D 689 47.89 32.17 -0.92
CA GLY D 689 48.01 33.21 -1.93
C GLY D 689 47.13 34.39 -1.57
N VAL D 690 45.91 34.10 -1.11
CA VAL D 690 44.95 35.13 -0.73
C VAL D 690 45.44 35.96 0.45
N ALA D 691 46.05 35.33 1.45
CA ALA D 691 46.56 36.07 2.59
C ALA D 691 47.73 36.94 2.17
N ARG D 692 48.60 36.43 1.29
CA ARG D 692 49.74 37.19 0.82
C ARG D 692 49.26 38.45 0.12
N VAL D 693 48.19 38.31 -0.68
CA VAL D 693 47.60 39.47 -1.39
C VAL D 693 47.11 40.47 -0.32
N ARG D 694 46.30 39.98 0.61
CA ARG D 694 45.72 40.82 1.66
C ARG D 694 46.72 41.50 2.57
N LYS D 695 47.86 40.87 2.79
CA LYS D 695 48.85 41.42 3.70
C LYS D 695 49.96 42.22 3.05
N SER D 696 50.00 42.22 1.71
CA SER D 696 51.07 42.89 0.97
C SER D 696 50.90 44.35 0.55
N LYS D 697 49.82 44.97 1.01
CA LYS D 697 49.55 46.39 0.73
C LYS D 697 49.58 46.73 -0.75
N GLY D 698 49.07 45.82 -1.58
CA GLY D 698 49.02 46.03 -3.01
C GLY D 698 50.31 45.71 -3.74
N LYS D 699 51.27 45.12 -3.03
CA LYS D 699 52.58 44.77 -3.62
C LYS D 699 52.65 43.34 -4.13
N TYR D 700 51.56 42.59 -3.99
CA TYR D 700 51.48 41.21 -4.47
C TYR D 700 50.10 40.90 -5.09
N ALA D 701 50.11 40.51 -6.36
CA ALA D 701 48.91 40.15 -7.12
C ALA D 701 48.97 38.64 -7.25
N TYR D 702 47.81 38.01 -7.33
CA TYR D 702 47.75 36.55 -7.40
C TYR D 702 47.02 36.02 -8.64
N LEU D 703 47.66 35.08 -9.34
CA LEU D 703 47.11 34.47 -10.53
C LEU D 703 46.45 33.16 -10.11
N LEU D 704 45.13 33.09 -10.24
CA LEU D 704 44.34 31.92 -9.85
C LEU D 704 43.12 31.82 -10.76
N GLU D 705 42.42 30.69 -10.66
CA GLU D 705 41.27 30.47 -11.50
C GLU D 705 40.12 31.40 -11.08
N SER D 706 39.42 31.92 -12.08
CA SER D 706 38.31 32.86 -11.93
C SER D 706 37.30 32.43 -10.87
N THR D 707 37.01 31.14 -10.80
CA THR D 707 36.07 30.58 -9.82
C THR D 707 36.47 30.90 -8.38
N MET D 708 37.74 30.68 -8.03
CA MET D 708 38.23 30.95 -6.67
C MET D 708 38.30 32.45 -6.40
N ASN D 709 38.67 33.21 -7.43
CA ASN D 709 38.78 34.66 -7.36
C ASN D 709 37.42 35.28 -7.01
N GLU D 710 36.39 34.89 -7.75
CA GLU D 710 35.01 35.35 -7.56
C GLU D 710 34.47 34.94 -6.17
N TYR D 711 34.89 33.78 -5.70
CA TYR D 711 34.50 33.35 -4.36
C TYR D 711 35.12 34.27 -3.30
N ILE D 712 36.44 34.49 -3.39
CA ILE D 712 37.14 35.34 -2.41
C ILE D 712 36.67 36.81 -2.45
N GLU D 713 36.28 37.25 -3.64
CA GLU D 713 35.79 38.62 -3.84
C GLU D 713 34.50 38.84 -3.02
N GLN D 714 33.80 37.76 -2.68
CA GLN D 714 32.57 37.89 -1.89
C GLN D 714 32.77 37.58 -0.41
N ARG D 715 34.02 37.48 0.04
CA ARG D 715 34.29 37.16 1.46
C ARG D 715 34.93 38.31 2.20
N LYS D 716 34.55 38.48 3.46
CA LYS D 716 35.17 39.51 4.27
C LYS D 716 36.66 39.16 4.36
N PRO D 717 37.54 40.16 4.49
CA PRO D 717 37.27 41.60 4.60
C PRO D 717 36.95 42.40 3.33
N CYS D 718 36.43 41.73 2.29
CA CYS D 718 36.04 42.37 1.02
C CYS D 718 37.08 43.34 0.47
N ASP D 719 38.34 42.97 0.61
CA ASP D 719 39.45 43.81 0.18
C ASP D 719 40.15 43.34 -1.08
N THR D 720 39.64 42.29 -1.72
CA THR D 720 40.27 41.80 -2.94
C THR D 720 39.28 41.95 -4.07
N MET D 721 39.79 41.82 -5.26
CA MET D 721 38.99 42.02 -6.44
C MET D 721 39.59 41.29 -7.63
N LYS D 722 38.74 40.81 -8.53
CA LYS D 722 39.20 40.16 -9.74
C LYS D 722 39.32 41.23 -10.83
N VAL D 723 40.47 41.32 -11.50
CA VAL D 723 40.63 42.32 -12.58
C VAL D 723 40.97 41.74 -13.95
N GLY D 724 40.49 42.44 -14.97
CA GLY D 724 40.73 42.02 -16.34
C GLY D 724 39.94 40.80 -16.77
N GLY D 725 40.18 40.34 -17.99
CA GLY D 725 39.46 39.19 -18.49
C GLY D 725 40.15 37.90 -18.10
N ASN D 726 39.53 36.77 -18.44
CA ASN D 726 40.15 35.50 -18.15
C ASN D 726 41.27 35.29 -19.19
N LEU D 727 42.38 34.70 -18.75
CA LEU D 727 43.53 34.47 -19.61
C LEU D 727 43.33 33.30 -20.57
N ASP D 728 42.46 32.37 -20.18
CA ASP D 728 42.14 31.19 -20.98
C ASP D 728 40.73 30.70 -20.64
N SER D 729 40.36 29.57 -21.24
CA SER D 729 39.06 28.96 -21.00
C SER D 729 39.29 27.47 -20.83
N LYS D 730 38.72 26.91 -19.79
CA LYS D 730 38.89 25.50 -19.52
C LYS D 730 37.79 25.04 -18.56
N GLY D 731 37.90 23.79 -18.10
CA GLY D 731 36.88 23.27 -17.22
C GLY D 731 37.40 22.33 -16.17
N TYR D 732 36.58 22.11 -15.15
CA TYR D 732 36.90 21.19 -14.07
C TYR D 732 36.10 19.94 -14.40
N GLY D 733 36.70 18.77 -14.24
CA GLY D 733 35.96 17.55 -14.51
C GLY D 733 36.09 16.58 -13.37
N ILE D 734 35.11 15.68 -13.23
CA ILE D 734 35.15 14.62 -12.21
C ILE D 734 36.09 13.58 -12.82
N ALA D 735 37.14 13.21 -12.06
CA ALA D 735 38.13 12.27 -12.57
C ALA D 735 38.04 10.86 -11.99
N THR D 736 38.38 9.89 -12.83
CA THR D 736 38.39 8.49 -12.42
C THR D 736 39.64 7.84 -13.01
N PRO D 737 40.04 6.66 -12.49
CA PRO D 737 41.23 6.02 -13.05
C PRO D 737 40.92 5.56 -14.48
N LYS D 738 41.96 5.54 -15.31
CA LYS D 738 41.84 5.12 -16.70
C LYS D 738 41.15 3.75 -16.77
N GLY D 739 40.12 3.66 -17.60
CA GLY D 739 39.38 2.42 -17.76
C GLY D 739 38.53 2.05 -16.55
N SER D 740 38.12 3.03 -15.75
CA SER D 740 37.29 2.76 -14.58
C SER D 740 35.87 2.38 -15.02
N SER D 741 35.19 1.64 -14.16
CA SER D 741 33.82 1.19 -14.40
C SER D 741 32.84 2.35 -14.26
N LEU D 742 33.16 3.26 -13.33
CA LEU D 742 32.33 4.43 -13.02
C LEU D 742 32.31 5.53 -14.05
N GLY D 743 33.34 5.62 -14.87
CA GLY D 743 33.44 6.69 -15.86
C GLY D 743 32.22 7.10 -16.66
N ASN D 744 31.62 6.15 -17.37
CA ASN D 744 30.49 6.43 -18.22
C ASN D 744 29.30 7.02 -17.46
N PRO D 745 28.94 6.36 -16.36
CA PRO D 745 27.81 6.81 -15.57
C PRO D 745 28.03 8.17 -14.94
N VAL D 746 29.23 8.45 -14.42
CA VAL D 746 29.46 9.75 -13.80
C VAL D 746 29.44 10.87 -14.84
N ASN D 747 29.88 10.57 -16.07
CA ASN D 747 29.85 11.59 -17.12
C ASN D 747 28.39 11.93 -17.44
N LEU D 748 27.55 10.91 -17.52
CA LEU D 748 26.13 11.13 -17.81
C LEU D 748 25.46 11.88 -16.68
N ALA D 749 25.86 11.61 -15.45
CA ALA D 749 25.32 12.29 -14.27
C ALA D 749 25.67 13.79 -14.33
N VAL D 750 26.92 14.11 -14.64
CA VAL D 750 27.37 15.48 -14.75
C VAL D 750 26.54 16.22 -15.81
N LEU D 751 26.34 15.59 -16.97
CA LEU D 751 25.54 16.20 -18.04
C LEU D 751 24.07 16.40 -17.62
N LYS D 752 23.49 15.38 -17.00
CA LYS D 752 22.10 15.42 -16.52
C LYS D 752 21.94 16.54 -15.47
N LEU D 753 22.88 16.60 -14.53
CA LEU D 753 22.81 17.61 -13.47
C LEU D 753 23.05 19.04 -13.97
N ASN D 754 23.85 19.21 -15.02
CA ASN D 754 24.06 20.56 -15.57
C ASN D 754 22.78 20.98 -16.30
N GLU D 755 22.25 20.08 -17.09
CA GLU D 755 21.03 20.38 -17.83
C GLU D 755 19.83 20.71 -16.94
N GLN D 756 19.76 20.10 -15.75
CA GLN D 756 18.63 20.37 -14.85
C GLN D 756 18.77 21.66 -14.06
N GLY D 757 19.90 22.33 -14.20
CA GLY D 757 20.13 23.57 -13.45
C GLY D 757 20.80 23.43 -12.09
N LEU D 758 21.11 22.20 -11.67
CA LEU D 758 21.76 22.00 -10.36
C LEU D 758 23.14 22.63 -10.20
N LEU D 759 23.99 22.51 -11.22
CA LEU D 759 25.32 23.06 -11.11
C LEU D 759 25.30 24.58 -10.92
N ASP D 760 24.42 25.27 -11.65
CA ASP D 760 24.28 26.73 -11.52
C ASP D 760 23.70 27.07 -10.13
N LYS D 761 22.75 26.26 -9.68
CA LYS D 761 22.12 26.43 -8.39
C LYS D 761 23.17 26.32 -7.28
N LEU D 762 24.04 25.33 -7.40
CA LEU D 762 25.11 25.09 -6.43
C LEU D 762 26.17 26.18 -6.41
N LYS D 763 26.49 26.75 -7.58
CA LYS D 763 27.47 27.83 -7.62
C LYS D 763 26.85 29.04 -6.93
N ASN D 764 25.56 29.31 -7.21
CA ASN D 764 24.86 30.42 -6.56
C ASN D 764 24.82 30.27 -5.06
N LYS D 765 24.59 29.06 -4.59
CA LYS D 765 24.52 28.75 -3.16
C LYS D 765 25.79 29.04 -2.39
N TRP D 766 26.92 28.57 -2.92
CA TRP D 766 28.22 28.69 -2.27
C TRP D 766 29.04 29.96 -2.57
N TRP D 767 28.69 30.66 -3.64
CA TRP D 767 29.42 31.87 -4.03
C TRP D 767 28.71 33.18 -3.65
N TYR D 768 27.47 33.28 -4.13
CA TYR D 768 26.68 34.52 -4.01
C TYR D 768 25.58 34.52 -2.92
N ASP D 769 24.81 33.45 -2.75
CA ASP D 769 23.76 33.40 -1.74
C ASP D 769 24.33 33.65 -0.35
N LYS D 770 25.49 33.08 -0.09
CA LYS D 770 26.18 33.24 1.19
C LYS D 770 27.24 34.36 1.15
N GLY D 771 27.15 35.27 0.18
CA GLY D 771 28.11 36.36 0.05
C GLY D 771 28.17 37.27 1.25
N GLU D 772 29.38 37.67 1.67
CA GLU D 772 29.57 38.54 2.85
C GLU D 772 29.86 40.01 2.50
N CYS D 773 29.89 40.34 1.21
CA CYS D 773 30.21 41.70 0.76
C CYS D 773 29.06 42.49 0.13
N GLU E . 24.48 24.08 -31.39
CA GLU E . 23.08 23.56 -31.47
C GLU E . 23.07 22.04 -31.60
O GLU E . 21.96 21.48 -31.74
CB GLU E . 22.35 24.19 -32.66
CG GLU E . 21.99 25.66 -32.46
CD GLU E . 20.84 25.85 -31.49
OE1 GLU E . 20.11 24.87 -31.19
OE2 GLU E . 20.65 26.99 -31.01
OXT GLU E . 24.16 21.44 -31.57
N GLU F . -18.29 46.30 -1.63
CA GLU F . -19.47 47.19 -1.71
C GLU F . -20.69 46.57 -1.05
O GLU F . -21.78 47.19 -1.10
CB GLU F . -19.78 47.51 -3.19
CG GLU F . -18.83 48.52 -3.82
CD GLU F . -19.09 49.94 -3.37
OE1 GLU F . -20.12 50.19 -2.71
OE2 GLU F . -18.27 50.84 -3.69
OXT GLU F . -20.54 45.47 -0.47
N GLU G . -1.27 41.68 20.42
CA GLU G . -0.48 40.47 20.80
C GLU G . -1.39 39.40 21.36
O GLU G . -0.85 38.35 21.78
CB GLU G . 0.58 40.85 21.84
CG GLU G . 1.74 41.64 21.27
CD GLU G . 2.68 40.80 20.42
OE1 GLU G . 2.62 39.55 20.52
OE2 GLU G . 3.49 41.39 19.67
OXT GLU G . -2.62 39.60 21.37
N GLU H . 43.26 23.36 -10.33
CA GLU H . 44.75 23.32 -10.40
C GLU H . 45.23 21.92 -10.75
O GLU H . 46.47 21.72 -10.78
CB GLU H . 45.35 23.79 -9.07
CG GLU H . 45.29 25.29 -8.86
CD GLU H . 46.31 26.06 -9.69
OE1 GLU H . 47.20 25.41 -10.30
OE2 GLU H . 46.24 27.30 -9.73
OXT GLU H . 44.38 21.04 -10.99
#